data_7ACT
#
_entry.id   7ACT
#
_cell.length_a   1.0
_cell.length_b   1.0
_cell.length_c   1.0
_cell.angle_alpha   90.00
_cell.angle_beta   90.00
_cell.angle_gamma   90.00
#
_symmetry.space_group_name_H-M   'P 1'
#
loop_
_entity.id
_entity.type
_entity.pdbx_description
1 polymer Nucleoprotein
2 polymer ssRNA
#
loop_
_entity_poly.entity_id
_entity_poly.type
_entity_poly.pdbx_seq_one_letter_code
_entity_poly.pdbx_strand_id
1 'polypeptide(L)'
;GAMGLPNNTASWFTALTQHGKEDLKFPRGQGVPINTNSSPDDQIGYYRRATRRIRGGDGKMKDLSPRWYFYYLGTGPEAG
LPYGANKDGIIWVATEGALNTPKDHIGTRNPANNAAIVLQLPQGTTLPKGFYAEGSRGGS
;
A
2 'polyribonucleotide' UCUCUAAACG B
#
loop_
_chem_comp.id
_chem_comp.type
_chem_comp.name
_chem_comp.formula
A RNA linking ADENOSINE-5'-MONOPHOSPHATE 'C10 H14 N5 O7 P'
C RNA linking CYTIDINE-5'-MONOPHOSPHATE 'C9 H14 N3 O8 P'
G RNA linking GUANOSINE-5'-MONOPHOSPHATE 'C10 H14 N5 O8 P'
U RNA linking URIDINE-5'-MONOPHOSPHATE 'C9 H13 N2 O9 P'
#
# COMPACT_ATOMS: atom_id res chain seq x y z
N GLY A 4 -9.68 -9.80 20.04
CA GLY A 4 -8.63 -9.43 19.05
C GLY A 4 -8.36 -7.98 19.27
N LEU A 5 -7.15 -7.50 19.02
CA LEU A 5 -6.93 -6.05 18.85
C LEU A 5 -7.79 -5.43 17.64
N PRO A 6 -7.89 -4.09 17.73
CA PRO A 6 -8.72 -3.38 16.71
C PRO A 6 -7.95 -3.23 15.39
N ASN A 7 -8.66 -2.87 14.34
CA ASN A 7 -8.09 -2.80 13.02
C ASN A 7 -7.09 -1.61 12.85
N ASN A 8 -5.82 -1.96 12.65
CA ASN A 8 -4.73 -1.00 12.72
C ASN A 8 -4.60 0.10 11.54
N THR A 9 -5.40 -0.13 10.54
CA THR A 9 -5.94 0.75 9.48
C THR A 9 -4.90 1.41 8.62
N ALA A 10 -3.74 1.74 9.11
CA ALA A 10 -2.59 2.35 8.44
C ALA A 10 -1.70 1.33 7.74
N SER A 11 -0.93 1.81 6.74
CA SER A 11 0.04 1.02 6.06
C SER A 11 1.29 0.90 6.87
N TRP A 12 1.86 -0.32 6.93
CA TRP A 12 3.20 -0.62 7.48
C TRP A 12 4.36 0.05 6.72
N PHE A 13 4.14 0.28 5.37
CA PHE A 13 5.18 0.68 4.44
C PHE A 13 5.17 2.16 4.13
N THR A 14 6.32 2.61 3.58
CA THR A 14 6.49 3.88 2.94
C THR A 14 5.55 4.08 1.77
N ALA A 15 5.07 5.33 1.73
CA ALA A 15 4.02 5.74 0.79
C ALA A 15 4.63 6.57 -0.33
N LEU A 16 4.16 6.46 -1.55
CA LEU A 16 4.74 7.10 -2.70
C LEU A 16 4.06 8.48 -2.86
N THR A 17 4.71 9.51 -3.46
CA THR A 17 4.10 10.85 -3.69
C THR A 17 4.00 11.15 -5.17
N GLN A 18 2.86 11.64 -5.65
CA GLN A 18 2.59 12.00 -7.05
C GLN A 18 3.37 13.28 -7.61
N HIS A 19 3.80 13.13 -8.86
CA HIS A 19 4.50 14.15 -9.58
C HIS A 19 3.56 14.53 -10.78
N GLY A 20 3.05 13.52 -11.48
CA GLY A 20 2.09 13.60 -12.63
C GLY A 20 0.65 13.56 -12.13
N LYS A 21 -0.23 12.81 -12.73
CA LYS A 21 -1.71 12.89 -12.59
C LYS A 21 -2.43 11.55 -12.71
N GLU A 22 -1.90 10.59 -13.46
CA GLU A 22 -2.35 9.18 -13.58
C GLU A 22 -1.99 8.27 -12.36
N ASP A 23 -3.06 7.61 -11.93
CA ASP A 23 -3.17 6.72 -10.76
C ASP A 23 -2.13 5.61 -10.90
N LEU A 24 -1.68 4.99 -9.80
CA LEU A 24 -0.53 4.03 -9.68
C LEU A 24 -0.92 2.67 -10.24
N LYS A 25 -1.34 2.61 -11.51
CA LYS A 25 -2.07 1.48 -12.18
C LYS A 25 -0.97 0.50 -12.73
N PHE A 26 -0.69 -0.64 -12.06
CA PHE A 26 0.18 -1.70 -12.52
C PHE A 26 -0.30 -2.51 -13.73
N PRO A 27 0.66 -3.08 -14.63
CA PRO A 27 0.29 -4.21 -15.49
C PRO A 27 -0.24 -5.36 -14.59
N ARG A 28 -1.07 -6.18 -15.19
CA ARG A 28 -1.29 -7.66 -14.84
C ARG A 28 -1.68 -8.13 -13.43
N GLY A 29 -1.70 -7.28 -12.46
CA GLY A 29 -1.82 -7.55 -11.00
C GLY A 29 -0.45 -7.77 -10.28
N GLN A 30 0.62 -7.52 -11.03
CA GLN A 30 1.98 -7.71 -10.56
C GLN A 30 2.44 -6.41 -9.84
N GLY A 31 2.53 -6.32 -8.50
CA GLY A 31 3.05 -5.17 -7.80
C GLY A 31 3.05 -5.33 -6.27
N VAL A 32 3.02 -6.58 -5.76
CA VAL A 32 3.15 -6.93 -4.37
C VAL A 32 4.58 -6.80 -3.76
N PRO A 33 4.82 -5.94 -2.75
CA PRO A 33 6.11 -5.51 -2.17
C PRO A 33 6.77 -6.71 -1.43
N ILE A 34 8.05 -6.59 -1.00
CA ILE A 34 8.77 -7.52 -0.16
C ILE A 34 8.93 -7.00 1.29
N ASN A 35 8.80 -7.88 2.26
CA ASN A 35 8.92 -7.65 3.65
C ASN A 35 9.33 -8.96 4.41
N THR A 36 10.52 -8.95 5.07
CA THR A 36 11.04 -10.12 5.70
C THR A 36 10.10 -10.67 6.72
N ASN A 37 9.48 -9.87 7.57
CA ASN A 37 8.56 -10.24 8.68
C ASN A 37 7.14 -10.58 8.15
N SER A 38 7.07 -11.27 7.05
CA SER A 38 5.80 -11.79 6.43
C SER A 38 6.02 -13.12 5.72
N SER A 39 5.01 -14.02 5.77
CA SER A 39 5.11 -15.35 5.18
C SER A 39 4.80 -15.40 3.65
N PRO A 40 5.08 -16.50 2.94
CA PRO A 40 4.69 -16.55 1.51
C PRO A 40 3.20 -16.48 1.26
N ASP A 41 2.33 -17.03 2.13
CA ASP A 41 0.84 -16.96 2.14
C ASP A 41 0.33 -15.48 2.19
N ASP A 42 1.07 -14.53 2.78
CA ASP A 42 0.72 -13.08 3.08
C ASP A 42 0.73 -12.15 1.81
N GLN A 43 1.27 -12.63 0.68
CA GLN A 43 1.75 -11.75 -0.32
C GLN A 43 0.61 -11.36 -1.33
N ILE A 44 -0.39 -10.63 -0.84
CA ILE A 44 -1.54 -10.31 -1.66
C ILE A 44 -2.11 -8.96 -1.03
N GLY A 45 -2.62 -8.05 -1.84
CA GLY A 45 -2.85 -6.72 -1.28
C GLY A 45 -3.44 -5.67 -2.30
N TYR A 46 -3.48 -4.38 -2.02
CA TYR A 46 -3.93 -3.32 -2.87
C TYR A 46 -3.28 -1.98 -2.56
N TYR A 47 -3.12 -1.22 -3.66
CA TYR A 47 -2.75 0.19 -3.64
C TYR A 47 -3.87 1.20 -3.67
N ARG A 48 -3.83 2.30 -2.93
CA ARG A 48 -4.88 3.27 -2.93
C ARG A 48 -4.32 4.72 -2.88
N ARG A 49 -5.16 5.66 -3.21
CA ARG A 49 -4.78 7.12 -3.12
C ARG A 49 -4.93 7.80 -1.78
N ALA A 50 -4.13 8.85 -1.60
CA ALA A 50 -4.37 9.69 -0.46
C ALA A 50 -4.13 11.16 -0.83
N THR A 51 -5.19 11.75 -1.30
CA THR A 51 -5.27 13.13 -1.84
C THR A 51 -5.05 14.17 -0.75
N ARG A 52 -5.37 13.89 0.55
CA ARG A 52 -5.25 14.86 1.69
C ARG A 52 -6.02 16.20 1.33
N ARG A 53 -7.32 16.10 1.00
CA ARG A 53 -8.19 17.03 0.26
C ARG A 53 -9.43 17.46 1.01
N ILE A 54 -9.70 16.77 2.12
CA ILE A 54 -10.67 17.02 3.30
C ILE A 54 -12.16 17.08 2.73
N ARG A 55 -13.08 16.26 3.25
CA ARG A 55 -14.57 16.29 3.02
C ARG A 55 -15.16 17.29 4.02
N GLY A 56 -14.49 17.53 5.18
CA GLY A 56 -14.79 18.58 6.18
C GLY A 56 -14.34 18.09 7.59
N GLY A 57 -13.55 18.84 8.32
CA GLY A 57 -13.13 18.44 9.68
C GLY A 57 -12.03 17.39 9.76
N ASP A 58 -11.13 17.59 10.70
CA ASP A 58 -10.18 16.56 11.23
C ASP A 58 -9.07 16.23 10.19
N GLY A 59 -8.36 17.27 9.73
CA GLY A 59 -7.28 17.16 8.79
C GLY A 59 -6.80 18.52 8.22
N LYS A 60 -5.56 18.72 7.74
CA LYS A 60 -5.09 20.05 7.38
C LYS A 60 -4.84 19.97 5.85
N MET A 61 -5.64 20.74 5.10
CA MET A 61 -5.15 21.19 3.77
C MET A 61 -3.71 21.74 3.93
N LYS A 62 -2.86 21.37 3.01
CA LYS A 62 -1.37 21.59 2.79
C LYS A 62 -0.92 21.88 1.29
N ASP A 63 -1.87 21.82 0.32
CA ASP A 63 -1.78 21.99 -1.16
C ASP A 63 -0.76 21.08 -1.91
N LEU A 64 -0.01 20.21 -1.33
CA LEU A 64 1.00 19.35 -2.09
C LEU A 64 0.29 18.41 -2.96
N SER A 65 1.05 17.75 -3.84
CA SER A 65 0.55 16.60 -4.55
C SER A 65 0.07 15.51 -3.59
N PRO A 66 -0.73 14.56 -4.16
CA PRO A 66 -1.19 13.42 -3.42
C PRO A 66 -0.13 12.41 -3.12
N ARG A 67 -0.45 11.45 -2.24
CA ARG A 67 0.36 10.26 -1.82
C ARG A 67 -0.40 9.01 -2.31
N TRP A 68 0.27 7.89 -2.33
CA TRP A 68 -0.21 6.47 -2.55
C TRP A 68 0.38 5.50 -1.54
N TYR A 69 -0.54 4.83 -0.83
CA TYR A 69 -0.24 3.80 0.17
C TYR A 69 -0.61 2.34 -0.33
N PHE A 70 0.11 1.27 0.06
CA PHE A 70 -0.24 -0.16 -0.07
C PHE A 70 -0.74 -0.71 1.27
N TYR A 71 -1.65 -1.69 1.16
CA TYR A 71 -2.10 -2.54 2.26
C TYR A 71 -2.14 -4.03 1.84
N TYR A 72 -1.83 -4.90 2.84
CA TYR A 72 -2.18 -6.31 2.82
C TYR A 72 -3.69 -6.65 2.70
N LEU A 73 -4.02 -7.90 2.19
CA LEU A 73 -5.44 -8.31 1.97
C LEU A 73 -6.22 -8.42 3.30
N GLY A 74 -7.44 -7.95 3.34
CA GLY A 74 -8.26 -7.85 4.53
C GLY A 74 -7.67 -6.95 5.67
N THR A 75 -6.96 -5.95 5.29
CA THR A 75 -6.25 -4.94 6.14
C THR A 75 -6.33 -3.53 5.55
N GLY A 76 -5.87 -2.47 6.31
CA GLY A 76 -5.96 -1.10 5.92
C GLY A 76 -7.41 -0.59 5.89
N PRO A 77 -7.74 0.56 5.24
CA PRO A 77 -9.06 1.25 5.32
C PRO A 77 -10.18 0.41 4.59
N GLU A 78 -9.86 -0.38 3.55
CA GLU A 78 -10.78 -1.17 2.79
C GLU A 78 -10.85 -2.61 3.33
N ALA A 79 -10.53 -2.82 4.60
CA ALA A 79 -10.28 -4.14 5.23
C ALA A 79 -11.42 -5.16 5.04
N GLY A 80 -12.71 -4.65 4.91
CA GLY A 80 -13.91 -5.45 4.68
C GLY A 80 -14.22 -5.89 3.23
N LEU A 81 -13.51 -5.37 2.22
CA LEU A 81 -13.51 -5.87 0.78
C LEU A 81 -12.76 -7.29 0.69
N PRO A 82 -13.36 -8.26 -0.07
CA PRO A 82 -12.57 -9.41 -0.58
C PRO A 82 -11.66 -9.05 -1.76
N TYR A 83 -10.84 -9.99 -2.18
CA TYR A 83 -9.89 -9.79 -3.24
C TYR A 83 -10.57 -9.36 -4.57
N GLY A 84 -10.00 -8.31 -5.22
CA GLY A 84 -10.39 -7.98 -6.57
C GLY A 84 -11.78 -7.14 -6.73
N ALA A 85 -12.34 -6.75 -5.60
CA ALA A 85 -13.57 -5.94 -5.51
C ALA A 85 -13.47 -4.64 -6.35
N ASN A 86 -14.63 -4.17 -6.81
CA ASN A 86 -14.89 -3.15 -7.79
C ASN A 86 -15.15 -1.79 -7.16
N LYS A 87 -14.13 -1.17 -6.55
CA LYS A 87 -14.17 0.14 -5.90
C LYS A 87 -13.08 1.14 -6.44
N ASP A 88 -13.55 2.32 -6.61
CA ASP A 88 -12.83 3.52 -7.21
C ASP A 88 -11.53 3.87 -6.43
N GLY A 89 -10.39 3.90 -7.21
CA GLY A 89 -9.11 4.30 -6.68
C GLY A 89 -8.35 3.17 -5.94
N ILE A 90 -8.98 1.98 -5.78
CA ILE A 90 -8.25 0.77 -5.44
C ILE A 90 -7.64 -0.04 -6.70
N ILE A 91 -6.35 -0.31 -6.54
CA ILE A 91 -5.63 -1.18 -7.42
C ILE A 91 -5.27 -2.48 -6.72
N TRP A 92 -5.92 -3.59 -7.10
CA TRP A 92 -5.62 -4.91 -6.49
C TRP A 92 -4.35 -5.58 -7.10
N VAL A 93 -3.52 -6.19 -6.24
CA VAL A 93 -2.30 -6.99 -6.61
C VAL A 93 -2.15 -8.29 -5.80
N ALA A 94 -1.60 -9.36 -6.41
CA ALA A 94 -1.40 -10.80 -5.91
C ALA A 94 -0.18 -11.45 -6.57
N THR A 95 0.37 -12.40 -5.85
CA THR A 95 1.43 -13.38 -6.23
C THR A 95 0.68 -14.70 -6.48
N GLU A 96 1.28 -15.55 -7.26
CA GLU A 96 0.87 -16.99 -7.38
C GLU A 96 0.73 -17.82 -6.04
N GLY A 97 1.57 -17.46 -5.04
CA GLY A 97 1.92 -18.22 -3.85
C GLY A 97 1.07 -17.85 -2.61
N ALA A 98 0.57 -16.59 -2.59
CA ALA A 98 -0.37 -16.04 -1.56
C ALA A 98 -1.71 -16.88 -1.49
N LEU A 99 -2.34 -16.78 -0.37
CA LEU A 99 -3.71 -17.28 -0.12
C LEU A 99 -4.70 -16.15 -0.04
N ASN A 100 -5.83 -16.27 -0.77
CA ASN A 100 -6.89 -15.26 -0.81
C ASN A 100 -7.70 -14.98 0.53
N THR A 101 -7.03 -15.28 1.68
CA THR A 101 -7.56 -15.03 3.03
C THR A 101 -7.25 -13.64 3.56
N PRO A 102 -8.09 -13.07 4.43
CA PRO A 102 -7.71 -11.82 5.08
C PRO A 102 -6.65 -11.95 6.14
N LYS A 103 -5.79 -10.95 6.35
CA LYS A 103 -4.61 -11.04 7.26
C LYS A 103 -4.96 -10.45 8.66
N ASP A 104 -5.43 -11.28 9.48
CA ASP A 104 -5.77 -11.02 10.94
C ASP A 104 -4.70 -10.39 11.82
N HIS A 105 -3.49 -11.00 12.01
CA HIS A 105 -2.40 -10.52 12.80
C HIS A 105 -1.90 -9.23 12.11
N ILE A 106 -1.34 -9.28 10.91
CA ILE A 106 -0.90 -8.10 10.12
C ILE A 106 -1.88 -6.93 10.04
N GLY A 107 -3.18 -7.13 10.16
CA GLY A 107 -4.22 -6.12 10.09
C GLY A 107 -4.67 -5.51 11.46
N THR A 108 -4.24 -6.12 12.61
CA THR A 108 -4.63 -5.77 13.97
C THR A 108 -3.43 -5.48 14.89
N ARG A 109 -2.21 -5.81 14.49
CA ARG A 109 -1.03 -5.48 15.26
C ARG A 109 -0.59 -3.96 15.22
N ASN A 110 0.46 -3.47 15.91
CA ASN A 110 0.80 -2.10 15.97
C ASN A 110 2.09 -1.59 15.23
N PRO A 111 1.98 -1.04 14.03
CA PRO A 111 3.09 -0.38 13.33
C PRO A 111 3.73 0.80 14.14
N ALA A 112 2.93 1.48 15.00
CA ALA A 112 3.44 2.66 15.69
C ALA A 112 4.65 2.35 16.62
N ASN A 113 4.86 1.05 16.88
CA ASN A 113 6.01 0.63 17.68
C ASN A 113 7.45 0.93 17.15
N ASN A 114 7.69 1.22 15.86
CA ASN A 114 9.04 1.43 15.29
C ASN A 114 8.97 2.46 14.10
N ALA A 115 10.19 2.67 13.47
CA ALA A 115 10.28 3.13 12.04
C ALA A 115 9.39 2.32 11.04
N ALA A 116 9.01 2.88 9.90
CA ALA A 116 8.35 2.17 8.78
C ALA A 116 9.26 1.38 7.82
N ILE A 117 8.58 0.44 7.13
CA ILE A 117 9.18 -0.45 6.14
C ILE A 117 9.30 0.28 4.79
N VAL A 118 10.47 0.22 4.16
CA VAL A 118 10.76 0.76 2.86
C VAL A 118 9.88 0.00 1.82
N LEU A 119 9.01 0.69 1.03
CA LEU A 119 8.31 0.10 -0.06
C LEU A 119 9.27 -0.25 -1.22
N GLN A 120 9.33 -1.54 -1.54
CA GLN A 120 10.29 -2.04 -2.52
C GLN A 120 9.71 -3.29 -3.20
N LEU A 121 9.82 -3.30 -4.51
CA LEU A 121 9.37 -4.43 -5.28
C LEU A 121 10.29 -5.66 -5.22
N PRO A 122 9.84 -6.84 -5.65
CA PRO A 122 10.82 -7.89 -5.93
C PRO A 122 11.85 -7.47 -7.00
N GLN A 123 13.05 -8.01 -6.76
CA GLN A 123 14.36 -7.74 -7.43
C GLN A 123 14.79 -6.25 -7.33
N GLY A 124 14.13 -5.43 -6.54
CA GLY A 124 14.28 -4.00 -6.56
C GLY A 124 13.76 -3.28 -7.83
N THR A 125 12.76 -3.90 -8.39
CA THR A 125 12.10 -3.45 -9.65
C THR A 125 11.65 -2.04 -9.56
N THR A 126 12.05 -1.20 -10.47
CA THR A 126 11.94 0.30 -10.34
C THR A 126 10.44 0.60 -10.43
N LEU A 127 9.94 1.33 -9.41
CA LEU A 127 8.50 1.74 -9.23
C LEU A 127 8.23 2.84 -10.31
N PRO A 128 6.93 3.07 -10.72
CA PRO A 128 6.42 4.07 -11.75
C PRO A 128 7.00 5.50 -11.68
N LYS A 129 7.55 5.94 -12.83
CA LYS A 129 8.31 7.21 -13.08
C LYS A 129 7.40 8.40 -12.68
N GLY A 130 6.08 8.27 -12.69
CA GLY A 130 5.12 9.32 -12.21
C GLY A 130 5.34 9.80 -10.69
N PHE A 131 6.13 9.05 -9.86
CA PHE A 131 6.05 8.99 -8.38
C PHE A 131 7.43 9.00 -7.70
N TYR A 132 7.52 9.48 -6.48
CA TYR A 132 8.75 9.49 -5.69
C TYR A 132 8.75 8.28 -4.72
N ALA A 133 9.78 7.41 -4.74
CA ALA A 133 10.08 6.39 -3.79
C ALA A 133 11.46 6.58 -3.05
N GLU A 134 11.59 5.84 -1.94
CA GLU A 134 12.81 5.72 -1.09
C GLU A 134 14.07 5.11 -1.78
N GLY A 135 13.87 4.31 -2.83
CA GLY A 135 14.97 3.86 -3.67
C GLY A 135 15.27 4.80 -4.86
N SER A 136 16.29 4.41 -5.64
CA SER A 136 16.73 5.17 -6.86
C SER A 136 17.01 6.62 -6.44
N ARG A 137 17.81 6.85 -5.44
CA ARG A 137 18.31 8.16 -5.00
C ARG A 137 19.71 8.48 -5.60
N GLY A 138 20.11 9.81 -5.65
CA GLY A 138 21.40 10.30 -6.09
C GLY A 138 21.60 10.24 -7.64
N GLY A 139 22.72 10.67 -8.24
CA GLY A 139 22.92 11.05 -9.65
C GLY A 139 24.37 10.83 -10.09
N SER A 140 24.70 11.11 -11.38
CA SER A 140 23.71 11.38 -12.45
C SER A 140 23.33 10.11 -13.18
N GLY A 4 -13.05 -9.37 18.75
CA GLY A 4 -11.57 -9.35 18.48
C GLY A 4 -11.04 -7.95 18.60
N LEU A 5 -9.84 -7.71 17.97
CA LEU A 5 -9.08 -6.46 18.02
C LEU A 5 -9.49 -5.49 16.95
N PRO A 6 -9.55 -4.17 17.14
CA PRO A 6 -9.74 -3.14 16.11
C PRO A 6 -8.77 -3.09 14.95
N ASN A 7 -9.23 -2.54 13.81
CA ASN A 7 -8.50 -2.44 12.60
C ASN A 7 -7.39 -1.41 12.68
N ASN A 8 -6.15 -1.77 12.66
CA ASN A 8 -4.99 -0.82 12.70
C ASN A 8 -5.09 0.42 11.73
N THR A 9 -5.75 0.19 10.56
CA THR A 9 -6.09 1.16 9.49
C THR A 9 -4.70 1.68 8.87
N ALA A 10 -3.66 1.88 9.63
CA ALA A 10 -2.41 2.49 9.20
C ALA A 10 -1.51 1.53 8.36
N SER A 11 -0.65 2.09 7.45
CA SER A 11 0.28 1.27 6.67
C SER A 11 1.70 1.13 7.20
N TRP A 12 2.27 -0.11 6.94
CA TRP A 12 3.53 -0.52 7.40
C TRP A 12 4.76 -0.07 6.56
N PHE A 13 4.38 0.41 5.33
CA PHE A 13 5.25 0.86 4.30
C PHE A 13 5.29 2.34 4.04
N THR A 14 6.36 2.78 3.44
CA THR A 14 6.50 4.10 2.89
C THR A 14 5.58 4.43 1.77
N ALA A 15 4.81 5.54 1.88
CA ALA A 15 3.84 6.05 0.91
C ALA A 15 4.51 6.48 -0.39
N LEU A 16 3.80 6.49 -1.52
CA LEU A 16 4.18 6.99 -2.86
C LEU A 16 3.59 8.46 -3.04
N THR A 17 4.06 9.24 -4.03
CA THR A 17 3.58 10.59 -4.38
C THR A 17 3.37 10.71 -5.86
N GLN A 18 2.20 11.21 -6.28
CA GLN A 18 1.86 11.47 -7.71
C GLN A 18 2.70 12.56 -8.27
N HIS A 19 3.22 12.46 -9.49
CA HIS A 19 3.88 13.56 -10.22
C HIS A 19 3.22 13.77 -11.65
N GLY A 20 2.77 12.69 -12.25
CA GLY A 20 1.93 12.65 -13.51
C GLY A 20 0.42 12.99 -13.47
N LYS A 21 -0.45 12.19 -14.13
CA LYS A 21 -1.93 12.21 -13.99
C LYS A 21 -2.56 10.76 -13.83
N GLU A 22 -1.83 9.77 -14.31
CA GLU A 22 -2.32 8.39 -14.39
C GLU A 22 -2.10 7.54 -13.09
N ASP A 23 -2.98 6.61 -12.76
CA ASP A 23 -3.09 5.91 -11.55
C ASP A 23 -1.97 4.90 -11.40
N LEU A 24 -1.69 4.47 -10.16
CA LEU A 24 -0.59 3.46 -9.81
C LEU A 24 -0.99 2.01 -10.21
N LYS A 25 -1.04 1.80 -11.51
CA LYS A 25 -1.61 0.64 -12.15
C LYS A 25 -0.47 -0.39 -12.35
N PHE A 26 -0.86 -1.67 -12.51
CA PHE A 26 0.13 -2.75 -12.43
C PHE A 26 -0.31 -3.87 -13.36
N PRO A 27 0.53 -4.33 -14.28
CA PRO A 27 0.22 -5.32 -15.28
C PRO A 27 -0.29 -6.66 -14.69
N ARG A 28 -1.65 -6.90 -14.85
CA ARG A 28 -2.50 -7.89 -14.20
C ARG A 28 -2.19 -8.14 -12.69
N GLY A 29 -1.83 -7.07 -11.98
CA GLY A 29 -1.67 -7.05 -10.53
C GLY A 29 -0.33 -7.55 -9.96
N GLN A 30 0.66 -7.67 -10.86
CA GLN A 30 2.09 -7.89 -10.44
C GLN A 30 2.69 -6.62 -9.86
N GLY A 31 2.82 -6.48 -8.56
CA GLY A 31 3.13 -5.21 -7.94
C GLY A 31 3.55 -5.07 -6.46
N VAL A 32 3.58 -6.21 -5.78
CA VAL A 32 3.64 -6.23 -4.35
C VAL A 32 5.04 -5.93 -3.78
N PRO A 33 5.24 -5.24 -2.63
CA PRO A 33 6.57 -5.08 -2.04
C PRO A 33 7.06 -6.26 -1.17
N ILE A 34 8.39 -6.21 -0.95
CA ILE A 34 9.11 -7.26 -0.21
C ILE A 34 8.95 -7.10 1.25
N ASN A 35 8.87 -8.22 1.93
CA ASN A 35 8.89 -8.31 3.39
C ASN A 35 9.51 -9.60 3.92
N THR A 36 10.21 -9.43 5.06
CA THR A 36 10.76 -10.54 5.86
C THR A 36 9.67 -11.15 6.78
N ASN A 37 8.86 -10.25 7.27
CA ASN A 37 7.90 -10.30 8.43
C ASN A 37 6.49 -10.92 8.14
N SER A 38 6.42 -11.73 7.03
CA SER A 38 5.26 -12.58 6.64
C SER A 38 5.64 -13.69 5.64
N SER A 39 4.71 -14.64 5.44
CA SER A 39 4.93 -15.83 4.68
C SER A 39 4.47 -15.69 3.21
N PRO A 40 4.75 -16.60 2.27
CA PRO A 40 4.36 -16.45 0.87
C PRO A 40 2.93 -16.46 0.58
N ASP A 41 2.07 -17.06 1.43
CA ASP A 41 0.60 -17.03 1.38
C ASP A 41 0.16 -15.61 1.69
N ASP A 42 0.89 -14.81 2.39
CA ASP A 42 0.51 -13.46 2.77
C ASP A 42 0.66 -12.41 1.67
N GLN A 43 1.45 -12.72 0.62
CA GLN A 43 1.95 -11.66 -0.25
C GLN A 43 0.95 -11.29 -1.31
N ILE A 44 -0.10 -10.59 -0.93
CA ILE A 44 -1.27 -10.08 -1.64
C ILE A 44 -1.88 -8.88 -0.97
N GLY A 45 -2.36 -7.88 -1.77
CA GLY A 45 -2.74 -6.59 -1.25
C GLY A 45 -3.39 -5.58 -2.28
N TYR A 46 -3.56 -4.42 -1.71
CA TYR A 46 -3.89 -3.33 -2.57
C TYR A 46 -3.08 -2.04 -2.22
N TYR A 47 -2.93 -1.15 -3.20
CA TYR A 47 -2.55 0.15 -2.91
C TYR A 47 -3.87 0.99 -2.97
N ARG A 48 -4.00 1.98 -2.09
CA ARG A 48 -5.01 3.08 -2.13
C ARG A 48 -4.36 4.49 -2.14
N ARG A 49 -4.91 5.44 -2.86
CA ARG A 49 -4.64 6.86 -2.77
C ARG A 49 -4.85 7.55 -1.41
N ALA A 50 -4.35 8.78 -1.22
CA ALA A 50 -4.47 9.74 -0.14
C ALA A 50 -4.25 11.18 -0.62
N THR A 51 -5.02 12.15 -0.06
CA THR A 51 -4.96 13.56 -0.49
C THR A 51 -4.99 14.59 0.59
N ARG A 52 -5.35 14.23 1.86
CA ARG A 52 -5.37 15.23 3.00
C ARG A 52 -6.34 16.41 2.72
N ARG A 53 -7.54 16.10 2.15
CA ARG A 53 -8.43 17.04 1.45
C ARG A 53 -9.87 17.21 2.04
N ILE A 54 -10.13 16.54 3.13
CA ILE A 54 -11.02 16.84 4.23
C ILE A 54 -12.55 16.85 3.90
N ARG A 55 -13.19 15.68 4.10
CA ARG A 55 -14.60 15.59 4.21
C ARG A 55 -15.04 16.11 5.61
N GLY A 56 -16.11 16.93 5.58
CA GLY A 56 -16.56 17.67 6.74
C GLY A 56 -15.96 19.08 6.75
N GLY A 57 -15.65 19.49 7.93
CA GLY A 57 -15.09 20.78 8.17
C GLY A 57 -13.92 20.67 9.14
N ASP A 58 -13.28 21.85 9.29
CA ASP A 58 -12.23 22.23 10.25
C ASP A 58 -10.95 21.37 10.23
N GLY A 59 -10.40 21.16 9.02
CA GLY A 59 -9.05 20.63 8.80
C GLY A 59 -8.30 21.41 7.66
N LYS A 60 -7.02 21.72 7.90
CA LYS A 60 -6.10 22.40 6.98
C LYS A 60 -5.76 21.50 5.76
N MET A 61 -5.89 21.94 4.56
CA MET A 61 -5.34 21.25 3.32
C MET A 61 -3.91 21.73 3.09
N LYS A 62 -3.20 20.99 2.30
CA LYS A 62 -1.89 21.42 1.82
C LYS A 62 -1.93 21.72 0.27
N ASP A 63 -2.93 21.22 -0.52
CA ASP A 63 -3.09 21.45 -1.98
C ASP A 63 -1.89 20.83 -2.79
N LEU A 64 -1.30 19.82 -2.24
CA LEU A 64 -0.18 19.08 -2.91
C LEU A 64 -0.77 18.08 -3.84
N SER A 65 0.18 17.54 -4.72
CA SER A 65 -0.25 16.41 -5.51
C SER A 65 -0.58 15.12 -4.74
N PRO A 66 -1.51 14.29 -5.15
CA PRO A 66 -2.01 13.10 -4.47
C PRO A 66 -0.86 12.21 -3.98
N ARG A 67 -1.15 11.39 -2.94
CA ARG A 67 -0.28 10.33 -2.45
C ARG A 67 -0.95 9.04 -2.69
N TRP A 68 -0.19 7.93 -2.44
CA TRP A 68 -0.62 6.53 -2.50
C TRP A 68 -0.02 5.64 -1.35
N TYR A 69 -0.71 4.63 -0.84
CA TYR A 69 -0.38 3.68 0.25
C TYR A 69 -0.63 2.19 -0.03
N PHE A 70 0.16 1.19 0.46
CA PHE A 70 -0.06 -0.29 0.37
C PHE A 70 -0.67 -0.79 1.69
N TYR A 71 -1.62 -1.74 1.58
CA TYR A 71 -2.24 -2.49 2.66
C TYR A 71 -2.48 -3.93 2.23
N TYR A 72 -1.91 -4.92 2.99
CA TYR A 72 -2.17 -6.36 2.83
C TYR A 72 -3.71 -6.63 2.67
N LEU A 73 -4.16 -7.70 1.97
CA LEU A 73 -5.57 -8.10 1.82
C LEU A 73 -6.29 -8.24 3.18
N GLY A 74 -7.49 -7.63 3.22
CA GLY A 74 -8.36 -7.55 4.41
C GLY A 74 -7.66 -6.84 5.54
N THR A 75 -6.98 -5.75 5.17
CA THR A 75 -6.29 -4.80 6.13
C THR A 75 -6.26 -3.38 5.60
N GLY A 76 -5.82 -2.42 6.40
CA GLY A 76 -6.02 -0.99 6.20
C GLY A 76 -7.49 -0.55 6.05
N PRO A 77 -7.76 0.65 5.48
CA PRO A 77 -9.09 1.35 5.51
C PRO A 77 -10.27 0.69 4.80
N GLU A 78 -9.94 -0.23 3.90
CA GLU A 78 -10.89 -0.98 3.14
C GLU A 78 -10.78 -2.54 3.45
N ALA A 79 -10.48 -2.95 4.68
CA ALA A 79 -10.31 -4.36 5.11
C ALA A 79 -11.59 -5.24 4.91
N GLY A 80 -12.76 -4.76 4.52
CA GLY A 80 -13.87 -5.56 4.11
C GLY A 80 -13.73 -6.16 2.73
N LEU A 81 -13.14 -5.51 1.77
CA LEU A 81 -13.05 -6.04 0.37
C LEU A 81 -12.13 -7.25 0.15
N PRO A 82 -12.63 -8.33 -0.43
CA PRO A 82 -11.75 -9.37 -1.07
C PRO A 82 -10.85 -8.83 -2.24
N TYR A 83 -9.93 -9.68 -2.73
CA TYR A 83 -9.03 -9.32 -3.84
C TYR A 83 -9.74 -9.15 -5.19
N GLY A 84 -9.32 -8.10 -5.93
CA GLY A 84 -9.97 -7.88 -7.20
C GLY A 84 -11.47 -7.36 -7.13
N ALA A 85 -11.93 -6.84 -5.99
CA ALA A 85 -13.25 -6.16 -5.91
C ALA A 85 -12.97 -4.72 -6.39
N ASN A 86 -12.95 -4.54 -7.71
CA ASN A 86 -12.47 -3.39 -8.43
C ASN A 86 -13.32 -2.12 -8.17
N LYS A 87 -12.61 -1.06 -7.78
CA LYS A 87 -13.13 0.22 -7.27
C LYS A 87 -12.21 1.36 -7.65
N ASP A 88 -12.73 2.56 -7.65
CA ASP A 88 -11.99 3.78 -7.98
C ASP A 88 -11.03 4.07 -6.81
N GLY A 89 -9.74 4.39 -7.07
CA GLY A 89 -8.85 4.88 -6.01
C GLY A 89 -7.98 3.73 -5.28
N ILE A 90 -8.18 2.46 -5.67
CA ILE A 90 -7.74 1.21 -5.16
C ILE A 90 -7.19 0.47 -6.37
N ILE A 91 -6.09 -0.26 -6.14
CA ILE A 91 -5.43 -1.07 -7.12
C ILE A 91 -5.01 -2.43 -6.48
N TRP A 92 -5.64 -3.50 -6.97
CA TRP A 92 -5.39 -4.80 -6.45
C TRP A 92 -4.06 -5.37 -7.00
N VAL A 93 -3.14 -5.86 -6.11
CA VAL A 93 -1.85 -6.56 -6.44
C VAL A 93 -1.60 -7.89 -5.62
N ALA A 94 -1.00 -8.87 -6.33
CA ALA A 94 -0.77 -10.25 -5.83
C ALA A 94 0.48 -10.84 -6.35
N THR A 95 0.80 -12.04 -5.82
CA THR A 95 1.89 -12.97 -6.19
C THR A 95 1.32 -14.40 -6.45
N GLU A 96 2.02 -15.25 -7.22
CA GLU A 96 1.50 -16.56 -7.69
C GLU A 96 1.25 -17.58 -6.50
N GLY A 97 2.10 -17.55 -5.45
CA GLY A 97 1.95 -18.38 -4.26
C GLY A 97 0.82 -17.89 -3.24
N ALA A 98 0.42 -16.63 -3.26
CA ALA A 98 -0.50 -16.04 -2.30
C ALA A 98 -1.89 -16.70 -2.33
N LEU A 99 -2.62 -16.36 -1.24
CA LEU A 99 -3.99 -16.83 -0.85
C LEU A 99 -4.97 -15.65 -0.57
N ASN A 100 -6.27 -15.94 -0.89
CA ASN A 100 -7.41 -15.01 -0.85
C ASN A 100 -7.96 -14.71 0.65
N THR A 101 -7.38 -15.35 1.69
CA THR A 101 -7.69 -15.14 3.10
C THR A 101 -7.15 -13.77 3.60
N PRO A 102 -7.79 -13.13 4.56
CA PRO A 102 -7.43 -11.75 5.03
C PRO A 102 -6.37 -11.83 6.04
N LYS A 103 -5.39 -10.90 6.09
CA LYS A 103 -4.17 -11.02 6.87
C LYS A 103 -4.40 -10.35 8.23
N ASP A 104 -5.29 -10.88 9.02
CA ASP A 104 -5.91 -10.14 10.16
C ASP A 104 -4.92 -9.81 11.38
N HIS A 105 -3.94 -10.65 11.73
CA HIS A 105 -2.93 -10.34 12.69
C HIS A 105 -2.03 -9.06 12.18
N ILE A 106 -1.62 -9.00 10.91
CA ILE A 106 -0.98 -7.86 10.32
C ILE A 106 -1.86 -6.59 10.22
N GLY A 107 -3.18 -6.78 10.04
CA GLY A 107 -4.17 -5.73 10.13
C GLY A 107 -4.61 -5.32 11.50
N THR A 108 -4.13 -5.94 12.64
CA THR A 108 -4.59 -5.61 13.97
C THR A 108 -3.41 -5.30 14.98
N ARG A 109 -2.20 -5.83 14.84
CA ARG A 109 -0.99 -5.43 15.57
C ARG A 109 -0.80 -3.91 15.55
N ASN A 110 -0.12 -3.42 16.54
CA ASN A 110 0.14 -2.00 16.89
C ASN A 110 1.06 -1.27 15.84
N PRO A 111 0.56 -0.20 15.26
CA PRO A 111 1.37 0.54 14.23
C PRO A 111 2.77 1.02 14.62
N ALA A 112 2.98 1.41 15.85
CA ALA A 112 4.21 1.93 16.41
C ALA A 112 5.23 0.85 16.81
N ASN A 113 4.91 -0.39 16.60
CA ASN A 113 5.76 -1.59 16.96
C ASN A 113 6.94 -1.83 16.12
N ASN A 114 6.90 -1.17 14.99
CA ASN A 114 7.88 -1.28 13.89
C ASN A 114 8.09 0.11 13.09
N ALA A 115 9.32 0.37 12.62
CA ALA A 115 9.62 1.43 11.69
C ALA A 115 9.03 1.32 10.26
N ALA A 116 8.77 2.41 9.54
CA ALA A 116 8.19 2.36 8.17
C ALA A 116 9.07 1.72 7.13
N ILE A 117 8.71 0.59 6.53
CA ILE A 117 9.49 -0.21 5.55
C ILE A 117 9.61 0.60 4.22
N VAL A 118 10.83 0.91 3.77
CA VAL A 118 11.12 1.40 2.47
C VAL A 118 10.64 0.46 1.44
N LEU A 119 9.60 0.92 0.74
CA LEU A 119 8.81 0.15 -0.26
C LEU A 119 9.58 -0.30 -1.57
N GLN A 120 9.76 -1.62 -1.86
CA GLN A 120 10.54 -2.09 -2.99
C GLN A 120 9.99 -3.49 -3.42
N LEU A 121 9.96 -3.72 -4.71
CA LEU A 121 9.48 -4.98 -5.31
C LEU A 121 10.57 -6.00 -5.64
N PRO A 122 10.34 -7.29 -5.42
CA PRO A 122 11.25 -8.36 -5.88
C PRO A 122 11.88 -8.14 -7.26
N GLN A 123 12.85 -8.95 -7.63
CA GLN A 123 13.58 -8.97 -8.93
C GLN A 123 14.19 -7.61 -9.27
N GLY A 124 14.38 -6.70 -8.27
CA GLY A 124 14.74 -5.31 -8.54
C GLY A 124 13.68 -4.43 -9.27
N THR A 125 12.45 -4.98 -9.33
CA THR A 125 11.40 -4.44 -10.23
C THR A 125 11.03 -2.92 -9.88
N THR A 126 11.26 -2.02 -10.75
CA THR A 126 10.91 -0.52 -10.61
C THR A 126 9.44 -0.25 -10.66
N LEU A 127 9.03 0.74 -9.93
CA LEU A 127 7.66 1.21 -9.93
C LEU A 127 7.37 2.06 -11.13
N PRO A 128 6.10 2.20 -11.54
CA PRO A 128 5.65 3.08 -12.63
C PRO A 128 6.09 4.53 -12.41
N LYS A 129 6.85 5.08 -13.35
CA LYS A 129 7.56 6.38 -13.20
C LYS A 129 6.66 7.63 -12.94
N GLY A 130 5.38 7.61 -13.25
CA GLY A 130 4.34 8.54 -12.74
C GLY A 130 4.30 8.79 -11.22
N PHE A 131 4.74 7.91 -10.32
CA PHE A 131 4.89 8.10 -8.85
C PHE A 131 6.36 8.01 -8.32
N TYR A 132 6.78 9.06 -7.61
CA TYR A 132 7.99 9.08 -6.79
C TYR A 132 7.82 8.12 -5.62
N ALA A 133 8.73 7.21 -5.28
CA ALA A 133 8.67 6.25 -4.16
C ALA A 133 10.06 6.09 -3.46
N GLU A 134 10.03 5.96 -2.16
CA GLU A 134 11.22 5.99 -1.31
C GLU A 134 12.36 4.95 -1.64
N GLY A 135 13.58 5.28 -1.29
CA GLY A 135 14.74 4.39 -1.17
C GLY A 135 15.62 4.58 -2.41
N SER A 136 16.79 3.92 -2.41
CA SER A 136 17.77 3.96 -3.48
C SER A 136 18.30 5.31 -3.94
N ARG A 137 18.45 6.18 -2.97
CA ARG A 137 18.70 7.65 -2.98
C ARG A 137 20.12 8.00 -3.44
N GLY A 138 21.16 7.13 -3.41
CA GLY A 138 22.53 7.50 -3.56
C GLY A 138 23.15 7.96 -2.26
N GLY A 139 24.42 8.30 -2.24
CA GLY A 139 25.16 8.86 -1.13
C GLY A 139 25.44 7.87 0.02
N SER A 140 25.63 8.36 1.26
CA SER A 140 25.63 9.79 1.59
C SER A 140 26.77 10.66 1.00
N GLY A 4 -7.10 -11.67 20.56
CA GLY A 4 -5.83 -10.99 20.25
C GLY A 4 -6.16 -9.53 20.15
N LEU A 5 -5.53 -8.73 19.36
CA LEU A 5 -5.71 -7.26 19.38
C LEU A 5 -6.90 -6.73 18.47
N PRO A 6 -7.52 -5.58 18.72
CA PRO A 6 -8.52 -4.97 17.80
C PRO A 6 -7.73 -4.45 16.57
N ASN A 7 -8.58 -4.16 15.56
CA ASN A 7 -8.23 -3.69 14.23
C ASN A 7 -7.35 -2.42 14.24
N ASN A 8 -6.37 -2.33 13.33
CA ASN A 8 -5.40 -1.24 13.33
C ASN A 8 -5.65 0.01 12.39
N THR A 9 -6.22 -0.19 11.19
CA THR A 9 -6.50 0.78 10.06
C THR A 9 -5.28 1.52 9.40
N ALA A 10 -4.17 1.63 10.06
CA ALA A 10 -2.98 2.27 9.50
C ALA A 10 -2.11 1.31 8.55
N SER A 11 -1.36 1.83 7.56
CA SER A 11 -0.36 1.08 6.84
C SER A 11 0.93 0.93 7.63
N TRP A 12 1.64 -0.16 7.32
CA TRP A 12 3.03 -0.45 7.79
C TRP A 12 4.09 0.33 7.08
N PHE A 13 3.84 0.73 5.84
CA PHE A 13 4.87 1.32 4.98
C PHE A 13 4.65 2.82 4.80
N THR A 14 5.74 3.41 4.30
CA THR A 14 5.86 4.77 3.75
C THR A 14 5.08 4.91 2.48
N ALA A 15 4.72 6.16 2.07
CA ALA A 15 3.92 6.39 0.87
C ALA A 15 4.73 6.93 -0.35
N LEU A 16 4.24 6.48 -1.53
CA LEU A 16 4.70 7.00 -2.82
C LEU A 16 4.10 8.40 -3.07
N THR A 17 4.70 9.19 -4.04
CA THR A 17 4.24 10.52 -4.42
C THR A 17 3.94 10.53 -5.94
N GLN A 18 2.73 10.93 -6.38
CA GLN A 18 2.33 11.06 -7.77
C GLN A 18 3.08 12.28 -8.40
N HIS A 19 3.71 12.05 -9.56
CA HIS A 19 4.31 13.02 -10.48
C HIS A 19 3.70 12.87 -11.88
N GLY A 20 2.86 11.85 -12.17
CA GLY A 20 1.89 11.82 -13.28
C GLY A 20 0.48 12.27 -12.77
N LYS A 21 -0.54 11.58 -13.24
CA LYS A 21 -1.97 11.60 -12.79
C LYS A 21 -2.59 10.21 -13.00
N GLU A 22 -1.99 9.37 -13.83
CA GLU A 22 -2.43 8.00 -14.03
C GLU A 22 -2.23 7.28 -12.72
N ASP A 23 -3.23 6.53 -12.26
CA ASP A 23 -3.22 5.71 -11.03
C ASP A 23 -2.12 4.62 -11.08
N LEU A 24 -1.75 4.06 -9.90
CA LEU A 24 -0.63 3.10 -9.75
C LEU A 24 -1.10 1.67 -10.10
N LYS A 25 -1.34 1.54 -11.41
CA LYS A 25 -1.62 0.26 -12.15
C LYS A 25 -0.42 -0.70 -12.22
N PHE A 26 -0.72 -1.99 -12.25
CA PHE A 26 0.20 -3.09 -12.59
C PHE A 26 -0.38 -4.09 -13.62
N PRO A 27 0.39 -4.66 -14.62
CA PRO A 27 -0.10 -5.77 -15.46
C PRO A 27 -0.29 -6.96 -14.53
N ARG A 28 -1.46 -7.57 -14.61
CA ARG A 28 -1.91 -8.70 -13.84
C ARG A 28 -1.86 -8.52 -12.31
N GLY A 29 -1.84 -7.27 -11.88
CA GLY A 29 -1.59 -6.87 -10.46
C GLY A 29 -0.17 -7.19 -9.91
N GLN A 30 0.86 -7.25 -10.77
CA GLN A 30 2.31 -7.64 -10.49
C GLN A 30 3.05 -6.28 -9.95
N GLY A 31 2.91 -6.04 -8.67
CA GLY A 31 3.45 -4.93 -7.89
C GLY A 31 3.43 -4.87 -6.35
N VAL A 32 3.28 -6.08 -5.76
CA VAL A 32 3.29 -6.27 -4.29
C VAL A 32 4.73 -6.04 -3.70
N PRO A 33 4.93 -5.20 -2.71
CA PRO A 33 6.13 -4.94 -1.98
C PRO A 33 6.83 -6.22 -1.38
N ILE A 34 8.12 -6.13 -1.05
CA ILE A 34 8.78 -7.06 -0.11
C ILE A 34 8.64 -6.68 1.37
N ASN A 35 8.50 -7.66 2.20
CA ASN A 35 8.37 -7.57 3.64
C ASN A 35 8.77 -8.89 4.31
N THR A 36 9.92 -8.91 4.90
CA THR A 36 10.63 -10.14 5.36
C THR A 36 9.82 -10.99 6.39
N ASN A 37 9.04 -10.30 7.21
CA ASN A 37 8.30 -10.86 8.33
C ASN A 37 6.93 -11.52 8.03
N SER A 38 6.56 -11.57 6.76
CA SER A 38 5.33 -12.08 6.19
C SER A 38 5.61 -13.29 5.32
N SER A 39 4.66 -14.22 5.29
CA SER A 39 4.83 -15.43 4.52
C SER A 39 4.76 -15.25 2.92
N PRO A 40 5.35 -16.12 2.10
CA PRO A 40 4.96 -16.44 0.75
C PRO A 40 3.40 -16.46 0.52
N ASP A 41 2.57 -16.83 1.51
CA ASP A 41 1.07 -16.90 1.38
C ASP A 41 0.43 -15.53 1.55
N ASP A 42 1.10 -14.58 2.23
CA ASP A 42 0.54 -13.28 2.62
C ASP A 42 0.61 -12.22 1.53
N GLN A 43 1.41 -12.47 0.50
CA GLN A 43 1.85 -11.50 -0.52
C GLN A 43 0.75 -10.99 -1.50
N ILE A 44 -0.27 -10.37 -0.94
CA ILE A 44 -1.46 -10.00 -1.77
C ILE A 44 -2.11 -8.86 -1.02
N GLY A 45 -2.57 -7.84 -1.75
CA GLY A 45 -3.07 -6.62 -1.13
C GLY A 45 -3.42 -5.52 -2.10
N TYR A 46 -3.50 -4.33 -1.68
CA TYR A 46 -3.94 -3.26 -2.53
C TYR A 46 -3.27 -1.96 -2.14
N TYR A 47 -2.95 -1.03 -3.13
CA TYR A 47 -2.61 0.34 -2.80
C TYR A 47 -3.93 1.06 -2.70
N ARG A 48 -3.99 2.19 -2.07
CA ARG A 48 -5.09 3.24 -2.19
C ARG A 48 -4.47 4.58 -2.53
N ARG A 49 -5.21 5.50 -3.11
CA ARG A 49 -4.83 6.92 -3.32
C ARG A 49 -4.99 7.64 -2.01
N ALA A 50 -4.32 8.77 -1.87
CA ALA A 50 -4.39 9.66 -0.75
C ALA A 50 -4.24 11.09 -1.18
N THR A 51 -5.02 12.04 -0.68
CA THR A 51 -5.10 13.38 -1.20
C THR A 51 -5.05 14.54 -0.23
N ARG A 52 -5.27 14.30 1.04
CA ARG A 52 -5.13 15.34 2.17
C ARG A 52 -6.03 16.57 1.79
N ARG A 53 -7.35 16.37 1.63
CA ARG A 53 -8.30 17.26 0.91
C ARG A 53 -9.50 17.58 1.82
N ILE A 54 -9.54 16.89 2.98
CA ILE A 54 -10.48 17.15 4.11
C ILE A 54 -11.99 16.83 3.84
N ARG A 55 -12.68 16.21 4.79
CA ARG A 55 -14.14 16.05 4.89
C ARG A 55 -14.69 16.07 6.36
N GLY A 56 -13.72 16.22 7.34
CA GLY A 56 -13.97 16.49 8.79
C GLY A 56 -12.99 17.50 9.42
N GLY A 57 -12.67 17.38 10.69
CA GLY A 57 -11.48 18.00 11.39
C GLY A 57 -10.22 17.20 11.24
N ASP A 58 -9.48 16.94 12.34
CA ASP A 58 -8.32 16.02 12.60
C ASP A 58 -7.18 16.03 11.53
N GLY A 59 -7.08 17.13 10.80
CA GLY A 59 -6.08 17.27 9.70
C GLY A 59 -6.12 18.59 8.89
N LYS A 60 -5.07 18.87 8.09
CA LYS A 60 -4.78 20.16 7.36
C LYS A 60 -4.50 19.98 5.86
N MET A 61 -5.03 20.75 4.95
CA MET A 61 -4.62 20.76 3.49
C MET A 61 -3.19 21.33 3.32
N LYS A 62 -2.35 20.83 2.42
CA LYS A 62 -0.96 21.30 2.06
C LYS A 62 -0.73 21.73 0.57
N ASP A 63 -1.74 21.60 -0.33
CA ASP A 63 -1.69 22.02 -1.75
C ASP A 63 -0.85 21.17 -2.72
N LEU A 64 -0.05 20.24 -2.15
CA LEU A 64 0.82 19.22 -2.78
C LEU A 64 0.00 18.10 -3.50
N SER A 65 0.59 17.47 -4.52
CA SER A 65 -0.02 16.50 -5.36
C SER A 65 -0.37 15.22 -4.59
N PRO A 66 -1.17 14.30 -5.16
CA PRO A 66 -1.63 13.09 -4.50
C PRO A 66 -0.48 12.05 -4.17
N ARG A 67 -0.77 11.04 -3.26
CA ARG A 67 0.18 9.98 -2.84
C ARG A 67 -0.54 8.61 -2.96
N TRP A 68 0.30 7.54 -2.84
CA TRP A 68 -0.20 6.17 -2.82
C TRP A 68 0.35 5.36 -1.59
N TYR A 69 -0.58 4.78 -0.89
CA TYR A 69 -0.37 3.93 0.31
C TYR A 69 -0.66 2.45 0.00
N PHE A 70 0.11 1.54 0.62
CA PHE A 70 -0.10 0.11 0.50
C PHE A 70 -0.78 -0.58 1.74
N TYR A 71 -1.63 -1.59 1.52
CA TYR A 71 -2.34 -2.43 2.56
C TYR A 71 -2.37 -3.92 2.10
N TYR A 72 -2.40 -4.83 3.07
CA TYR A 72 -2.49 -6.22 2.77
C TYR A 72 -4.00 -6.73 2.69
N LEU A 73 -4.18 -7.89 2.05
CA LEU A 73 -5.52 -8.46 1.82
C LEU A 73 -6.24 -8.66 3.18
N GLY A 74 -7.35 -7.96 3.40
CA GLY A 74 -8.16 -8.09 4.66
C GLY A 74 -7.78 -7.14 5.76
N THR A 75 -7.04 -6.08 5.45
CA THR A 75 -6.42 -5.03 6.26
C THR A 75 -6.67 -3.65 5.72
N GLY A 76 -6.39 -2.68 6.56
CA GLY A 76 -6.37 -1.25 6.23
C GLY A 76 -7.76 -0.72 6.18
N PRO A 77 -8.00 0.48 5.63
CA PRO A 77 -9.23 1.21 5.64
C PRO A 77 -10.34 0.46 4.83
N GLU A 78 -9.99 -0.31 3.84
CA GLU A 78 -10.87 -1.16 3.03
C GLU A 78 -10.95 -2.63 3.49
N ALA A 79 -10.53 -2.97 4.77
CA ALA A 79 -10.33 -4.33 5.24
C ALA A 79 -11.55 -5.31 5.05
N GLY A 80 -12.70 -4.84 4.72
CA GLY A 80 -13.93 -5.57 4.45
C GLY A 80 -13.96 -6.31 3.12
N LEU A 81 -13.34 -5.80 2.06
CA LEU A 81 -13.34 -6.33 0.69
C LEU A 81 -12.50 -7.61 0.48
N PRO A 82 -12.97 -8.61 -0.37
CA PRO A 82 -12.20 -9.66 -0.97
C PRO A 82 -11.35 -9.23 -2.16
N TYR A 83 -10.38 -10.04 -2.54
CA TYR A 83 -9.48 -9.57 -3.61
C TYR A 83 -10.15 -9.33 -4.97
N GLY A 84 -9.65 -8.38 -5.83
CA GLY A 84 -10.41 -7.93 -6.99
C GLY A 84 -11.82 -7.27 -6.82
N ALA A 85 -12.28 -6.96 -5.62
CA ALA A 85 -13.48 -6.19 -5.40
C ALA A 85 -13.32 -4.69 -5.78
N ASN A 86 -14.36 -4.10 -6.45
CA ASN A 86 -14.25 -2.69 -6.87
C ASN A 86 -14.51 -1.66 -5.74
N LYS A 87 -13.79 -0.59 -5.76
CA LYS A 87 -14.04 0.72 -5.10
C LYS A 87 -13.15 1.81 -5.68
N ASP A 88 -13.60 3.02 -5.85
CA ASP A 88 -12.93 4.11 -6.54
C ASP A 88 -11.63 4.60 -5.88
N GLY A 89 -10.48 4.58 -6.55
CA GLY A 89 -9.10 4.78 -6.10
C GLY A 89 -8.27 3.67 -5.36
N ILE A 90 -8.77 2.45 -5.52
CA ILE A 90 -8.18 1.25 -5.00
C ILE A 90 -7.55 0.45 -6.14
N ILE A 91 -6.24 0.03 -5.97
CA ILE A 91 -5.60 -0.88 -6.94
C ILE A 91 -5.13 -2.22 -6.28
N TRP A 92 -5.67 -3.38 -6.77
CA TRP A 92 -5.27 -4.69 -6.30
C TRP A 92 -3.88 -5.01 -6.85
N VAL A 93 -3.00 -5.61 -6.03
CA VAL A 93 -1.85 -6.35 -6.49
C VAL A 93 -1.68 -7.72 -5.71
N ALA A 94 -1.17 -8.78 -6.33
CA ALA A 94 -0.90 -10.02 -5.77
C ALA A 94 0.33 -10.70 -6.36
N THR A 95 0.82 -11.80 -5.78
CA THR A 95 1.58 -12.85 -6.48
C THR A 95 0.74 -14.06 -6.86
N GLU A 96 1.33 -14.96 -7.69
CA GLU A 96 0.83 -16.36 -7.80
C GLU A 96 0.89 -17.13 -6.43
N GLY A 97 1.97 -17.05 -5.71
CA GLY A 97 2.13 -17.75 -4.40
C GLY A 97 1.13 -17.47 -3.32
N ALA A 98 0.68 -16.26 -3.31
CA ALA A 98 -0.22 -15.77 -2.24
C ALA A 98 -1.59 -16.49 -2.27
N LEU A 99 -2.23 -16.54 -1.11
CA LEU A 99 -3.49 -17.20 -0.76
C LEU A 99 -4.67 -16.21 -0.57
N ASN A 100 -5.90 -16.68 -0.96
CA ASN A 100 -7.11 -15.80 -0.95
C ASN A 100 -7.60 -15.33 0.45
N THR A 101 -6.87 -15.65 1.58
CA THR A 101 -7.28 -15.55 3.00
C THR A 101 -7.03 -14.19 3.50
N PRO A 102 -7.92 -13.67 4.36
CA PRO A 102 -7.73 -12.38 5.07
C PRO A 102 -6.46 -12.43 5.93
N LYS A 103 -5.48 -11.58 5.64
CA LYS A 103 -4.26 -11.33 6.46
C LYS A 103 -4.57 -10.61 7.83
N ASP A 104 -5.51 -11.20 8.60
CA ASP A 104 -6.02 -10.61 9.75
C ASP A 104 -5.02 -10.31 10.95
N HIS A 105 -3.90 -11.05 11.04
CA HIS A 105 -2.84 -10.70 11.98
C HIS A 105 -1.96 -9.47 11.61
N ILE A 106 -1.68 -9.28 10.34
CA ILE A 106 -1.17 -8.01 9.80
C ILE A 106 -2.21 -6.91 9.90
N GLY A 107 -3.47 -7.32 10.07
CA GLY A 107 -4.62 -6.41 10.18
C GLY A 107 -4.96 -5.91 11.63
N THR A 108 -4.32 -6.56 12.65
CA THR A 108 -4.52 -6.23 14.09
C THR A 108 -3.19 -6.04 14.81
N ARG A 109 -2.11 -6.76 14.45
CA ARG A 109 -0.77 -6.51 15.06
C ARG A 109 -0.23 -5.13 14.68
N ASN A 110 0.45 -4.39 15.57
CA ASN A 110 0.42 -2.89 15.55
C ASN A 110 1.40 -2.36 14.54
N PRO A 111 0.88 -1.71 13.48
CA PRO A 111 1.62 -1.28 12.35
C PRO A 111 2.50 -0.07 12.70
N ALA A 112 2.37 0.43 13.94
CA ALA A 112 3.18 1.52 14.46
C ALA A 112 4.08 1.15 15.64
N ASN A 113 4.31 -0.16 15.77
CA ASN A 113 5.20 -0.63 16.85
C ASN A 113 6.74 -0.30 16.56
N ASN A 114 7.17 -0.74 15.40
CA ASN A 114 8.41 -0.32 14.73
C ASN A 114 8.09 1.00 13.89
N ALA A 115 9.16 1.54 13.25
CA ALA A 115 9.16 2.63 12.26
C ALA A 115 8.44 2.08 10.97
N ALA A 116 8.02 2.98 10.08
CA ALA A 116 7.55 2.49 8.79
C ALA A 116 8.54 1.66 7.92
N ILE A 117 8.05 0.52 7.31
CA ILE A 117 8.76 -0.15 6.25
C ILE A 117 8.99 0.88 5.09
N VAL A 118 10.26 1.14 4.70
CA VAL A 118 10.61 1.93 3.54
C VAL A 118 10.33 1.16 2.25
N LEU A 119 9.24 1.48 1.57
CA LEU A 119 8.62 0.72 0.50
C LEU A 119 9.59 0.54 -0.68
N GLN A 120 10.08 -0.64 -0.81
CA GLN A 120 10.58 -1.14 -2.07
C GLN A 120 9.76 -2.39 -2.50
N LEU A 121 9.85 -2.69 -3.81
CA LEU A 121 9.47 -4.03 -4.47
C LEU A 121 10.55 -5.09 -4.17
N PRO A 122 10.17 -6.40 -4.37
CA PRO A 122 11.12 -7.47 -4.52
C PRO A 122 12.12 -7.33 -5.72
N GLN A 123 13.15 -8.11 -5.66
CA GLN A 123 14.33 -8.05 -6.56
C GLN A 123 14.79 -6.63 -6.88
N GLY A 124 14.79 -5.75 -5.86
CA GLY A 124 15.03 -4.28 -5.95
C GLY A 124 14.26 -3.50 -7.06
N THR A 125 13.10 -4.05 -7.61
CA THR A 125 12.48 -3.56 -8.85
C THR A 125 12.10 -2.09 -8.84
N THR A 126 12.50 -1.44 -9.91
CA THR A 126 12.23 -0.02 -10.06
C THR A 126 10.82 0.30 -10.46
N LEU A 127 10.06 0.99 -9.63
CA LEU A 127 8.59 1.29 -9.66
C LEU A 127 8.24 2.17 -10.93
N PRO A 128 7.00 2.12 -11.42
CA PRO A 128 6.59 2.87 -12.62
C PRO A 128 6.94 4.32 -12.67
N LYS A 129 7.17 4.89 -13.86
CA LYS A 129 7.85 6.20 -14.07
C LYS A 129 7.06 7.39 -13.66
N GLY A 130 5.72 7.29 -13.46
CA GLY A 130 4.89 8.35 -12.96
C GLY A 130 4.93 8.62 -11.42
N PHE A 131 5.69 7.89 -10.61
CA PHE A 131 5.72 8.10 -9.16
C PHE A 131 7.14 8.45 -8.66
N TYR A 132 7.21 9.42 -7.81
CA TYR A 132 8.43 9.64 -7.01
C TYR A 132 8.36 8.71 -5.78
N ALA A 133 9.57 8.38 -5.28
CA ALA A 133 9.75 7.41 -4.17
C ALA A 133 11.05 7.63 -3.43
N GLU A 134 11.00 7.18 -2.14
CA GLU A 134 12.16 6.87 -1.37
C GLU A 134 12.97 5.71 -1.98
N GLY A 135 14.31 5.84 -1.95
CA GLY A 135 15.31 4.91 -2.43
C GLY A 135 15.38 4.90 -3.95
N SER A 136 16.07 3.88 -4.49
CA SER A 136 16.60 3.86 -5.92
C SER A 136 17.30 5.17 -6.23
N ARG A 137 17.96 5.70 -5.21
CA ARG A 137 18.72 6.93 -5.17
C ARG A 137 20.13 6.73 -5.75
N GLY A 138 20.58 5.52 -6.02
CA GLY A 138 21.82 5.25 -6.78
C GLY A 138 22.97 5.01 -5.82
N GLY A 139 23.99 5.81 -5.87
CA GLY A 139 24.99 5.79 -4.80
C GLY A 139 25.89 4.57 -4.67
N SER A 140 26.41 4.27 -3.40
CA SER A 140 26.28 5.16 -2.14
C SER A 140 27.42 6.20 -2.18
N GLY A 4 -13.04 -11.22 16.78
CA GLY A 4 -11.54 -11.43 16.65
C GLY A 4 -10.86 -10.22 17.33
N LEU A 5 -9.49 -10.10 17.26
CA LEU A 5 -8.81 -8.99 17.89
C LEU A 5 -9.06 -7.61 17.29
N PRO A 6 -8.88 -6.47 18.03
CA PRO A 6 -9.02 -5.10 17.51
C PRO A 6 -8.10 -4.86 16.25
N ASN A 7 -8.70 -4.39 15.17
CA ASN A 7 -8.01 -3.92 13.94
C ASN A 7 -7.25 -2.60 14.06
N ASN A 8 -6.03 -2.63 13.54
CA ASN A 8 -5.01 -1.54 13.68
C ASN A 8 -5.15 -0.33 12.69
N THR A 9 -5.90 -0.47 11.58
CA THR A 9 -6.18 0.51 10.51
C THR A 9 -4.96 1.10 9.70
N ALA A 10 -3.85 1.52 10.37
CA ALA A 10 -2.62 2.16 9.78
C ALA A 10 -1.78 1.25 8.87
N SER A 11 -1.02 1.83 7.96
CA SER A 11 -0.03 1.14 7.11
C SER A 11 1.37 0.98 7.80
N TRP A 12 1.98 -0.17 7.62
CA TRP A 12 3.40 -0.49 8.03
C TRP A 12 4.46 0.05 7.07
N PHE A 13 4.06 0.55 5.87
CA PHE A 13 4.96 1.00 4.75
C PHE A 13 4.91 2.57 4.60
N THR A 14 6.02 3.09 3.98
CA THR A 14 6.24 4.50 3.59
C THR A 14 5.23 4.78 2.47
N ALA A 15 5.00 6.05 2.14
CA ALA A 15 4.02 6.48 1.10
C ALA A 15 4.79 7.07 -0.14
N LEU A 16 4.32 6.68 -1.35
CA LEU A 16 4.77 7.22 -2.69
C LEU A 16 4.18 8.58 -2.94
N THR A 17 4.71 9.37 -3.84
CA THR A 17 4.21 10.68 -4.34
C THR A 17 4.10 10.67 -5.85
N GLN A 18 3.02 11.27 -6.35
CA GLN A 18 2.67 11.43 -7.77
C GLN A 18 3.66 12.44 -8.41
N HIS A 19 4.05 12.15 -9.68
CA HIS A 19 4.66 13.12 -10.63
C HIS A 19 3.94 13.24 -12.02
N GLY A 20 3.39 12.17 -12.54
CA GLY A 20 2.48 12.12 -13.70
C GLY A 20 1.15 12.78 -13.47
N LYS A 21 0.09 12.09 -13.71
CA LYS A 21 -1.34 12.28 -13.31
C LYS A 21 -2.07 10.96 -13.27
N GLU A 22 -1.65 9.98 -14.08
CA GLU A 22 -2.35 8.68 -14.08
C GLU A 22 -2.16 7.89 -12.75
N ASP A 23 -3.10 7.15 -12.29
CA ASP A 23 -3.11 6.28 -11.07
C ASP A 23 -1.94 5.27 -11.05
N LEU A 24 -1.68 4.62 -9.92
CA LEU A 24 -0.71 3.45 -9.74
C LEU A 24 -1.20 2.13 -10.29
N LYS A 25 -1.37 2.10 -11.65
CA LYS A 25 -1.89 0.98 -12.43
C LYS A 25 -0.85 -0.13 -12.56
N PHE A 26 -1.26 -1.46 -12.47
CA PHE A 26 -0.30 -2.56 -12.68
C PHE A 26 -0.81 -3.58 -13.76
N PRO A 27 0.06 -4.34 -14.42
CA PRO A 27 -0.42 -5.38 -15.33
C PRO A 27 -0.83 -6.58 -14.47
N ARG A 28 -1.92 -7.24 -14.86
CA ARG A 28 -2.41 -8.47 -14.23
C ARG A 28 -2.37 -8.50 -12.65
N GLY A 29 -2.23 -7.41 -11.85
CA GLY A 29 -1.87 -7.28 -10.41
C GLY A 29 -0.42 -7.67 -10.02
N GLN A 30 0.52 -7.51 -10.94
CA GLN A 30 1.96 -7.72 -10.64
C GLN A 30 2.58 -6.44 -10.07
N GLY A 31 2.90 -6.39 -8.77
CA GLY A 31 3.30 -5.23 -8.05
C GLY A 31 3.23 -5.28 -6.45
N VAL A 32 3.02 -6.42 -5.77
CA VAL A 32 3.15 -6.55 -4.32
C VAL A 32 4.57 -6.10 -3.76
N PRO A 33 4.67 -5.15 -2.76
CA PRO A 33 5.92 -4.74 -2.23
C PRO A 33 6.48 -5.77 -1.20
N ILE A 34 7.80 -5.73 -1.13
CA ILE A 34 8.51 -6.67 -0.24
C ILE A 34 8.25 -6.31 1.25
N ASN A 35 8.18 -7.28 2.10
CA ASN A 35 8.32 -7.09 3.56
C ASN A 35 9.02 -8.30 4.18
N THR A 36 10.29 -8.26 4.70
CA THR A 36 10.96 -9.41 5.28
C THR A 36 10.28 -9.87 6.60
N ASN A 37 9.43 -9.09 7.23
CA ASN A 37 8.62 -9.39 8.39
C ASN A 37 7.20 -10.00 7.95
N SER A 38 7.03 -10.39 6.67
CA SER A 38 5.91 -11.23 6.23
C SER A 38 6.42 -12.52 5.58
N SER A 39 5.60 -13.53 5.43
CA SER A 39 5.90 -14.77 4.68
C SER A 39 5.29 -14.89 3.27
N PRO A 40 5.73 -15.79 2.35
CA PRO A 40 5.23 -15.79 0.97
C PRO A 40 3.70 -16.00 0.95
N ASP A 41 3.06 -16.66 1.97
CA ASP A 41 1.59 -16.79 2.13
C ASP A 41 0.83 -15.43 2.16
N ASP A 42 1.47 -14.43 2.66
CA ASP A 42 0.95 -13.07 2.93
C ASP A 42 0.86 -12.13 1.69
N GLN A 43 1.56 -12.46 0.57
CA GLN A 43 1.85 -11.63 -0.68
C GLN A 43 0.64 -11.39 -1.65
N ILE A 44 -0.38 -10.70 -1.06
CA ILE A 44 -1.65 -10.27 -1.70
C ILE A 44 -2.18 -9.02 -0.95
N GLY A 45 -2.69 -7.98 -1.61
CA GLY A 45 -3.17 -6.74 -0.99
C GLY A 45 -3.71 -5.73 -1.95
N TYR A 46 -3.63 -4.46 -1.58
CA TYR A 46 -4.12 -3.27 -2.33
C TYR A 46 -3.24 -2.00 -2.00
N TYR A 47 -2.96 -1.28 -3.03
CA TYR A 47 -2.55 0.10 -2.95
C TYR A 47 -3.77 1.00 -2.97
N ARG A 48 -3.67 2.20 -2.42
CA ARG A 48 -4.81 3.15 -2.42
C ARG A 48 -4.26 4.56 -2.56
N ARG A 49 -4.94 5.50 -3.17
CA ARG A 49 -4.46 6.89 -3.39
C ARG A 49 -4.75 7.92 -2.18
N ALA A 50 -4.43 9.18 -2.28
CA ALA A 50 -4.52 10.20 -1.19
C ALA A 50 -4.52 11.64 -1.80
N THR A 51 -5.36 12.55 -1.32
CA THR A 51 -5.75 13.85 -1.96
C THR A 51 -5.98 14.98 -0.95
N ARG A 52 -6.19 14.71 0.34
CA ARG A 52 -6.10 15.80 1.33
C ARG A 52 -6.92 17.09 0.84
N ARG A 53 -8.18 16.93 0.41
CA ARG A 53 -9.07 18.06 0.15
C ARG A 53 -10.15 18.22 1.25
N ILE A 54 -10.27 17.24 2.17
CA ILE A 54 -11.12 17.25 3.37
C ILE A 54 -12.62 17.14 2.99
N ARG A 55 -13.53 16.66 3.88
CA ARG A 55 -15.01 16.42 3.82
C ARG A 55 -15.75 17.21 4.98
N GLY A 56 -15.11 17.54 6.09
CA GLY A 56 -15.65 18.40 7.13
C GLY A 56 -14.80 18.20 8.38
N GLY A 57 -13.89 19.13 8.68
CA GLY A 57 -13.04 18.98 9.84
C GLY A 57 -12.00 17.89 9.51
N ASP A 58 -11.47 17.25 10.58
CA ASP A 58 -10.47 16.17 10.56
C ASP A 58 -9.16 16.42 9.79
N GLY A 59 -8.84 17.60 9.43
CA GLY A 59 -7.55 17.99 8.85
C GLY A 59 -7.40 19.40 8.32
N LYS A 60 -6.28 19.70 7.65
CA LYS A 60 -5.76 20.96 7.04
C LYS A 60 -5.18 20.73 5.64
N MET A 61 -5.10 21.70 4.73
CA MET A 61 -4.73 21.59 3.30
C MET A 61 -3.28 22.16 3.05
N LYS A 62 -2.64 21.83 1.91
CA LYS A 62 -1.32 22.35 1.56
C LYS A 62 -1.09 22.35 0.03
N ASP A 63 -2.02 21.78 -0.80
CA ASP A 63 -1.92 21.69 -2.26
C ASP A 63 -0.56 21.07 -2.75
N LEU A 64 -0.06 20.09 -2.03
CA LEU A 64 1.04 19.22 -2.43
C LEU A 64 0.56 18.16 -3.44
N SER A 65 1.51 17.44 -4.04
CA SER A 65 1.10 16.28 -4.87
C SER A 65 0.37 15.15 -4.10
N PRO A 66 -0.59 14.51 -4.80
CA PRO A 66 -1.16 13.22 -4.34
C PRO A 66 -0.07 12.24 -3.83
N ARG A 67 -0.55 11.30 -2.96
CA ARG A 67 0.17 10.09 -2.44
C ARG A 67 -0.50 8.76 -2.73
N TRP A 68 0.29 7.72 -2.65
CA TRP A 68 -0.24 6.37 -2.51
C TRP A 68 0.39 5.52 -1.38
N TYR A 69 -0.47 4.73 -0.65
CA TYR A 69 -0.16 3.99 0.56
C TYR A 69 -0.43 2.44 0.34
N PHE A 70 0.22 1.45 1.03
CA PHE A 70 -0.05 -0.06 0.89
C PHE A 70 -0.72 -0.70 2.15
N TYR A 71 -1.66 -1.62 1.85
CA TYR A 71 -2.28 -2.51 2.82
C TYR A 71 -2.48 -3.87 2.24
N TYR A 72 -2.45 -4.88 3.14
CA TYR A 72 -2.65 -6.28 2.78
C TYR A 72 -4.10 -6.68 2.79
N LEU A 73 -4.42 -7.75 2.01
CA LEU A 73 -5.77 -8.23 1.82
C LEU A 73 -6.52 -8.47 3.12
N GLY A 74 -7.71 -7.92 3.29
CA GLY A 74 -8.34 -7.94 4.60
C GLY A 74 -7.67 -7.12 5.70
N THR A 75 -6.95 -6.01 5.36
CA THR A 75 -6.32 -5.10 6.35
C THR A 75 -6.43 -3.63 5.84
N GLY A 76 -5.86 -2.68 6.62
CA GLY A 76 -5.87 -1.22 6.31
C GLY A 76 -7.32 -0.73 6.31
N PRO A 77 -7.63 0.35 5.58
CA PRO A 77 -8.95 1.00 5.65
C PRO A 77 -10.09 0.24 4.94
N GLU A 78 -9.87 -0.32 3.73
CA GLU A 78 -10.75 -1.16 2.86
C GLU A 78 -10.70 -2.64 3.31
N ALA A 79 -10.47 -2.92 4.57
CA ALA A 79 -10.30 -4.33 5.10
C ALA A 79 -11.57 -5.24 4.86
N GLY A 80 -12.73 -4.60 4.62
CA GLY A 80 -13.94 -5.34 4.31
C GLY A 80 -13.97 -5.92 2.90
N LEU A 81 -13.40 -5.27 1.89
CA LEU A 81 -13.50 -5.69 0.51
C LEU A 81 -12.80 -7.09 0.22
N PRO A 82 -13.43 -7.96 -0.60
CA PRO A 82 -12.69 -8.95 -1.32
C PRO A 82 -11.65 -8.37 -2.31
N TYR A 83 -10.80 -9.34 -2.73
CA TYR A 83 -9.86 -9.12 -3.80
C TYR A 83 -10.44 -8.87 -5.18
N GLY A 84 -10.11 -7.76 -5.77
CA GLY A 84 -10.68 -7.33 -7.09
C GLY A 84 -12.07 -6.62 -6.90
N ALA A 85 -12.38 -6.12 -5.69
CA ALA A 85 -13.60 -5.31 -5.51
C ALA A 85 -13.37 -3.97 -6.18
N ASN A 86 -14.43 -3.55 -6.92
CA ASN A 86 -14.37 -2.51 -7.95
C ASN A 86 -14.31 -1.06 -7.46
N LYS A 87 -14.07 -0.78 -6.18
CA LYS A 87 -14.24 0.56 -5.52
C LYS A 87 -13.16 1.54 -5.95
N ASP A 88 -13.56 2.71 -6.45
CA ASP A 88 -12.72 3.79 -7.01
C ASP A 88 -11.63 4.15 -5.97
N GLY A 89 -10.37 4.38 -6.36
CA GLY A 89 -9.28 4.82 -5.42
C GLY A 89 -8.34 3.76 -4.89
N ILE A 90 -8.70 2.49 -5.12
CA ILE A 90 -8.04 1.20 -4.72
C ILE A 90 -7.41 0.45 -6.01
N ILE A 91 -6.19 -0.04 -5.87
CA ILE A 91 -5.56 -0.90 -6.88
C ILE A 91 -5.20 -2.25 -6.25
N TRP A 92 -5.72 -3.37 -6.87
CA TRP A 92 -5.54 -4.77 -6.40
C TRP A 92 -4.21 -5.40 -7.01
N VAL A 93 -3.46 -6.08 -6.13
CA VAL A 93 -2.14 -6.75 -6.51
C VAL A 93 -1.97 -8.16 -5.78
N ALA A 94 -1.43 -9.13 -6.48
CA ALA A 94 -1.23 -10.49 -5.93
C ALA A 94 0.03 -11.23 -6.35
N THR A 95 0.23 -12.37 -5.66
CA THR A 95 1.09 -13.45 -6.17
C THR A 95 0.49 -14.81 -6.11
N GLU A 96 0.97 -15.78 -6.95
CA GLU A 96 0.41 -17.12 -7.06
C GLU A 96 0.68 -18.06 -5.87
N GLY A 97 1.79 -17.85 -5.13
CA GLY A 97 2.15 -18.49 -3.90
C GLY A 97 1.57 -17.91 -2.56
N ALA A 98 1.07 -16.67 -2.53
CA ALA A 98 0.18 -16.11 -1.51
C ALA A 98 -1.22 -16.81 -1.58
N LEU A 99 -1.86 -16.94 -0.41
CA LEU A 99 -3.21 -17.50 -0.29
C LEU A 99 -4.20 -16.34 -0.22
N ASN A 100 -5.36 -16.58 -0.89
CA ASN A 100 -6.56 -15.76 -0.88
C ASN A 100 -7.08 -15.29 0.55
N THR A 101 -6.64 -15.79 1.66
CA THR A 101 -6.98 -15.46 3.09
C THR A 101 -6.79 -13.95 3.46
N PRO A 102 -7.68 -13.31 4.24
CA PRO A 102 -7.42 -11.92 4.83
C PRO A 102 -6.24 -12.08 5.76
N LYS A 103 -5.36 -11.15 5.77
CA LYS A 103 -4.07 -11.22 6.52
C LYS A 103 -4.38 -10.59 7.90
N ASP A 104 -5.30 -11.19 8.64
CA ASP A 104 -5.86 -10.48 9.80
C ASP A 104 -4.78 -10.24 10.93
N HIS A 105 -3.72 -11.11 10.92
CA HIS A 105 -2.53 -10.91 11.78
C HIS A 105 -1.83 -9.52 11.37
N ILE A 106 -1.50 -9.38 10.10
CA ILE A 106 -0.93 -8.09 9.70
C ILE A 106 -1.95 -6.89 9.97
N GLY A 107 -3.31 -7.19 9.98
CA GLY A 107 -4.42 -6.32 10.27
C GLY A 107 -4.73 -6.03 11.80
N THR A 108 -4.15 -6.76 12.69
CA THR A 108 -4.35 -6.71 14.10
C THR A 108 -3.11 -6.54 14.98
N ARG A 109 -1.92 -6.94 14.54
CA ARG A 109 -0.70 -6.77 15.36
C ARG A 109 -0.29 -5.29 15.23
N ASN A 110 0.50 -4.83 16.22
CA ASN A 110 0.92 -3.41 16.24
C ASN A 110 1.84 -3.03 15.02
N PRO A 111 1.49 -2.09 14.10
CA PRO A 111 2.34 -1.71 13.01
C PRO A 111 3.59 -0.84 13.37
N ALA A 112 3.45 -0.11 14.50
CA ALA A 112 4.49 0.89 14.95
C ALA A 112 5.75 0.13 15.52
N ASN A 113 5.77 -1.21 15.65
CA ASN A 113 6.77 -2.03 16.46
C ASN A 113 8.19 -1.92 15.97
N ASN A 114 8.35 -1.69 14.69
CA ASN A 114 9.48 -1.18 13.91
C ASN A 114 9.07 0.04 13.09
N ALA A 115 10.04 0.84 12.68
CA ALA A 115 9.94 2.04 11.71
C ALA A 115 9.30 1.63 10.36
N ALA A 116 8.78 2.55 9.54
CA ALA A 116 7.97 2.31 8.32
C ALA A 116 8.75 1.48 7.23
N ILE A 117 8.20 0.46 6.66
CA ILE A 117 8.87 -0.36 5.67
C ILE A 117 8.96 0.47 4.37
N VAL A 118 10.19 0.60 3.84
CA VAL A 118 10.43 1.28 2.51
C VAL A 118 9.87 0.47 1.35
N LEU A 119 9.03 1.15 0.52
CA LEU A 119 8.52 0.44 -0.61
C LEU A 119 9.63 0.01 -1.68
N GLN A 120 9.89 -1.27 -1.92
CA GLN A 120 10.63 -1.82 -3.10
C GLN A 120 9.99 -3.13 -3.62
N LEU A 121 10.18 -3.37 -4.83
CA LEU A 121 9.50 -4.52 -5.41
C LEU A 121 10.56 -5.61 -5.83
N PRO A 122 10.25 -6.92 -5.94
CA PRO A 122 11.06 -8.08 -6.29
C PRO A 122 11.96 -8.07 -7.55
N GLN A 123 12.95 -8.97 -7.58
CA GLN A 123 13.97 -8.95 -8.61
C GLN A 123 14.58 -7.54 -8.89
N GLY A 124 14.69 -6.61 -7.92
CA GLY A 124 15.36 -5.33 -8.07
C GLY A 124 14.58 -4.36 -8.99
N THR A 125 13.31 -4.65 -9.27
CA THR A 125 12.46 -3.90 -10.17
C THR A 125 12.24 -2.45 -9.62
N THR A 126 12.58 -1.34 -10.36
CA THR A 126 12.18 0.05 -10.02
C THR A 126 10.68 0.24 -9.94
N LEU A 127 10.05 0.86 -9.01
CA LEU A 127 8.65 1.34 -8.97
C LEU A 127 8.37 2.35 -10.15
N PRO A 128 7.10 2.46 -10.63
CA PRO A 128 6.75 3.03 -11.91
C PRO A 128 7.16 4.59 -12.04
N LYS A 129 7.56 5.10 -13.20
CA LYS A 129 8.10 6.47 -13.46
C LYS A 129 7.09 7.65 -13.34
N GLY A 130 5.77 7.41 -13.38
CA GLY A 130 4.75 8.37 -12.97
C GLY A 130 4.93 8.90 -11.53
N PHE A 131 5.70 8.26 -10.62
CA PHE A 131 5.73 8.47 -9.16
C PHE A 131 7.16 8.57 -8.52
N TYR A 132 7.35 9.38 -7.49
CA TYR A 132 8.51 9.63 -6.68
C TYR A 132 8.49 8.55 -5.50
N ALA A 133 9.68 8.06 -5.14
CA ALA A 133 9.80 6.97 -4.22
C ALA A 133 11.02 7.13 -3.23
N GLU A 134 11.05 6.24 -2.23
CA GLU A 134 12.20 6.09 -1.35
C GLU A 134 12.94 4.73 -1.56
N GLY A 135 14.15 4.63 -1.09
CA GLY A 135 15.06 3.56 -1.35
C GLY A 135 15.85 3.78 -2.64
N SER A 136 17.16 3.40 -2.65
CA SER A 136 18.01 3.44 -3.83
C SER A 136 18.16 4.83 -4.46
N ARG A 137 18.34 5.89 -3.66
CA ARG A 137 18.40 7.30 -4.01
C ARG A 137 19.79 7.96 -4.27
N GLY A 138 20.85 7.13 -4.12
CA GLY A 138 22.32 7.47 -4.27
C GLY A 138 22.79 8.38 -3.13
N GLY A 139 24.10 8.26 -2.88
CA GLY A 139 24.75 8.85 -1.71
C GLY A 139 24.34 8.20 -0.35
N SER A 140 24.69 8.80 0.83
CA SER A 140 25.61 9.93 1.04
C SER A 140 27.07 9.47 0.71
N GLY A 4 -12.41 -7.95 20.20
CA GLY A 4 -11.30 -8.91 19.96
C GLY A 4 -9.90 -8.26 19.89
N LEU A 5 -9.25 -8.14 18.71
CA LEU A 5 -8.07 -7.28 18.57
C LEU A 5 -8.48 -6.17 17.56
N PRO A 6 -8.02 -4.96 17.84
CA PRO A 6 -8.54 -3.74 17.07
C PRO A 6 -8.12 -3.76 15.58
N ASN A 7 -8.86 -3.12 14.71
CA ASN A 7 -8.32 -2.75 13.39
C ASN A 7 -7.23 -1.63 13.52
N ASN A 8 -6.01 -1.83 13.03
CA ASN A 8 -4.86 -0.94 13.11
C ASN A 8 -4.85 0.22 12.05
N THR A 9 -5.74 0.08 11.05
CA THR A 9 -6.06 1.08 10.02
C THR A 9 -4.88 1.69 9.05
N ALA A 10 -3.62 1.79 9.51
CA ALA A 10 -2.49 2.40 8.83
C ALA A 10 -1.72 1.40 7.99
N SER A 11 -0.83 1.94 7.20
CA SER A 11 0.21 1.27 6.40
C SER A 11 1.50 0.99 7.16
N TRP A 12 1.95 -0.21 7.05
CA TRP A 12 3.16 -0.76 7.65
C TRP A 12 4.47 -0.23 6.99
N PHE A 13 4.33 0.39 5.78
CA PHE A 13 5.42 0.84 4.90
C PHE A 13 5.49 2.38 4.61
N THR A 14 6.55 2.76 3.93
CA THR A 14 6.76 4.08 3.30
C THR A 14 5.66 4.38 2.21
N ALA A 15 5.37 5.65 1.97
CA ALA A 15 4.35 6.22 1.05
C ALA A 15 4.97 6.80 -0.27
N LEU A 16 4.20 6.86 -1.35
CA LEU A 16 4.62 7.37 -2.62
C LEU A 16 3.87 8.72 -2.87
N THR A 17 4.35 9.65 -3.71
CA THR A 17 3.95 11.08 -3.94
C THR A 17 3.96 11.51 -5.40
N GLN A 18 2.82 11.98 -5.95
CA GLN A 18 2.68 12.16 -7.43
C GLN A 18 3.37 13.40 -7.97
N HIS A 19 3.92 13.18 -9.13
CA HIS A 19 4.68 14.15 -9.90
C HIS A 19 4.25 14.12 -11.46
N GLY A 20 3.69 13.02 -11.97
CA GLY A 20 2.78 13.10 -13.15
C GLY A 20 1.31 13.60 -12.72
N LYS A 21 0.30 12.87 -13.18
CA LYS A 21 -1.17 12.97 -12.94
C LYS A 21 -1.87 11.63 -12.99
N GLU A 22 -1.27 10.62 -13.63
CA GLU A 22 -1.84 9.22 -13.74
C GLU A 22 -1.82 8.43 -12.43
N ASP A 23 -2.78 7.54 -12.19
CA ASP A 23 -2.81 6.57 -11.10
C ASP A 23 -1.70 5.51 -11.13
N LEU A 24 -1.43 4.93 -10.01
CA LEU A 24 -0.40 3.87 -9.71
C LEU A 24 -0.83 2.46 -10.25
N LYS A 25 -1.20 2.43 -11.53
CA LYS A 25 -1.74 1.17 -12.13
C LYS A 25 -0.53 0.23 -12.38
N PHE A 26 -0.75 -1.07 -12.07
CA PHE A 26 0.10 -2.26 -12.11
C PHE A 26 -0.61 -3.45 -12.89
N PRO A 27 -0.44 -3.53 -14.23
CA PRO A 27 -1.01 -4.61 -15.02
C PRO A 27 -0.69 -6.02 -14.57
N ARG A 28 -1.60 -7.04 -14.75
CA ARG A 28 -1.67 -8.38 -14.18
C ARG A 28 -1.42 -8.43 -12.65
N GLY A 29 -1.58 -7.31 -11.97
CA GLY A 29 -1.57 -7.17 -10.48
C GLY A 29 -0.16 -7.48 -9.97
N GLN A 30 0.84 -7.35 -10.90
CA GLN A 30 2.21 -7.59 -10.58
C GLN A 30 2.82 -6.30 -9.94
N GLY A 31 3.06 -6.28 -8.65
CA GLY A 31 3.70 -5.20 -7.84
C GLY A 31 3.74 -5.42 -6.29
N VAL A 32 3.46 -6.62 -5.79
CA VAL A 32 3.53 -6.87 -4.34
C VAL A 32 4.98 -6.77 -3.79
N PRO A 33 5.24 -5.88 -2.79
CA PRO A 33 6.62 -5.54 -2.37
C PRO A 33 7.31 -6.60 -1.54
N ILE A 34 8.56 -6.26 -1.24
CA ILE A 34 9.40 -7.11 -0.37
C ILE A 34 9.14 -6.82 1.11
N ASN A 35 8.90 -7.86 1.89
CA ASN A 35 8.60 -7.66 3.27
C ASN A 35 8.65 -8.96 4.13
N THR A 36 9.71 -9.16 4.94
CA THR A 36 9.98 -10.33 5.74
C THR A 36 8.98 -10.43 6.91
N ASN A 37 8.22 -9.39 7.35
CA ASN A 37 7.20 -9.54 8.39
C ASN A 37 6.02 -10.48 7.95
N SER A 38 6.01 -10.78 6.69
CA SER A 38 4.92 -11.42 5.94
C SER A 38 5.43 -12.69 5.21
N SER A 39 4.73 -13.74 5.24
CA SER A 39 5.08 -15.04 4.66
C SER A 39 4.73 -15.13 3.16
N PRO A 40 5.24 -16.14 2.39
CA PRO A 40 4.81 -16.49 1.06
C PRO A 40 3.26 -16.73 0.88
N ASP A 41 2.48 -17.10 1.92
CA ASP A 41 1.02 -17.15 1.86
C ASP A 41 0.39 -15.79 1.98
N ASP A 42 1.01 -14.84 2.68
CA ASP A 42 0.44 -13.52 2.88
C ASP A 42 0.47 -12.58 1.70
N GLN A 43 1.28 -12.84 0.67
CA GLN A 43 1.77 -11.97 -0.44
C GLN A 43 0.58 -11.57 -1.41
N ILE A 44 -0.43 -10.86 -0.84
CA ILE A 44 -1.69 -10.36 -1.53
C ILE A 44 -2.33 -9.13 -0.82
N GLY A 45 -2.79 -8.14 -1.55
CA GLY A 45 -2.91 -6.76 -1.04
C GLY A 45 -3.40 -5.73 -2.11
N TYR A 46 -3.41 -4.44 -1.75
CA TYR A 46 -3.78 -3.29 -2.60
C TYR A 46 -2.98 -1.99 -2.23
N TYR A 47 -2.68 -1.21 -3.28
CA TYR A 47 -2.25 0.16 -3.10
C TYR A 47 -3.52 1.04 -3.17
N ARG A 48 -3.70 2.01 -2.33
CA ARG A 48 -4.87 3.02 -2.21
C ARG A 48 -4.39 4.44 -2.21
N ARG A 49 -5.13 5.28 -2.90
CA ARG A 49 -4.82 6.70 -3.06
C ARG A 49 -5.06 7.46 -1.75
N ALA A 50 -4.54 8.67 -1.77
CA ALA A 50 -4.63 9.74 -0.80
C ALA A 50 -4.60 11.10 -1.57
N THR A 51 -5.48 12.05 -1.30
CA THR A 51 -5.84 13.27 -2.08
C THR A 51 -6.06 14.50 -1.11
N ARG A 52 -6.25 14.18 0.20
CA ARG A 52 -6.24 15.16 1.35
C ARG A 52 -7.10 16.47 1.15
N ARG A 53 -8.41 16.23 0.97
CA ARG A 53 -9.50 17.17 0.88
C ARG A 53 -10.35 17.40 2.16
N ILE A 54 -10.29 16.38 3.02
CA ILE A 54 -10.88 16.40 4.37
C ILE A 54 -12.44 16.62 4.33
N ARG A 55 -13.21 15.57 4.39
CA ARG A 55 -14.72 15.46 4.33
C ARG A 55 -15.26 15.75 5.76
N GLY A 56 -14.87 16.93 6.29
CA GLY A 56 -15.14 17.34 7.62
C GLY A 56 -14.42 16.53 8.69
N GLY A 57 -13.53 17.18 9.48
CA GLY A 57 -12.91 16.72 10.78
C GLY A 57 -11.74 15.68 10.68
N ASP A 58 -10.98 15.57 11.72
CA ASP A 58 -9.79 14.73 11.77
C ASP A 58 -8.59 14.99 10.78
N GLY A 59 -8.46 16.23 10.36
CA GLY A 59 -7.45 16.54 9.30
C GLY A 59 -7.29 18.05 8.96
N LYS A 60 -6.31 18.39 8.02
CA LYS A 60 -5.97 19.70 7.44
C LYS A 60 -5.44 19.50 6.01
N MET A 61 -5.84 20.36 5.04
CA MET A 61 -5.30 20.40 3.72
C MET A 61 -3.80 20.91 3.66
N LYS A 62 -3.07 20.41 2.68
CA LYS A 62 -1.59 20.69 2.58
C LYS A 62 -1.19 21.52 1.31
N ASP A 63 -2.24 21.84 0.45
CA ASP A 63 -2.12 22.46 -0.84
C ASP A 63 -1.11 21.86 -1.82
N LEU A 64 -0.91 20.52 -1.71
CA LEU A 64 -0.07 19.74 -2.67
C LEU A 64 -0.76 18.58 -3.39
N SER A 65 -0.10 17.95 -4.42
CA SER A 65 -0.68 16.81 -5.20
C SER A 65 -1.11 15.56 -4.34
N PRO A 66 -1.90 14.63 -4.86
CA PRO A 66 -2.16 13.31 -4.29
C PRO A 66 -0.79 12.54 -3.91
N ARG A 67 -1.03 11.51 -3.10
CA ARG A 67 -0.08 10.48 -2.61
C ARG A 67 -0.77 9.11 -2.57
N TRP A 68 -0.06 8.07 -2.39
CA TRP A 68 -0.51 6.71 -2.43
C TRP A 68 0.20 5.91 -1.31
N TYR A 69 -0.48 4.93 -0.81
CA TYR A 69 -0.10 4.03 0.31
C TYR A 69 -0.32 2.54 -0.15
N PHE A 70 0.28 1.54 0.55
CA PHE A 70 0.12 0.09 0.39
C PHE A 70 -0.42 -0.62 1.66
N TYR A 71 -1.22 -1.67 1.42
CA TYR A 71 -2.01 -2.42 2.41
C TYR A 71 -2.13 -3.90 2.00
N TYR A 72 -2.07 -4.86 2.95
CA TYR A 72 -2.52 -6.24 2.73
C TYR A 72 -4.11 -6.45 2.58
N LEU A 73 -4.44 -7.65 2.05
CA LEU A 73 -5.82 -8.09 1.97
C LEU A 73 -6.38 -8.25 3.43
N GLY A 74 -7.56 -7.61 3.67
CA GLY A 74 -8.09 -7.66 5.00
C GLY A 74 -7.43 -6.79 6.07
N THR A 75 -6.71 -5.77 5.62
CA THR A 75 -5.88 -4.84 6.41
C THR A 75 -6.12 -3.37 6.02
N GLY A 76 -5.63 -2.44 6.82
CA GLY A 76 -5.77 -0.98 6.49
C GLY A 76 -7.29 -0.54 6.43
N PRO A 77 -7.70 0.54 5.72
CA PRO A 77 -9.07 1.07 5.74
C PRO A 77 -10.11 0.16 5.00
N GLU A 78 -9.76 -0.37 3.79
CA GLU A 78 -10.66 -1.19 2.95
C GLU A 78 -10.65 -2.67 3.41
N ALA A 79 -10.49 -3.02 4.68
CA ALA A 79 -10.41 -4.45 5.14
C ALA A 79 -11.73 -5.20 4.94
N GLY A 80 -12.82 -4.46 4.90
CA GLY A 80 -14.10 -4.91 4.47
C GLY A 80 -14.18 -5.53 3.02
N LEU A 81 -13.40 -4.95 2.07
CA LEU A 81 -13.44 -5.38 0.68
C LEU A 81 -12.68 -6.76 0.53
N PRO A 82 -13.33 -7.81 -0.02
CA PRO A 82 -12.69 -9.03 -0.59
C PRO A 82 -11.81 -8.73 -1.76
N TYR A 83 -10.96 -9.70 -2.18
CA TYR A 83 -10.07 -9.53 -3.30
C TYR A 83 -10.78 -9.37 -4.67
N GLY A 84 -10.39 -8.30 -5.32
CA GLY A 84 -10.96 -7.90 -6.59
C GLY A 84 -12.17 -6.91 -6.53
N ALA A 85 -12.67 -6.52 -5.36
CA ALA A 85 -13.91 -5.70 -5.19
C ALA A 85 -13.74 -4.32 -5.84
N ASN A 86 -14.68 -3.86 -6.68
CA ASN A 86 -14.39 -2.86 -7.75
C ASN A 86 -14.35 -1.36 -7.33
N LYS A 87 -14.08 -1.02 -6.11
CA LYS A 87 -14.04 0.34 -5.60
C LYS A 87 -12.84 1.14 -6.28
N ASP A 88 -13.23 2.29 -6.84
CA ASP A 88 -12.30 3.18 -7.45
C ASP A 88 -11.39 3.93 -6.35
N GLY A 89 -10.14 4.22 -6.71
CA GLY A 89 -9.01 4.59 -5.75
C GLY A 89 -8.12 3.42 -5.25
N ILE A 90 -8.59 2.21 -5.38
CA ILE A 90 -7.98 0.91 -4.97
C ILE A 90 -7.41 0.23 -6.20
N ILE A 91 -6.11 -0.03 -6.19
CA ILE A 91 -5.35 -0.82 -7.16
C ILE A 91 -4.96 -2.16 -6.42
N TRP A 92 -5.70 -3.19 -6.76
CA TRP A 92 -5.48 -4.59 -6.31
C TRP A 92 -4.21 -5.27 -6.99
N VAL A 93 -3.32 -5.89 -6.14
CA VAL A 93 -2.05 -6.64 -6.54
C VAL A 93 -1.96 -7.91 -5.73
N ALA A 94 -1.31 -8.95 -6.37
CA ALA A 94 -1.25 -10.34 -5.83
C ALA A 94 -0.08 -11.12 -6.42
N THR A 95 0.15 -12.29 -5.88
CA THR A 95 1.24 -13.23 -6.39
C THR A 95 0.68 -14.58 -6.78
N GLU A 96 1.24 -15.39 -7.65
CA GLU A 96 0.85 -16.76 -8.00
C GLU A 96 0.66 -17.65 -6.73
N GLY A 97 1.64 -17.65 -5.78
CA GLY A 97 1.79 -18.51 -4.54
C GLY A 97 0.95 -18.09 -3.25
N ALA A 98 0.21 -16.97 -3.28
CA ALA A 98 -0.53 -16.49 -2.07
C ALA A 98 -1.86 -17.36 -1.80
N LEU A 99 -2.32 -17.41 -0.54
CA LEU A 99 -3.70 -17.78 -0.18
C LEU A 99 -4.59 -16.46 -0.20
N ASN A 100 -5.86 -16.57 -0.57
CA ASN A 100 -6.79 -15.44 -0.53
C ASN A 100 -7.58 -15.30 0.84
N THR A 101 -6.95 -15.72 1.94
CA THR A 101 -7.44 -15.41 3.33
C THR A 101 -7.21 -13.95 3.68
N PRO A 102 -8.09 -13.36 4.50
CA PRO A 102 -7.75 -12.04 5.03
C PRO A 102 -6.54 -12.07 6.04
N LYS A 103 -5.55 -11.16 5.99
CA LYS A 103 -4.25 -11.14 6.75
C LYS A 103 -4.42 -10.43 8.09
N ASP A 104 -5.42 -10.88 8.82
CA ASP A 104 -5.84 -10.31 10.12
C ASP A 104 -4.74 -10.06 11.22
N HIS A 105 -3.60 -10.69 11.14
CA HIS A 105 -2.44 -10.50 12.05
C HIS A 105 -1.65 -9.29 11.64
N ILE A 106 -1.36 -9.06 10.33
CA ILE A 106 -1.03 -7.76 9.80
C ILE A 106 -2.10 -6.67 10.08
N GLY A 107 -3.34 -7.11 10.13
CA GLY A 107 -4.54 -6.21 10.36
C GLY A 107 -4.81 -5.67 11.77
N THR A 108 -4.14 -6.27 12.78
CA THR A 108 -4.40 -6.00 14.27
C THR A 108 -3.09 -5.77 15.14
N ARG A 109 -1.94 -6.29 14.74
CA ARG A 109 -0.62 -5.99 15.30
C ARG A 109 -0.35 -4.49 15.27
N ASN A 110 0.32 -3.97 16.31
CA ASN A 110 0.55 -2.52 16.46
C ASN A 110 1.67 -2.06 15.56
N PRO A 111 1.42 -1.42 14.38
CA PRO A 111 2.44 -1.03 13.41
C PRO A 111 3.48 0.03 13.90
N ALA A 112 3.13 0.82 14.96
CA ALA A 112 3.95 1.82 15.64
C ALA A 112 5.10 1.20 16.46
N ASN A 113 5.18 -0.10 16.65
CA ASN A 113 6.36 -0.74 17.16
C ASN A 113 7.75 -0.66 16.44
N ASN A 114 7.76 -0.47 15.11
CA ASN A 114 8.94 -0.24 14.28
C ASN A 114 8.77 0.86 13.21
N ALA A 115 9.90 1.42 12.75
CA ALA A 115 10.20 2.18 11.53
C ALA A 115 9.36 1.71 10.37
N ALA A 116 9.05 2.63 9.44
CA ALA A 116 8.36 2.16 8.26
C ALA A 116 9.24 1.28 7.28
N ILE A 117 8.62 0.18 6.78
CA ILE A 117 9.37 -0.70 5.82
C ILE A 117 9.52 -0.04 4.45
N VAL A 118 10.73 0.00 3.93
CA VAL A 118 11.01 0.48 2.57
C VAL A 118 10.30 -0.34 1.48
N LEU A 119 9.44 0.29 0.80
CA LEU A 119 8.60 -0.32 -0.21
C LEU A 119 9.32 -0.30 -1.58
N GLN A 120 9.52 -1.56 -2.09
CA GLN A 120 10.56 -1.95 -3.10
C GLN A 120 10.12 -3.31 -3.62
N LEU A 121 10.48 -3.62 -4.85
CA LEU A 121 9.99 -4.81 -5.56
C LEU A 121 11.09 -5.90 -5.77
N PRO A 122 10.73 -7.19 -5.72
CA PRO A 122 11.65 -8.28 -6.11
C PRO A 122 12.01 -8.15 -7.66
N GLN A 123 13.04 -8.92 -8.04
CA GLN A 123 13.74 -8.74 -9.38
C GLN A 123 14.25 -7.25 -9.60
N GLY A 124 14.46 -6.59 -8.47
CA GLY A 124 14.80 -5.11 -8.43
C GLY A 124 13.83 -4.30 -9.30
N THR A 125 12.55 -4.68 -9.53
CA THR A 125 11.59 -3.99 -10.35
C THR A 125 11.37 -2.59 -9.84
N THR A 126 11.20 -1.58 -10.76
CA THR A 126 11.36 -0.18 -10.43
C THR A 126 9.92 0.49 -10.37
N LEU A 127 9.52 1.04 -9.22
CA LEU A 127 8.27 1.64 -9.06
C LEU A 127 7.97 2.79 -10.05
N PRO A 128 6.73 3.00 -10.51
CA PRO A 128 6.44 3.96 -11.54
C PRO A 128 6.96 5.42 -11.46
N LYS A 129 7.67 5.77 -12.50
CA LYS A 129 8.43 7.05 -12.65
C LYS A 129 7.65 8.36 -12.35
N GLY A 130 6.36 8.33 -12.60
CA GLY A 130 5.44 9.41 -12.20
C GLY A 130 5.24 9.71 -10.69
N PHE A 131 5.32 8.70 -9.83
CA PHE A 131 5.33 8.91 -8.35
C PHE A 131 6.83 9.04 -7.85
N TYR A 132 7.16 10.12 -7.08
CA TYR A 132 8.33 10.10 -6.13
C TYR A 132 7.94 9.01 -5.04
N ALA A 133 9.01 8.41 -4.46
CA ALA A 133 8.89 7.21 -3.60
C ALA A 133 10.25 6.98 -2.95
N GLU A 134 10.21 6.47 -1.72
CA GLU A 134 11.38 6.18 -0.84
C GLU A 134 12.23 5.01 -1.36
N GLY A 135 13.55 5.24 -1.33
CA GLY A 135 14.56 4.31 -1.83
C GLY A 135 14.68 4.27 -3.41
N SER A 136 15.60 3.39 -3.87
CA SER A 136 16.01 3.29 -5.28
C SER A 136 16.71 4.57 -5.80
N ARG A 137 17.20 5.58 -5.02
CA ARG A 137 17.68 6.87 -5.44
C ARG A 137 18.92 6.99 -6.32
N GLY A 138 19.63 5.97 -6.58
CA GLY A 138 20.93 5.93 -7.31
C GLY A 138 22.16 6.07 -6.37
N GLY A 139 23.33 5.98 -6.97
CA GLY A 139 24.63 6.31 -6.32
C GLY A 139 25.82 6.29 -7.32
N SER A 140 27.06 5.89 -6.89
CA SER A 140 27.46 5.52 -5.52
C SER A 140 27.54 6.72 -4.54
N GLY A 4 -12.10 -9.92 19.53
CA GLY A 4 -10.72 -9.96 18.96
C GLY A 4 -10.19 -8.57 19.11
N LEU A 5 -8.94 -8.34 18.65
CA LEU A 5 -8.39 -6.98 18.50
C LEU A 5 -9.05 -6.21 17.31
N PRO A 6 -9.02 -4.84 17.28
CA PRO A 6 -9.56 -3.94 16.20
C PRO A 6 -8.60 -3.82 15.01
N ASN A 7 -9.09 -3.29 13.93
CA ASN A 7 -8.47 -2.97 12.66
C ASN A 7 -7.42 -1.81 12.83
N ASN A 8 -6.16 -2.21 12.88
CA ASN A 8 -5.09 -1.26 13.05
C ASN A 8 -5.00 -0.06 12.01
N THR A 9 -5.57 -0.19 10.81
CA THR A 9 -5.87 0.92 9.82
C THR A 9 -4.57 1.63 9.22
N ALA A 10 -3.56 2.03 10.01
CA ALA A 10 -2.34 2.59 9.54
C ALA A 10 -1.47 1.51 8.82
N SER A 11 -0.81 2.07 7.76
CA SER A 11 0.08 1.34 6.81
C SER A 11 1.51 1.13 7.31
N TRP A 12 1.97 -0.09 7.08
CA TRP A 12 3.25 -0.57 7.60
C TRP A 12 4.40 0.00 6.75
N PHE A 13 4.12 0.75 5.64
CA PHE A 13 5.01 1.12 4.49
C PHE A 13 5.07 2.64 4.14
N THR A 14 6.24 3.06 3.68
CA THR A 14 6.49 4.45 3.25
C THR A 14 5.56 4.85 2.05
N ALA A 15 4.95 6.03 2.04
CA ALA A 15 3.89 6.49 1.16
C ALA A 15 4.49 7.11 -0.21
N LEU A 16 4.02 6.71 -1.37
CA LEU A 16 4.47 7.27 -2.69
C LEU A 16 4.04 8.78 -2.80
N THR A 17 4.38 9.51 -3.83
CA THR A 17 3.84 10.85 -4.10
C THR A 17 3.77 11.01 -5.60
N GLN A 18 2.60 11.40 -6.10
CA GLN A 18 2.27 11.52 -7.57
C GLN A 18 3.15 12.54 -8.29
N HIS A 19 3.88 12.09 -9.33
CA HIS A 19 4.79 12.88 -10.14
C HIS A 19 3.99 13.21 -11.39
N GLY A 20 3.46 12.18 -12.13
CA GLY A 20 2.51 12.35 -13.27
C GLY A 20 1.10 12.77 -12.90
N LYS A 21 0.12 11.98 -13.42
CA LYS A 21 -1.38 12.06 -13.21
C LYS A 21 -2.03 10.68 -13.16
N GLU A 22 -1.40 9.74 -13.87
CA GLU A 22 -1.80 8.35 -14.19
C GLU A 22 -1.72 7.42 -12.96
N ASP A 23 -2.77 6.63 -12.67
CA ASP A 23 -2.80 5.74 -11.52
C ASP A 23 -1.63 4.73 -11.57
N LEU A 24 -1.37 4.16 -10.36
CA LEU A 24 -0.33 3.12 -10.08
C LEU A 24 -0.61 1.76 -10.78
N LYS A 25 -1.03 1.70 -12.05
CA LYS A 25 -1.62 0.47 -12.68
C LYS A 25 -0.65 -0.67 -12.70
N PHE A 26 -1.06 -1.88 -12.40
CA PHE A 26 -0.27 -3.09 -12.37
C PHE A 26 -0.94 -4.25 -13.18
N PRO A 27 -0.44 -4.63 -14.34
CA PRO A 27 -1.05 -5.67 -15.18
C PRO A 27 -1.20 -7.04 -14.44
N ARG A 28 -2.28 -7.77 -14.73
CA ARG A 28 -2.69 -9.13 -14.22
C ARG A 28 -2.42 -9.33 -12.68
N GLY A 29 -2.64 -8.24 -12.01
CA GLY A 29 -2.25 -7.99 -10.59
C GLY A 29 -0.78 -8.18 -10.16
N GLN A 30 0.22 -8.27 -10.98
CA GLN A 30 1.56 -8.31 -10.51
C GLN A 30 2.10 -6.94 -9.95
N GLY A 31 2.33 -6.75 -8.64
CA GLY A 31 3.03 -5.64 -8.04
C GLY A 31 2.96 -5.53 -6.50
N VAL A 32 2.93 -6.55 -5.68
CA VAL A 32 3.09 -6.41 -4.24
C VAL A 32 4.59 -6.03 -3.75
N PRO A 33 4.81 -5.07 -2.84
CA PRO A 33 6.13 -4.77 -2.33
C PRO A 33 6.74 -5.82 -1.35
N ILE A 34 8.06 -5.71 -1.15
CA ILE A 34 8.76 -6.61 -0.35
C ILE A 34 8.49 -6.37 1.13
N ASN A 35 8.60 -7.50 1.92
CA ASN A 35 8.60 -7.38 3.44
C ASN A 35 9.06 -8.73 4.02
N THR A 36 10.34 -8.79 4.56
CA THR A 36 10.91 -9.98 5.24
C THR A 36 10.13 -10.44 6.53
N ASN A 37 9.48 -9.52 7.21
CA ASN A 37 8.73 -9.69 8.43
C ASN A 37 7.27 -10.27 8.24
N SER A 38 7.01 -10.89 7.07
CA SER A 38 5.67 -11.37 6.57
C SER A 38 5.94 -12.72 5.86
N SER A 39 5.08 -13.67 5.93
CA SER A 39 5.24 -14.97 5.23
C SER A 39 4.99 -14.73 3.67
N PRO A 40 5.46 -15.57 2.79
CA PRO A 40 5.07 -15.62 1.31
C PRO A 40 3.57 -15.76 1.02
N ASP A 41 2.84 -16.40 1.93
CA ASP A 41 1.41 -16.60 1.91
C ASP A 41 0.68 -15.31 2.16
N ASP A 42 1.33 -14.36 2.70
CA ASP A 42 0.75 -13.01 3.01
C ASP A 42 0.55 -12.14 1.70
N GLN A 43 1.29 -12.49 0.63
CA GLN A 43 1.70 -11.60 -0.43
C GLN A 43 0.51 -11.36 -1.47
N ILE A 44 -0.62 -10.81 -0.97
CA ILE A 44 -1.80 -10.39 -1.73
C ILE A 44 -2.45 -9.17 -1.02
N GLY A 45 -2.92 -8.12 -1.73
CA GLY A 45 -3.23 -6.77 -1.14
C GLY A 45 -3.56 -5.75 -2.26
N TYR A 46 -3.56 -4.56 -1.79
CA TYR A 46 -4.02 -3.35 -2.50
C TYR A 46 -3.19 -2.10 -2.19
N TYR A 47 -2.93 -1.31 -3.25
CA TYR A 47 -2.67 0.16 -3.10
C TYR A 47 -3.98 0.96 -3.08
N ARG A 48 -4.00 2.03 -2.31
CA ARG A 48 -4.99 3.08 -2.22
C ARG A 48 -4.55 4.54 -2.12
N ARG A 49 -5.08 5.41 -2.99
CA ARG A 49 -4.86 6.86 -3.13
C ARG A 49 -5.02 7.63 -1.77
N ALA A 50 -4.45 8.90 -1.71
CA ALA A 50 -4.61 9.92 -0.67
C ALA A 50 -4.33 11.37 -1.17
N THR A 51 -5.10 12.36 -0.67
CA THR A 51 -5.26 13.81 -1.17
C THR A 51 -5.48 14.82 -0.01
N ARG A 52 -5.86 14.33 1.24
CA ARG A 52 -6.16 15.20 2.42
C ARG A 52 -7.09 16.44 2.10
N ARG A 53 -7.92 16.36 1.11
CA ARG A 53 -8.93 17.33 0.65
C ARG A 53 -10.13 17.48 1.62
N ILE A 54 -10.34 16.58 2.62
CA ILE A 54 -11.31 16.65 3.79
C ILE A 54 -12.78 16.49 3.28
N ARG A 55 -13.67 15.84 4.06
CA ARG A 55 -15.21 15.80 3.92
C ARG A 55 -15.90 16.41 5.20
N GLY A 56 -15.28 16.51 6.33
CA GLY A 56 -15.88 17.17 7.46
C GLY A 56 -15.04 17.11 8.72
N GLY A 57 -14.11 18.04 8.89
CA GLY A 57 -13.17 18.23 10.01
C GLY A 57 -12.19 17.03 10.09
N ASP A 58 -11.90 16.60 11.32
CA ASP A 58 -11.01 15.44 11.74
C ASP A 58 -9.53 15.50 11.17
N GLY A 59 -9.12 16.61 10.57
CA GLY A 59 -7.79 16.79 10.02
C GLY A 59 -7.61 18.17 9.52
N LYS A 60 -6.43 18.58 9.00
CA LYS A 60 -6.19 19.93 8.42
C LYS A 60 -5.44 19.68 7.04
N MET A 61 -5.39 20.72 6.21
CA MET A 61 -4.99 20.57 4.81
C MET A 61 -3.53 21.15 4.69
N LYS A 62 -2.63 20.50 3.90
CA LYS A 62 -1.36 21.12 3.50
C LYS A 62 -1.38 21.55 1.99
N ASP A 63 -2.31 21.08 1.10
CA ASP A 63 -2.39 21.41 -0.33
C ASP A 63 -1.30 20.85 -1.27
N LEU A 64 -0.84 19.61 -1.07
CA LEU A 64 0.33 19.07 -1.73
C LEU A 64 -0.17 18.10 -2.80
N SER A 65 0.71 17.75 -3.70
CA SER A 65 0.52 16.67 -4.65
C SER A 65 -0.04 15.39 -4.05
N PRO A 66 -0.98 14.72 -4.75
CA PRO A 66 -1.58 13.42 -4.30
C PRO A 66 -0.56 12.36 -3.93
N ARG A 67 -0.96 11.29 -3.19
CA ARG A 67 -0.13 10.21 -2.62
C ARG A 67 -0.79 8.79 -2.85
N TRP A 68 -0.08 7.66 -2.74
CA TRP A 68 -0.61 6.31 -2.70
C TRP A 68 0.06 5.56 -1.58
N TYR A 69 -0.68 4.76 -0.82
CA TYR A 69 -0.17 3.83 0.23
C TYR A 69 -0.53 2.34 -0.03
N PHE A 70 0.29 1.34 0.41
CA PHE A 70 0.10 -0.10 0.18
C PHE A 70 -0.47 -0.81 1.44
N TYR A 71 -1.24 -1.88 1.30
CA TYR A 71 -1.76 -2.63 2.37
C TYR A 71 -2.04 -4.06 1.96
N TYR A 72 -1.87 -5.03 2.90
CA TYR A 72 -2.30 -6.47 2.66
C TYR A 72 -3.85 -6.61 2.50
N LEU A 73 -4.31 -7.73 1.90
CA LEU A 73 -5.76 -8.15 1.78
C LEU A 73 -6.37 -8.31 3.14
N GLY A 74 -7.48 -7.66 3.50
CA GLY A 74 -8.19 -7.71 4.80
C GLY A 74 -7.56 -6.86 5.94
N THR A 75 -6.69 -5.94 5.52
CA THR A 75 -5.95 -5.00 6.36
C THR A 75 -6.05 -3.56 5.75
N GLY A 76 -5.80 -2.53 6.61
CA GLY A 76 -5.96 -1.13 6.24
C GLY A 76 -7.42 -0.56 6.21
N PRO A 77 -7.61 0.62 5.62
CA PRO A 77 -8.88 1.34 5.44
C PRO A 77 -10.00 0.44 4.85
N GLU A 78 -9.61 -0.42 3.93
CA GLU A 78 -10.51 -1.18 3.04
C GLU A 78 -10.59 -2.66 3.42
N ALA A 79 -10.22 -2.97 4.64
CA ALA A 79 -10.26 -4.29 5.31
C ALA A 79 -11.66 -5.01 5.30
N GLY A 80 -12.74 -4.28 5.06
CA GLY A 80 -14.02 -4.94 4.82
C GLY A 80 -14.30 -5.62 3.47
N LEU A 81 -13.60 -5.28 2.36
CA LEU A 81 -13.77 -5.72 0.95
C LEU A 81 -13.12 -7.09 0.67
N PRO A 82 -13.68 -7.81 -0.30
CA PRO A 82 -12.91 -8.94 -0.88
C PRO A 82 -12.03 -8.38 -2.00
N TYR A 83 -10.92 -9.17 -2.21
CA TYR A 83 -9.95 -8.96 -3.24
C TYR A 83 -10.50 -8.72 -4.66
N GLY A 84 -9.95 -7.76 -5.40
CA GLY A 84 -10.34 -7.21 -6.72
C GLY A 84 -11.74 -6.50 -6.86
N ALA A 85 -12.51 -6.31 -5.69
CA ALA A 85 -13.61 -5.35 -5.66
C ALA A 85 -13.26 -3.98 -6.35
N ASN A 86 -13.84 -3.65 -7.43
CA ASN A 86 -13.34 -2.67 -8.47
C ASN A 86 -13.59 -1.15 -8.20
N LYS A 87 -13.51 -0.82 -6.91
CA LYS A 87 -13.77 0.46 -6.35
C LYS A 87 -12.73 1.53 -6.67
N ASP A 88 -13.22 2.69 -6.85
CA ASP A 88 -12.50 3.91 -7.25
C ASP A 88 -11.44 4.36 -6.18
N GLY A 89 -10.26 4.70 -6.61
CA GLY A 89 -9.09 4.91 -5.78
C GLY A 89 -8.24 3.72 -5.37
N ILE A 90 -8.54 2.42 -5.73
CA ILE A 90 -7.82 1.18 -5.33
C ILE A 90 -7.16 0.41 -6.50
N ILE A 91 -5.97 -0.06 -6.34
CA ILE A 91 -5.35 -0.91 -7.32
C ILE A 91 -4.99 -2.19 -6.63
N TRP A 92 -5.62 -3.28 -7.10
CA TRP A 92 -5.39 -4.59 -6.49
C TRP A 92 -4.23 -5.35 -7.11
N VAL A 93 -3.44 -5.98 -6.22
CA VAL A 93 -2.18 -6.68 -6.60
C VAL A 93 -1.88 -7.98 -5.77
N ALA A 94 -1.40 -9.02 -6.39
CA ALA A 94 -1.21 -10.36 -5.81
C ALA A 94 -0.16 -11.24 -6.47
N THR A 95 0.44 -12.18 -5.74
CA THR A 95 1.27 -13.31 -6.29
C THR A 95 0.44 -14.65 -6.31
N GLU A 96 0.60 -15.50 -7.34
CA GLU A 96 0.06 -16.88 -7.36
C GLU A 96 0.63 -17.77 -6.28
N GLY A 97 1.86 -17.53 -5.77
CA GLY A 97 2.35 -18.12 -4.47
C GLY A 97 1.48 -17.95 -3.19
N ALA A 98 0.72 -16.80 -3.10
CA ALA A 98 -0.05 -16.31 -1.90
C ALA A 98 -1.42 -17.01 -1.78
N LEU A 99 -1.88 -17.12 -0.51
CA LEU A 99 -3.13 -17.67 -0.12
C LEU A 99 -4.34 -16.65 0.11
N ASN A 100 -5.55 -17.13 -0.17
CA ASN A 100 -6.81 -16.35 -0.31
C ASN A 100 -7.22 -15.60 0.93
N THR A 101 -6.74 -15.94 2.11
CA THR A 101 -7.26 -15.41 3.38
C THR A 101 -7.06 -13.89 3.62
N PRO A 102 -7.96 -13.12 4.30
CA PRO A 102 -7.62 -11.77 4.79
C PRO A 102 -6.54 -11.84 5.95
N LYS A 103 -5.48 -11.01 5.89
CA LYS A 103 -4.28 -11.09 6.72
C LYS A 103 -4.48 -10.46 8.12
N ASP A 104 -5.51 -10.92 8.84
CA ASP A 104 -5.98 -10.32 10.16
C ASP A 104 -4.91 -10.33 11.31
N HIS A 105 -3.81 -11.15 11.28
CA HIS A 105 -2.65 -10.87 12.08
C HIS A 105 -2.02 -9.51 11.83
N ILE A 106 -1.56 -9.22 10.59
CA ILE A 106 -1.08 -7.89 10.18
C ILE A 106 -2.19 -6.84 10.22
N GLY A 107 -3.50 -7.25 10.21
CA GLY A 107 -4.57 -6.22 10.40
C GLY A 107 -4.98 -5.90 11.84
N THR A 108 -4.43 -6.50 12.90
CA THR A 108 -4.66 -6.23 14.32
C THR A 108 -3.43 -6.07 15.24
N ARG A 109 -2.24 -6.54 14.83
CA ARG A 109 -1.05 -6.18 15.58
C ARG A 109 -0.73 -4.65 15.55
N ASN A 110 0.41 -4.19 16.15
CA ASN A 110 0.69 -2.77 16.14
C ASN A 110 1.58 -2.45 14.91
N PRO A 111 1.04 -1.66 13.91
CA PRO A 111 1.74 -1.49 12.62
C PRO A 111 2.87 -0.44 12.66
N ALA A 112 3.09 0.09 13.88
CA ALA A 112 3.96 1.27 14.03
C ALA A 112 4.92 1.19 15.31
N ASN A 113 5.13 0.02 15.82
CA ASN A 113 5.99 -0.31 16.93
C ASN A 113 7.39 -0.35 16.43
N ASN A 114 7.53 -0.89 15.21
CA ASN A 114 8.72 -0.71 14.40
C ASN A 114 8.53 0.22 13.16
N ALA A 115 9.61 0.88 12.70
CA ALA A 115 9.62 1.89 11.62
C ALA A 115 9.29 1.32 10.23
N ALA A 116 8.53 2.10 9.46
CA ALA A 116 7.87 1.66 8.27
C ALA A 116 8.82 1.16 7.13
N ILE A 117 8.27 0.27 6.34
CA ILE A 117 9.08 -0.48 5.40
C ILE A 117 9.29 0.54 4.25
N VAL A 118 10.52 0.81 3.81
CA VAL A 118 10.91 1.21 2.52
C VAL A 118 10.38 0.28 1.43
N LEU A 119 9.37 0.83 0.70
CA LEU A 119 8.66 0.19 -0.38
C LEU A 119 9.49 -0.09 -1.64
N GLN A 120 9.67 -1.39 -2.07
CA GLN A 120 10.48 -1.82 -3.21
C GLN A 120 9.78 -3.07 -3.83
N LEU A 121 10.18 -3.41 -5.08
CA LEU A 121 9.72 -4.61 -5.87
C LEU A 121 10.87 -5.64 -6.10
N PRO A 122 10.58 -6.91 -6.44
CA PRO A 122 11.64 -7.88 -6.56
C PRO A 122 12.64 -7.73 -7.73
N GLN A 123 13.76 -8.46 -7.64
CA GLN A 123 14.80 -8.58 -8.65
C GLN A 123 15.35 -7.22 -9.08
N GLY A 124 15.39 -6.19 -8.12
CA GLY A 124 15.89 -4.86 -8.46
C GLY A 124 14.90 -4.05 -9.36
N THR A 125 13.64 -4.48 -9.58
CA THR A 125 12.54 -3.84 -10.38
C THR A 125 12.27 -2.43 -9.83
N THR A 126 12.45 -1.43 -10.65
CA THR A 126 12.23 -0.10 -10.25
C THR A 126 10.75 0.26 -10.29
N LEU A 127 10.20 1.04 -9.37
CA LEU A 127 8.86 1.61 -9.32
C LEU A 127 8.61 2.59 -10.50
N PRO A 128 7.38 3.14 -10.79
CA PRO A 128 7.25 4.18 -11.81
C PRO A 128 8.02 5.46 -11.53
N LYS A 129 8.48 6.12 -12.58
CA LYS A 129 8.82 7.50 -12.50
C LYS A 129 7.57 8.47 -12.42
N GLY A 130 6.36 7.95 -12.77
CA GLY A 130 5.14 8.56 -12.36
C GLY A 130 4.96 8.74 -10.83
N PHE A 131 5.74 8.11 -10.00
CA PHE A 131 5.58 8.10 -8.53
C PHE A 131 6.93 8.28 -7.81
N TYR A 132 7.13 9.46 -7.22
CA TYR A 132 8.21 9.74 -6.20
C TYR A 132 8.13 8.88 -4.97
N ALA A 133 9.31 8.55 -4.46
CA ALA A 133 9.33 7.49 -3.42
C ALA A 133 10.63 7.49 -2.61
N GLU A 134 10.64 6.59 -1.60
CA GLU A 134 11.83 6.11 -1.03
C GLU A 134 12.58 5.17 -2.05
N GLY A 135 13.87 5.24 -2.15
CA GLY A 135 14.84 4.46 -3.01
C GLY A 135 15.19 5.17 -4.27
N SER A 136 16.11 4.60 -5.06
CA SER A 136 16.63 5.24 -6.33
C SER A 136 17.07 6.72 -6.12
N ARG A 137 17.74 7.11 -4.98
CA ARG A 137 18.26 8.44 -4.84
C ARG A 137 19.76 8.64 -5.49
N GLY A 138 20.38 7.57 -5.95
CA GLY A 138 21.59 7.51 -6.74
C GLY A 138 22.92 7.76 -6.04
N GLY A 139 22.95 7.84 -4.70
CA GLY A 139 24.22 8.07 -3.93
C GLY A 139 24.50 9.59 -3.88
N SER A 140 25.72 9.97 -3.49
CA SER A 140 26.81 9.01 -3.10
C SER A 140 26.54 8.21 -1.81
N GLY A 4 -9.95 -9.13 21.90
CA GLY A 4 -8.66 -8.85 21.33
C GLY A 4 -8.58 -7.52 20.60
N LEU A 5 -7.52 -7.22 19.86
CA LEU A 5 -7.31 -5.91 19.24
C LEU A 5 -8.31 -5.63 18.03
N PRO A 6 -8.63 -4.37 17.82
CA PRO A 6 -9.43 -3.97 16.58
C PRO A 6 -8.63 -3.92 15.26
N ASN A 7 -9.31 -3.40 14.21
CA ASN A 7 -8.65 -3.18 12.91
C ASN A 7 -7.53 -2.15 13.03
N ASN A 8 -6.30 -2.41 12.55
CA ASN A 8 -5.25 -1.45 12.83
C ASN A 8 -5.19 -0.19 11.85
N THR A 9 -5.88 -0.31 10.69
CA THR A 9 -6.25 0.74 9.74
C THR A 9 -5.05 1.43 9.07
N ALA A 10 -4.00 1.97 9.78
CA ALA A 10 -2.93 2.72 9.14
C ALA A 10 -2.09 1.80 8.15
N SER A 11 -1.23 2.47 7.38
CA SER A 11 -0.26 1.88 6.50
C SER A 11 1.02 1.33 7.25
N TRP A 12 1.72 0.24 6.91
CA TRP A 12 2.98 -0.24 7.46
C TRP A 12 4.19 0.20 6.67
N PHE A 13 4.08 0.88 5.52
CA PHE A 13 5.22 1.20 4.59
C PHE A 13 5.33 2.75 4.43
N THR A 14 6.48 3.16 3.90
CA THR A 14 6.64 4.46 3.22
C THR A 14 5.63 4.58 2.08
N ALA A 15 5.09 5.74 1.74
CA ALA A 15 4.12 5.96 0.63
C ALA A 15 4.59 7.04 -0.39
N LEU A 16 3.99 7.06 -1.55
CA LEU A 16 4.55 7.55 -2.85
C LEU A 16 3.94 8.88 -3.33
N THR A 17 4.69 9.94 -3.26
CA THR A 17 4.35 11.25 -3.79
C THR A 17 4.27 11.20 -5.38
N GLN A 18 3.06 11.51 -5.93
CA GLN A 18 2.72 11.84 -7.35
C GLN A 18 3.50 13.00 -7.97
N HIS A 19 4.17 12.79 -9.11
CA HIS A 19 4.90 13.79 -9.96
C HIS A 19 4.48 13.68 -11.47
N GLY A 20 3.68 12.67 -11.78
CA GLY A 20 2.89 12.54 -13.06
C GLY A 20 1.40 12.96 -12.90
N LYS A 21 0.43 12.27 -13.53
CA LYS A 21 -1.03 12.43 -13.28
C LYS A 21 -1.72 11.03 -13.25
N GLU A 22 -1.22 10.08 -14.08
CA GLU A 22 -1.58 8.68 -14.17
C GLU A 22 -1.34 8.00 -12.79
N ASP A 23 -2.28 7.13 -12.35
CA ASP A 23 -2.24 6.58 -11.03
C ASP A 23 -1.21 5.38 -10.93
N LEU A 24 -0.91 4.93 -9.71
CA LEU A 24 0.04 3.83 -9.47
C LEU A 24 -0.53 2.49 -9.86
N LYS A 25 -0.85 2.31 -11.15
CA LYS A 25 -1.44 1.04 -11.65
C LYS A 25 -0.43 -0.10 -11.80
N PHE A 26 -0.95 -1.32 -11.61
CA PHE A 26 -0.11 -2.50 -11.74
C PHE A 26 -0.85 -3.62 -12.61
N PRO A 27 -0.64 -3.65 -13.96
CA PRO A 27 -1.36 -4.55 -14.88
C PRO A 27 -1.27 -5.97 -14.38
N ARG A 28 -2.37 -6.76 -14.67
CA ARG A 28 -2.56 -8.09 -14.14
C ARG A 28 -2.49 -8.24 -12.60
N GLY A 29 -2.38 -7.15 -11.84
CA GLY A 29 -2.09 -7.03 -10.41
C GLY A 29 -0.80 -7.69 -9.98
N GLN A 30 0.15 -7.89 -10.91
CA GLN A 30 1.58 -8.11 -10.59
C GLN A 30 2.17 -6.75 -10.04
N GLY A 31 2.45 -6.65 -8.69
CA GLY A 31 2.83 -5.45 -7.95
C GLY A 31 2.96 -5.67 -6.45
N VAL A 32 3.24 -6.89 -5.89
CA VAL A 32 3.44 -7.01 -4.43
C VAL A 32 4.88 -6.62 -4.03
N PRO A 33 5.15 -5.63 -3.12
CA PRO A 33 6.53 -5.25 -2.75
C PRO A 33 7.14 -6.22 -1.71
N ILE A 34 8.41 -6.05 -1.39
CA ILE A 34 9.12 -6.82 -0.42
C ILE A 34 8.72 -6.63 1.09
N ASN A 35 8.65 -7.74 1.81
CA ASN A 35 8.65 -7.74 3.29
C ASN A 35 9.10 -9.14 3.84
N THR A 36 10.31 -9.27 4.33
CA THR A 36 11.07 -10.44 4.83
C THR A 36 10.55 -10.93 6.23
N ASN A 37 9.80 -10.08 6.90
CA ASN A 37 9.04 -10.45 8.14
C ASN A 37 7.67 -11.12 7.85
N SER A 38 7.40 -11.63 6.65
CA SER A 38 6.08 -12.30 6.22
C SER A 38 6.50 -13.40 5.21
N SER A 39 5.62 -14.19 4.71
CA SER A 39 5.87 -15.44 3.97
C SER A 39 5.13 -15.47 2.68
N PRO A 40 5.13 -16.57 1.91
CA PRO A 40 4.47 -16.51 0.59
C PRO A 40 2.95 -16.49 0.69
N ASP A 41 2.37 -17.11 1.73
CA ASP A 41 0.95 -17.14 1.93
C ASP A 41 0.29 -15.68 2.07
N ASP A 42 1.06 -14.70 2.48
CA ASP A 42 0.59 -13.39 2.85
C ASP A 42 0.59 -12.40 1.71
N GLN A 43 1.29 -12.71 0.61
CA GLN A 43 1.63 -11.85 -0.53
C GLN A 43 0.49 -11.51 -1.56
N ILE A 44 -0.61 -10.99 -1.02
CA ILE A 44 -1.72 -10.38 -1.77
C ILE A 44 -2.26 -9.21 -0.94
N GLY A 45 -2.75 -8.17 -1.59
CA GLY A 45 -3.19 -6.90 -1.01
C GLY A 45 -3.53 -5.87 -2.11
N TYR A 46 -3.50 -4.59 -1.73
CA TYR A 46 -3.93 -3.43 -2.48
C TYR A 46 -3.14 -2.12 -2.25
N TYR A 47 -3.20 -1.13 -3.18
CA TYR A 47 -2.91 0.28 -3.07
C TYR A 47 -4.25 1.14 -3.02
N ARG A 48 -4.19 2.30 -2.44
CA ARG A 48 -5.26 3.31 -2.46
C ARG A 48 -4.66 4.69 -2.50
N ARG A 49 -5.33 5.64 -3.17
CA ARG A 49 -4.99 7.12 -3.19
C ARG A 49 -5.08 7.84 -1.83
N ALA A 50 -4.34 8.93 -1.67
CA ALA A 50 -4.52 10.04 -0.71
C ALA A 50 -4.44 11.42 -1.40
N THR A 51 -5.49 12.27 -1.24
CA THR A 51 -5.64 13.68 -1.76
C THR A 51 -5.62 14.74 -0.70
N ARG A 52 -5.86 14.34 0.60
CA ARG A 52 -5.83 15.24 1.78
C ARG A 52 -6.65 16.52 1.55
N ARG A 53 -7.83 16.42 0.93
CA ARG A 53 -8.79 17.44 0.48
C ARG A 53 -9.78 17.67 1.63
N ILE A 54 -9.99 16.68 2.47
CA ILE A 54 -10.81 16.68 3.75
C ILE A 54 -12.30 16.83 3.53
N ARG A 55 -13.16 16.47 4.50
CA ARG A 55 -14.63 16.52 4.49
C ARG A 55 -15.10 17.08 5.82
N GLY A 56 -15.07 18.43 5.93
CA GLY A 56 -15.56 19.23 7.07
C GLY A 56 -14.72 19.11 8.33
N GLY A 57 -13.38 19.23 8.11
CA GLY A 57 -12.43 18.95 9.13
C GLY A 57 -12.24 17.40 9.35
N ASP A 58 -11.80 17.02 10.53
CA ASP A 58 -11.15 15.75 10.95
C ASP A 58 -9.71 15.54 10.34
N GLY A 59 -9.21 16.46 9.48
CA GLY A 59 -7.81 16.46 9.02
C GLY A 59 -7.18 17.80 8.50
N LYS A 60 -5.83 17.98 8.58
CA LYS A 60 -5.10 19.17 7.97
C LYS A 60 -5.02 19.18 6.38
N MET A 61 -5.42 20.28 5.75
CA MET A 61 -5.17 20.63 4.32
C MET A 61 -3.78 21.29 4.27
N LYS A 62 -2.83 20.86 3.41
CA LYS A 62 -1.44 21.45 3.20
C LYS A 62 -1.21 21.94 1.71
N ASP A 63 -2.15 21.67 0.78
CA ASP A 63 -2.09 22.04 -0.66
C ASP A 63 -0.83 21.35 -1.25
N LEU A 64 -0.91 20.03 -1.27
CA LEU A 64 0.12 19.07 -1.74
C LEU A 64 -0.36 18.26 -2.98
N SER A 65 0.63 17.70 -3.76
CA SER A 65 0.32 16.65 -4.74
C SER A 65 -0.26 15.39 -4.14
N PRO A 66 -0.98 14.48 -4.86
CA PRO A 66 -1.47 13.21 -4.29
C PRO A 66 -0.38 12.23 -3.87
N ARG A 67 -0.71 11.29 -2.98
CA ARG A 67 0.19 10.24 -2.42
C ARG A 67 -0.63 8.93 -2.46
N TRP A 68 0.13 7.79 -2.58
CA TRP A 68 -0.42 6.41 -2.70
C TRP A 68 0.14 5.44 -1.63
N TYR A 69 -0.78 4.66 -1.07
CA TYR A 69 -0.58 3.89 0.20
C TYR A 69 -0.81 2.41 0.02
N PHE A 70 0.11 1.56 0.49
CA PHE A 70 0.01 0.09 0.23
C PHE A 70 -0.51 -0.58 1.47
N TYR A 71 -1.27 -1.64 1.20
CA TYR A 71 -1.97 -2.44 2.25
C TYR A 71 -2.07 -3.94 1.94
N TYR A 72 -2.16 -4.94 2.83
CA TYR A 72 -2.47 -6.39 2.51
C TYR A 72 -4.05 -6.71 2.51
N LEU A 73 -4.36 -7.91 1.96
CA LEU A 73 -5.71 -8.41 1.93
C LEU A 73 -6.35 -8.46 3.30
N GLY A 74 -7.48 -7.81 3.45
CA GLY A 74 -8.19 -7.91 4.74
C GLY A 74 -7.51 -7.07 5.83
N THR A 75 -6.75 -6.00 5.47
CA THR A 75 -6.09 -5.10 6.39
C THR A 75 -6.41 -3.67 5.92
N GLY A 76 -6.09 -2.69 6.72
CA GLY A 76 -6.22 -1.29 6.32
C GLY A 76 -7.67 -0.76 6.48
N PRO A 77 -8.00 0.46 5.94
CA PRO A 77 -9.30 1.08 5.96
C PRO A 77 -10.31 0.43 4.98
N GLU A 78 -9.90 -0.22 3.90
CA GLU A 78 -10.76 -1.08 2.92
C GLU A 78 -10.55 -2.60 3.24
N ALA A 79 -10.31 -3.00 4.47
CA ALA A 79 -10.25 -4.43 4.84
C ALA A 79 -11.52 -5.31 4.51
N GLY A 80 -12.68 -4.67 4.38
CA GLY A 80 -13.96 -5.27 4.12
C GLY A 80 -14.16 -5.80 2.72
N LEU A 81 -13.29 -5.36 1.80
CA LEU A 81 -13.26 -5.76 0.41
C LEU A 81 -12.60 -7.09 0.26
N PRO A 82 -13.15 -8.14 -0.37
CA PRO A 82 -12.39 -9.29 -0.79
C PRO A 82 -11.42 -8.89 -1.92
N TYR A 83 -10.58 -9.82 -2.39
CA TYR A 83 -9.72 -9.65 -3.53
C TYR A 83 -10.49 -9.29 -4.76
N GLY A 84 -10.00 -8.31 -5.61
CA GLY A 84 -10.56 -7.95 -6.92
C GLY A 84 -11.87 -7.18 -6.92
N ALA A 85 -12.36 -6.79 -5.73
CA ALA A 85 -13.58 -5.98 -5.61
C ALA A 85 -13.35 -4.52 -6.10
N ASN A 86 -14.34 -4.09 -6.89
CA ASN A 86 -14.33 -2.83 -7.54
C ASN A 86 -14.60 -1.67 -6.52
N LYS A 87 -13.60 -0.87 -6.18
CA LYS A 87 -13.75 0.31 -5.32
C LYS A 87 -12.92 1.49 -5.90
N ASP A 88 -13.53 2.65 -6.16
CA ASP A 88 -12.98 3.84 -6.88
C ASP A 88 -11.72 4.40 -6.07
N GLY A 89 -10.55 4.21 -6.60
CA GLY A 89 -9.21 4.71 -6.13
C GLY A 89 -8.43 3.62 -5.44
N ILE A 90 -8.86 2.36 -5.62
CA ILE A 90 -8.14 1.11 -5.09
C ILE A 90 -7.57 0.32 -6.28
N ILE A 91 -6.26 0.13 -6.38
CA ILE A 91 -5.57 -0.85 -7.25
C ILE A 91 -5.08 -2.16 -6.54
N TRP A 92 -5.53 -3.33 -6.94
CA TRP A 92 -5.27 -4.72 -6.42
C TRP A 92 -3.93 -5.45 -6.85
N VAL A 93 -3.14 -6.16 -5.99
CA VAL A 93 -1.91 -6.85 -6.31
C VAL A 93 -1.77 -8.22 -5.63
N ALA A 94 -1.46 -9.30 -6.33
CA ALA A 94 -1.56 -10.73 -5.90
C ALA A 94 -0.27 -11.48 -6.32
N THR A 95 -0.09 -12.71 -5.75
CA THR A 95 0.95 -13.68 -6.17
C THR A 95 0.29 -15.07 -6.20
N GLU A 96 0.81 -16.01 -7.05
CA GLU A 96 0.16 -17.30 -7.21
C GLU A 96 0.30 -18.15 -5.96
N GLY A 97 1.35 -17.98 -5.20
CA GLY A 97 1.71 -18.68 -3.90
C GLY A 97 0.98 -18.08 -2.66
N ALA A 98 0.14 -17.01 -2.80
CA ALA A 98 -0.56 -16.39 -1.68
C ALA A 98 -1.86 -17.22 -1.36
N LEU A 99 -2.35 -17.12 -0.14
CA LEU A 99 -3.67 -17.61 0.27
C LEU A 99 -4.67 -16.46 0.21
N ASN A 100 -5.96 -16.73 -0.19
CA ASN A 100 -7.07 -15.78 -0.21
C ASN A 100 -7.65 -15.47 1.21
N THR A 101 -6.87 -15.60 2.29
CA THR A 101 -7.33 -15.47 3.68
C THR A 101 -7.11 -13.97 4.01
N PRO A 102 -7.83 -13.45 5.06
CA PRO A 102 -7.58 -12.08 5.53
C PRO A 102 -6.32 -12.19 6.43
N LYS A 103 -5.43 -11.22 6.42
CA LYS A 103 -4.12 -11.26 7.15
C LYS A 103 -4.36 -10.70 8.59
N ASP A 104 -5.00 -11.41 9.54
CA ASP A 104 -5.53 -10.89 10.83
C ASP A 104 -4.43 -10.31 11.79
N HIS A 105 -3.26 -10.92 11.87
CA HIS A 105 -2.15 -10.51 12.76
C HIS A 105 -1.67 -9.12 12.27
N ILE A 106 -1.22 -8.98 10.97
CA ILE A 106 -0.83 -7.72 10.26
C ILE A 106 -2.01 -6.63 10.10
N GLY A 107 -3.20 -7.16 10.15
CA GLY A 107 -4.44 -6.39 10.33
C GLY A 107 -4.89 -6.00 11.75
N THR A 108 -4.26 -6.38 12.83
CA THR A 108 -4.63 -6.00 14.19
C THR A 108 -3.41 -5.46 14.99
N ARG A 109 -2.20 -5.99 14.77
CA ARG A 109 -0.94 -5.64 15.49
C ARG A 109 -0.50 -4.21 15.10
N ASN A 110 0.15 -3.55 16.12
CA ASN A 110 0.73 -2.12 15.99
C ASN A 110 1.51 -1.93 14.61
N PRO A 111 1.20 -1.02 13.71
CA PRO A 111 1.99 -0.79 12.45
C PRO A 111 3.18 0.14 12.56
N ALA A 112 3.26 0.94 13.66
CA ALA A 112 4.11 2.09 13.74
C ALA A 112 5.14 2.07 14.88
N ASN A 113 5.32 0.95 15.57
CA ASN A 113 6.42 0.82 16.60
C ASN A 113 7.84 0.78 16.03
N ASN A 114 8.00 0.56 14.74
CA ASN A 114 9.28 0.64 14.04
C ASN A 114 9.12 1.59 12.84
N ALA A 115 10.15 1.99 12.11
CA ALA A 115 10.11 2.74 10.85
C ALA A 115 9.13 2.15 9.77
N ALA A 116 8.50 3.01 9.04
CA ALA A 116 7.57 2.73 7.94
C ALA A 116 8.28 2.01 6.81
N ILE A 117 8.02 0.74 6.60
CA ILE A 117 8.81 -0.25 5.87
C ILE A 117 9.12 0.34 4.46
N VAL A 118 10.37 0.25 4.09
CA VAL A 118 10.88 0.54 2.71
C VAL A 118 10.18 -0.20 1.59
N LEU A 119 9.22 0.49 0.94
CA LEU A 119 8.49 -0.04 -0.19
C LEU A 119 9.41 -0.05 -1.42
N GLN A 120 9.70 -1.26 -1.90
CA GLN A 120 10.56 -1.62 -3.07
C GLN A 120 9.99 -2.90 -3.67
N LEU A 121 10.03 -3.11 -4.96
CA LEU A 121 9.54 -4.39 -5.61
C LEU A 121 10.65 -5.53 -5.67
N PRO A 122 10.29 -6.87 -5.69
CA PRO A 122 11.24 -7.91 -6.14
C PRO A 122 12.10 -7.65 -7.39
N GLN A 123 13.20 -8.42 -7.49
CA GLN A 123 14.16 -8.41 -8.58
C GLN A 123 14.74 -6.97 -8.78
N GLY A 124 14.62 -6.08 -7.82
CA GLY A 124 15.06 -4.68 -7.92
C GLY A 124 14.22 -3.86 -8.92
N THR A 125 13.04 -4.30 -9.29
CA THR A 125 12.26 -3.75 -10.39
C THR A 125 11.87 -2.33 -10.02
N THR A 126 12.22 -1.34 -10.86
CA THR A 126 12.17 0.06 -10.41
C THR A 126 10.66 0.50 -10.35
N LEU A 127 10.28 1.25 -9.27
CA LEU A 127 8.89 1.94 -9.16
C LEU A 127 8.76 3.07 -10.24
N PRO A 128 7.59 3.49 -10.73
CA PRO A 128 7.34 4.41 -11.81
C PRO A 128 8.03 5.80 -11.64
N LYS A 129 8.62 6.35 -12.69
CA LYS A 129 9.32 7.65 -12.55
C LYS A 129 8.36 8.83 -12.46
N GLY A 130 7.11 8.61 -12.85
CA GLY A 130 5.95 9.54 -12.58
C GLY A 130 5.75 9.72 -11.06
N PHE A 131 6.37 8.96 -10.17
CA PHE A 131 6.30 9.10 -8.69
C PHE A 131 7.72 9.41 -8.07
N TYR A 132 7.64 10.02 -6.84
CA TYR A 132 8.74 10.16 -5.89
C TYR A 132 8.56 9.13 -4.67
N ALA A 133 9.67 8.44 -4.22
CA ALA A 133 9.70 7.20 -3.48
C ALA A 133 11.06 7.06 -2.68
N GLU A 134 11.27 5.91 -2.07
CA GLU A 134 12.63 5.35 -1.65
C GLU A 134 13.39 4.85 -2.88
N GLY A 135 14.73 4.88 -2.78
CA GLY A 135 15.66 4.46 -3.85
C GLY A 135 15.76 5.40 -5.11
N SER A 136 16.66 5.07 -6.00
CA SER A 136 16.83 5.63 -7.37
C SER A 136 17.05 7.13 -7.26
N ARG A 137 17.78 7.48 -6.24
CA ARG A 137 18.18 8.86 -5.92
C ARG A 137 19.18 9.50 -6.86
N GLY A 138 19.90 8.74 -7.67
CA GLY A 138 21.10 9.03 -8.56
C GLY A 138 22.25 9.66 -7.75
N GLY A 139 23.20 10.29 -8.46
CA GLY A 139 24.41 10.83 -7.80
C GLY A 139 25.59 9.86 -7.83
N SER A 140 26.72 9.97 -7.05
CA SER A 140 27.14 11.19 -6.35
C SER A 140 28.53 11.70 -6.85
N GLY A 4 -9.80 -11.07 19.41
CA GLY A 4 -9.13 -10.41 18.29
C GLY A 4 -9.24 -8.92 18.30
N LEU A 5 -8.03 -8.30 18.33
CA LEU A 5 -7.83 -6.86 18.54
C LEU A 5 -8.42 -5.90 17.47
N PRO A 6 -8.65 -4.61 17.79
CA PRO A 6 -9.20 -3.64 16.76
C PRO A 6 -8.33 -3.24 15.62
N ASN A 7 -8.93 -2.89 14.45
CA ASN A 7 -8.23 -2.54 13.18
C ASN A 7 -7.35 -1.28 13.40
N ASN A 8 -6.05 -1.50 13.36
CA ASN A 8 -4.99 -0.48 13.37
C ASN A 8 -5.15 0.51 12.16
N THR A 9 -5.99 0.28 11.12
CA THR A 9 -6.19 0.94 9.81
C THR A 9 -4.96 1.29 8.95
N ALA A 10 -3.93 1.98 9.53
CA ALA A 10 -2.71 2.55 8.98
C ALA A 10 -1.82 1.49 8.35
N SER A 11 -1.03 1.93 7.41
CA SER A 11 -0.04 1.13 6.58
C SER A 11 1.35 0.87 7.26
N TRP A 12 1.85 -0.32 7.13
CA TRP A 12 3.20 -0.69 7.71
C TRP A 12 4.39 -0.08 6.81
N PHE A 13 4.13 0.26 5.52
CA PHE A 13 5.11 0.86 4.59
C PHE A 13 5.17 2.39 4.64
N THR A 14 6.17 2.95 3.91
CA THR A 14 6.26 4.36 3.57
C THR A 14 5.21 4.74 2.52
N ALA A 15 5.08 6.07 2.21
CA ALA A 15 4.11 6.58 1.16
C ALA A 15 4.78 7.30 -0.05
N LEU A 16 4.39 6.97 -1.26
CA LEU A 16 4.71 7.60 -2.59
C LEU A 16 4.03 9.01 -2.75
N THR A 17 4.51 9.78 -3.72
CA THR A 17 3.85 11.03 -4.19
C THR A 17 3.63 11.11 -5.74
N GLN A 18 2.38 11.45 -6.23
CA GLN A 18 2.08 11.68 -7.69
C GLN A 18 2.82 12.98 -8.26
N HIS A 19 3.15 12.98 -9.54
CA HIS A 19 3.78 14.07 -10.23
C HIS A 19 3.45 14.12 -11.75
N GLY A 20 2.99 13.00 -12.37
CA GLY A 20 2.24 12.89 -13.64
C GLY A 20 0.72 13.15 -13.50
N LYS A 21 -0.12 12.20 -13.97
CA LYS A 21 -1.60 12.24 -13.78
C LYS A 21 -2.30 10.85 -13.86
N GLU A 22 -1.66 9.86 -14.51
CA GLU A 22 -2.03 8.40 -14.52
C GLU A 22 -1.82 7.67 -13.20
N ASP A 23 -2.78 6.79 -12.87
CA ASP A 23 -2.89 5.96 -11.64
C ASP A 23 -1.75 4.88 -11.43
N LEU A 24 -1.58 4.30 -10.25
CA LEU A 24 -0.52 3.38 -9.97
C LEU A 24 -0.82 1.91 -10.43
N LYS A 25 -1.21 1.84 -11.71
CA LYS A 25 -1.74 0.60 -12.36
C LYS A 25 -0.75 -0.54 -12.20
N PHE A 26 -1.23 -1.78 -11.90
CA PHE A 26 -0.41 -3.01 -11.97
C PHE A 26 -1.03 -4.16 -12.79
N PRO A 27 -0.33 -4.81 -13.78
CA PRO A 27 -0.87 -5.76 -14.71
C PRO A 27 -0.91 -7.14 -14.09
N ARG A 28 -2.00 -7.91 -14.26
CA ARG A 28 -2.29 -9.24 -13.55
C ARG A 28 -2.06 -9.27 -12.07
N GLY A 29 -2.11 -8.12 -11.41
CA GLY A 29 -1.81 -8.11 -9.99
C GLY A 29 -0.29 -8.33 -9.71
N GLN A 30 0.58 -8.35 -10.72
CA GLN A 30 2.02 -8.50 -10.60
C GLN A 30 2.67 -7.29 -9.87
N GLY A 31 2.54 -7.07 -8.54
CA GLY A 31 3.21 -6.03 -7.87
C GLY A 31 3.10 -5.91 -6.35
N VAL A 32 2.99 -7.02 -5.58
CA VAL A 32 3.01 -6.97 -4.12
C VAL A 32 4.46 -6.70 -3.60
N PRO A 33 4.71 -5.61 -2.87
CA PRO A 33 6.08 -5.21 -2.45
C PRO A 33 6.92 -6.22 -1.52
N ILE A 34 8.20 -5.97 -1.52
CA ILE A 34 9.21 -6.68 -0.80
C ILE A 34 9.11 -6.33 0.69
N ASN A 35 9.11 -7.33 1.50
CA ASN A 35 9.17 -7.33 3.04
C ASN A 35 9.51 -8.79 3.44
N THR A 36 10.79 -9.14 3.62
CA THR A 36 11.15 -10.58 3.89
C THR A 36 10.67 -11.09 5.27
N ASN A 37 10.37 -10.22 6.27
CA ASN A 37 9.80 -10.64 7.50
C ASN A 37 8.46 -11.44 7.38
N SER A 38 7.47 -10.95 6.63
CA SER A 38 6.18 -11.60 6.24
C SER A 38 6.21 -12.97 5.46
N SER A 39 5.10 -13.76 5.63
CA SER A 39 5.07 -15.10 5.11
C SER A 39 4.77 -15.03 3.54
N PRO A 40 5.29 -15.91 2.69
CA PRO A 40 4.81 -16.18 1.29
C PRO A 40 3.23 -16.37 1.20
N ASP A 41 2.62 -16.96 2.24
CA ASP A 41 1.22 -17.13 2.36
C ASP A 41 0.55 -15.76 2.43
N ASP A 42 1.12 -14.78 3.11
CA ASP A 42 0.54 -13.49 3.23
C ASP A 42 0.43 -12.70 1.90
N GLN A 43 1.15 -12.99 0.81
CA GLN A 43 1.52 -11.97 -0.17
C GLN A 43 0.45 -11.71 -1.23
N ILE A 44 -0.53 -10.89 -0.79
CA ILE A 44 -1.70 -10.49 -1.50
C ILE A 44 -2.34 -9.22 -0.82
N GLY A 45 -2.63 -8.21 -1.63
CA GLY A 45 -2.95 -6.86 -1.17
C GLY A 45 -3.43 -5.85 -2.25
N TYR A 46 -3.25 -4.53 -1.91
CA TYR A 46 -3.77 -3.38 -2.72
C TYR A 46 -3.07 -2.07 -2.40
N TYR A 47 -2.94 -1.24 -3.45
CA TYR A 47 -2.64 0.22 -3.28
C TYR A 47 -3.92 1.09 -3.37
N ARG A 48 -3.97 2.11 -2.54
CA ARG A 48 -4.98 3.16 -2.56
C ARG A 48 -4.26 4.49 -2.63
N ARG A 49 -4.89 5.42 -3.39
CA ARG A 49 -4.61 6.85 -3.35
C ARG A 49 -4.69 7.51 -1.97
N ALA A 50 -4.32 8.82 -1.88
CA ALA A 50 -4.47 9.72 -0.69
C ALA A 50 -4.43 11.18 -1.16
N THR A 51 -5.26 12.10 -0.64
CA THR A 51 -5.38 13.49 -1.03
C THR A 51 -5.25 14.46 0.15
N ARG A 52 -5.47 14.03 1.39
CA ARG A 52 -5.48 14.87 2.64
C ARG A 52 -6.30 16.14 2.37
N ARG A 53 -7.51 16.03 1.81
CA ARG A 53 -8.40 17.10 1.50
C ARG A 53 -9.48 17.26 2.64
N ILE A 54 -9.57 16.33 3.61
CA ILE A 54 -10.49 16.42 4.77
C ILE A 54 -12.05 16.37 4.39
N ARG A 55 -12.88 16.00 5.32
CA ARG A 55 -14.34 16.13 5.20
C ARG A 55 -14.86 16.57 6.53
N GLY A 56 -14.30 17.70 7.01
CA GLY A 56 -14.79 18.53 8.13
C GLY A 56 -14.03 18.38 9.44
N GLY A 57 -13.02 17.47 9.52
CA GLY A 57 -12.39 17.16 10.82
C GLY A 57 -11.35 16.05 10.74
N ASP A 58 -10.91 15.69 11.95
CA ASP A 58 -9.92 14.61 12.24
C ASP A 58 -8.54 14.72 11.50
N GLY A 59 -8.32 15.89 10.92
CA GLY A 59 -6.99 16.19 10.32
C GLY A 59 -6.83 17.61 9.84
N LYS A 60 -5.61 17.72 9.31
CA LYS A 60 -5.04 19.02 8.80
C LYS A 60 -4.76 18.97 7.30
N MET A 61 -4.93 20.12 6.65
CA MET A 61 -4.62 20.34 5.21
C MET A 61 -3.18 20.73 4.98
N LYS A 62 -2.64 20.37 3.81
CA LYS A 62 -1.25 20.67 3.37
C LYS A 62 -1.10 21.10 1.90
N ASP A 63 -2.20 21.00 1.15
CA ASP A 63 -2.34 21.59 -0.22
C ASP A 63 -1.26 21.15 -1.29
N LEU A 64 -0.94 19.82 -1.22
CA LEU A 64 0.06 19.12 -2.00
C LEU A 64 -0.47 18.01 -2.95
N SER A 65 0.34 17.56 -3.90
CA SER A 65 -0.05 16.52 -4.83
C SER A 65 -0.43 15.19 -4.11
N PRO A 66 -1.41 14.37 -4.68
CA PRO A 66 -1.87 13.10 -4.16
C PRO A 66 -0.76 12.06 -3.88
N ARG A 67 -0.83 11.45 -2.68
CA ARG A 67 0.04 10.30 -2.22
C ARG A 67 -0.58 8.91 -2.44
N TRP A 68 0.18 7.84 -2.22
CA TRP A 68 -0.23 6.45 -2.38
C TRP A 68 0.45 5.49 -1.34
N TYR A 69 -0.37 4.57 -0.85
CA TYR A 69 0.08 3.65 0.16
C TYR A 69 -0.27 2.20 -0.32
N PHE A 70 0.27 1.22 0.43
CA PHE A 70 0.02 -0.26 0.32
C PHE A 70 -0.69 -0.90 1.56
N TYR A 71 -1.66 -1.78 1.33
CA TYR A 71 -2.39 -2.56 2.34
C TYR A 71 -2.51 -4.10 1.91
N TYR A 72 -2.44 -5.02 2.79
CA TYR A 72 -2.67 -6.47 2.45
C TYR A 72 -4.19 -6.75 2.57
N LEU A 73 -4.60 -7.90 2.07
CA LEU A 73 -5.97 -8.34 1.96
C LEU A 73 -6.57 -8.50 3.36
N GLY A 74 -7.79 -8.09 3.63
CA GLY A 74 -8.43 -8.17 4.95
C GLY A 74 -8.16 -6.95 5.90
N THR A 75 -7.16 -6.18 5.48
CA THR A 75 -6.55 -5.15 6.28
C THR A 75 -6.64 -3.74 5.73
N GLY A 76 -6.21 -2.81 6.57
CA GLY A 76 -6.12 -1.44 6.07
C GLY A 76 -7.47 -0.67 6.25
N PRO A 77 -7.57 0.54 5.62
CA PRO A 77 -8.86 1.31 5.56
C PRO A 77 -9.99 0.55 4.88
N GLU A 78 -9.62 -0.16 3.80
CA GLU A 78 -10.60 -0.93 3.01
C GLU A 78 -10.68 -2.45 3.45
N ALA A 79 -10.66 -2.68 4.76
CA ALA A 79 -10.63 -3.99 5.50
C ALA A 79 -11.76 -5.00 5.10
N GLY A 80 -12.86 -4.42 4.61
CA GLY A 80 -14.08 -5.11 4.15
C GLY A 80 -14.09 -5.55 2.70
N LEU A 81 -13.17 -5.04 1.83
CA LEU A 81 -13.10 -5.38 0.40
C LEU A 81 -12.60 -6.83 0.13
N PRO A 82 -13.31 -7.50 -0.81
CA PRO A 82 -12.80 -8.80 -1.35
C PRO A 82 -11.88 -8.64 -2.56
N TYR A 83 -10.99 -9.66 -2.85
CA TYR A 83 -9.92 -9.44 -3.88
C TYR A 83 -10.47 -9.16 -5.26
N GLY A 84 -10.09 -8.10 -6.02
CA GLY A 84 -10.49 -7.80 -7.34
C GLY A 84 -11.86 -7.16 -7.58
N ALA A 85 -12.41 -6.54 -6.56
CA ALA A 85 -13.50 -5.53 -6.71
C ALA A 85 -13.08 -4.23 -7.42
N ASN A 86 -13.98 -3.45 -8.05
CA ASN A 86 -13.61 -2.28 -8.84
C ASN A 86 -13.89 -1.00 -8.03
N LYS A 87 -13.55 -0.89 -6.73
CA LYS A 87 -13.70 0.37 -5.99
C LYS A 87 -12.89 1.53 -6.60
N ASP A 88 -13.37 2.76 -6.72
CA ASP A 88 -12.68 3.96 -7.23
C ASP A 88 -11.38 4.31 -6.45
N GLY A 89 -10.22 4.31 -7.15
CA GLY A 89 -8.98 4.73 -6.53
C GLY A 89 -8.16 3.67 -5.78
N ILE A 90 -8.42 2.41 -6.07
CA ILE A 90 -7.86 1.11 -5.51
C ILE A 90 -7.33 0.28 -6.74
N ILE A 91 -6.00 -0.05 -6.68
CA ILE A 91 -5.35 -1.14 -7.54
C ILE A 91 -4.92 -2.36 -6.76
N TRP A 92 -5.49 -3.53 -7.10
CA TRP A 92 -5.12 -4.87 -6.50
C TRP A 92 -3.80 -5.50 -6.99
N VAL A 93 -3.07 -6.14 -6.11
CA VAL A 93 -1.88 -7.01 -6.40
C VAL A 93 -1.86 -8.27 -5.56
N ALA A 94 -1.28 -9.30 -6.19
CA ALA A 94 -1.12 -10.63 -5.69
C ALA A 94 0.22 -11.31 -6.02
N THR A 95 0.41 -12.58 -5.57
CA THR A 95 1.43 -13.57 -6.04
C THR A 95 0.87 -15.02 -6.03
N GLU A 96 1.50 -15.91 -6.78
CA GLU A 96 1.00 -17.25 -7.01
C GLU A 96 0.90 -18.03 -5.65
N GLY A 97 1.99 -18.00 -4.97
CA GLY A 97 2.16 -18.86 -3.78
C GLY A 97 1.29 -18.48 -2.57
N ALA A 98 0.59 -17.38 -2.67
CA ALA A 98 -0.13 -16.68 -1.57
C ALA A 98 -1.51 -17.31 -1.15
N LEU A 99 -2.07 -17.08 0.04
CA LEU A 99 -3.32 -17.66 0.47
C LEU A 99 -4.56 -16.73 0.27
N ASN A 100 -5.63 -17.31 -0.25
CA ASN A 100 -7.04 -16.79 -0.41
C ASN A 100 -7.68 -16.53 1.03
N THR A 101 -7.08 -15.68 1.84
CA THR A 101 -7.44 -15.48 3.30
C THR A 101 -7.16 -14.09 3.79
N PRO A 102 -7.86 -13.61 4.79
CA PRO A 102 -7.67 -12.32 5.40
C PRO A 102 -6.37 -12.26 6.26
N LYS A 103 -5.75 -11.12 6.29
CA LYS A 103 -4.39 -10.99 6.90
C LYS A 103 -4.61 -10.07 8.12
N ASP A 104 -5.61 -10.34 8.94
CA ASP A 104 -6.07 -9.66 10.18
C ASP A 104 -4.96 -9.50 11.24
N HIS A 105 -3.95 -10.35 11.34
CA HIS A 105 -2.85 -10.10 12.24
C HIS A 105 -2.12 -8.79 11.87
N ILE A 106 -1.70 -8.59 10.61
CA ILE A 106 -1.12 -7.30 10.11
C ILE A 106 -2.15 -6.10 10.22
N GLY A 107 -3.43 -6.50 10.18
CA GLY A 107 -4.58 -5.60 10.28
C GLY A 107 -4.77 -4.95 11.73
N THR A 108 -4.13 -5.37 12.81
CA THR A 108 -4.62 -5.08 14.19
C THR A 108 -3.48 -4.92 15.25
N ARG A 109 -2.33 -5.60 15.05
CA ARG A 109 -1.10 -5.41 15.80
C ARG A 109 -0.40 -4.11 15.44
N ASN A 110 0.59 -3.75 16.25
CA ASN A 110 0.97 -2.32 16.30
C ASN A 110 1.74 -1.95 15.04
N PRO A 111 1.25 -1.12 14.04
CA PRO A 111 1.74 -0.93 12.66
C PRO A 111 3.02 -0.02 12.68
N ALA A 112 3.34 0.58 13.84
CA ALA A 112 4.57 1.39 14.08
C ALA A 112 5.18 1.19 15.42
N ASN A 113 5.28 -0.03 15.86
CA ASN A 113 6.26 -0.43 16.86
C ASN A 113 7.70 -0.36 16.30
N ASN A 114 7.99 -1.16 15.28
CA ASN A 114 9.14 -0.89 14.41
C ASN A 114 8.82 0.15 13.32
N ALA A 115 9.83 0.89 12.81
CA ALA A 115 9.60 1.93 11.85
C ALA A 115 9.03 1.49 10.43
N ALA A 116 8.43 2.46 9.69
CA ALA A 116 7.99 2.27 8.27
C ALA A 116 8.89 1.42 7.40
N ILE A 117 8.30 0.39 6.78
CA ILE A 117 8.99 -0.41 5.79
C ILE A 117 9.10 0.36 4.42
N VAL A 118 10.26 0.38 3.76
CA VAL A 118 10.47 1.07 2.49
C VAL A 118 9.53 0.42 1.44
N LEU A 119 8.69 1.22 0.76
CA LEU A 119 7.75 0.73 -0.23
C LEU A 119 8.42 0.43 -1.63
N GLN A 120 8.82 -0.84 -1.99
CA GLN A 120 9.62 -1.19 -3.18
C GLN A 120 9.20 -2.58 -3.63
N LEU A 121 9.25 -2.77 -4.93
CA LEU A 121 8.91 -3.96 -5.70
C LEU A 121 10.01 -5.06 -5.87
N PRO A 122 9.61 -6.33 -5.93
CA PRO A 122 10.47 -7.50 -6.13
C PRO A 122 11.43 -7.34 -7.36
N GLN A 123 12.47 -8.19 -7.47
CA GLN A 123 13.31 -8.42 -8.64
C GLN A 123 14.01 -7.11 -9.17
N GLY A 124 14.32 -6.19 -8.26
CA GLY A 124 14.91 -4.89 -8.56
C GLY A 124 14.12 -3.98 -9.52
N THR A 125 12.77 -4.23 -9.67
CA THR A 125 11.87 -3.42 -10.42
C THR A 125 11.87 -2.03 -9.85
N THR A 126 12.02 -0.99 -10.70
CA THR A 126 11.90 0.43 -10.25
C THR A 126 10.44 0.91 -10.41
N LEU A 127 9.80 1.75 -9.50
CA LEU A 127 8.46 2.27 -9.65
C LEU A 127 8.43 3.30 -10.73
N PRO A 128 7.19 3.49 -11.36
CA PRO A 128 6.94 4.46 -12.48
C PRO A 128 7.47 5.83 -12.09
N LYS A 129 8.26 6.50 -12.94
CA LYS A 129 8.81 7.84 -12.74
C LYS A 129 7.72 8.96 -12.67
N GLY A 130 6.45 8.66 -12.88
CA GLY A 130 5.33 9.52 -12.54
C GLY A 130 5.17 9.77 -11.03
N PHE A 131 5.86 9.04 -10.16
CA PHE A 131 5.95 9.21 -8.73
C PHE A 131 7.34 9.64 -8.17
N TYR A 132 7.35 10.48 -7.14
CA TYR A 132 8.42 10.43 -6.16
C TYR A 132 8.30 9.21 -5.19
N ALA A 133 9.49 8.81 -4.68
CA ALA A 133 9.65 7.50 -4.06
C ALA A 133 10.80 7.58 -3.03
N GLU A 134 11.13 6.44 -2.34
CA GLU A 134 12.47 6.22 -1.80
C GLU A 134 13.50 5.85 -2.92
N GLY A 135 14.81 6.00 -2.67
CA GLY A 135 15.92 5.65 -3.56
C GLY A 135 16.03 6.57 -4.73
N SER A 136 16.92 6.25 -5.70
CA SER A 136 17.12 6.96 -6.96
C SER A 136 17.59 8.47 -6.77
N ARG A 137 18.41 8.69 -5.70
CA ARG A 137 18.94 10.00 -5.23
C ARG A 137 20.36 10.48 -5.75
N GLY A 138 21.06 9.60 -6.40
CA GLY A 138 22.50 9.72 -6.51
C GLY A 138 23.25 9.37 -5.22
N GLY A 139 24.53 9.70 -5.15
CA GLY A 139 25.31 9.48 -3.95
C GLY A 139 26.09 8.14 -4.00
N SER A 140 26.96 7.73 -3.02
CA SER A 140 27.29 8.38 -1.75
C SER A 140 28.27 9.59 -1.99
N GLY A 4 -13.06 -9.62 17.11
CA GLY A 4 -11.75 -9.70 17.78
C GLY A 4 -11.07 -8.38 18.12
N LEU A 5 -9.75 -8.29 17.94
CA LEU A 5 -8.97 -7.07 18.02
C LEU A 5 -9.49 -6.06 16.97
N PRO A 6 -9.38 -4.70 17.20
CA PRO A 6 -9.82 -3.69 16.15
C PRO A 6 -8.79 -3.64 14.98
N ASN A 7 -9.11 -2.77 14.01
CA ASN A 7 -8.38 -2.61 12.76
C ASN A 7 -7.21 -1.66 12.93
N ASN A 8 -5.96 -2.02 12.65
CA ASN A 8 -4.78 -1.19 12.96
C ASN A 8 -4.67 0.09 12.10
N THR A 9 -5.46 0.15 11.01
CA THR A 9 -5.63 1.35 10.11
C THR A 9 -4.34 1.95 9.40
N ALA A 10 -3.13 1.83 9.99
CA ALA A 10 -1.85 2.42 9.51
C ALA A 10 -1.10 1.49 8.48
N SER A 11 -0.33 2.05 7.53
CA SER A 11 0.50 1.33 6.56
C SER A 11 1.92 1.01 7.07
N TRP A 12 2.37 -0.26 6.80
CA TRP A 12 3.63 -0.83 7.29
C TRP A 12 4.80 -0.33 6.38
N PHE A 13 4.55 0.45 5.36
CA PHE A 13 5.52 0.80 4.29
C PHE A 13 5.71 2.34 4.13
N THR A 14 6.84 2.74 3.59
CA THR A 14 7.02 4.06 3.13
C THR A 14 6.10 4.46 1.90
N ALA A 15 5.66 5.70 1.92
CA ALA A 15 4.65 6.27 1.03
C ALA A 15 5.20 6.71 -0.37
N LEU A 16 4.35 6.96 -1.34
CA LEU A 16 4.77 7.54 -2.66
C LEU A 16 3.93 8.78 -3.04
N THR A 17 4.41 9.75 -3.84
CA THR A 17 3.72 11.01 -4.18
C THR A 17 3.54 11.01 -5.71
N GLN A 18 2.31 11.23 -6.21
CA GLN A 18 1.96 11.29 -7.61
C GLN A 18 2.76 12.43 -8.26
N HIS A 19 3.07 12.29 -9.58
CA HIS A 19 3.78 13.31 -10.31
C HIS A 19 3.17 13.53 -11.74
N GLY A 20 2.41 12.51 -12.22
CA GLY A 20 1.53 12.61 -13.39
C GLY A 20 0.09 12.80 -13.02
N LYS A 21 -0.77 11.90 -13.61
CA LYS A 21 -2.21 11.76 -13.29
C LYS A 21 -2.72 10.26 -13.31
N GLU A 22 -2.07 9.38 -14.04
CA GLU A 22 -2.32 7.93 -14.07
C GLU A 22 -2.13 7.18 -12.66
N ASP A 23 -2.98 6.28 -12.35
CA ASP A 23 -2.92 5.58 -11.05
C ASP A 23 -1.68 4.76 -10.86
N LEU A 24 -1.47 4.43 -9.57
CA LEU A 24 -0.32 3.58 -9.26
C LEU A 24 -0.49 2.09 -9.65
N LYS A 25 -0.81 1.91 -10.97
CA LYS A 25 -1.12 0.70 -11.60
C LYS A 25 -0.06 -0.37 -11.58
N PHE A 26 -0.42 -1.64 -11.78
CA PHE A 26 0.52 -2.73 -11.84
C PHE A 26 0.01 -3.77 -12.87
N PRO A 27 0.81 -4.14 -13.88
CA PRO A 27 0.48 -5.12 -14.90
C PRO A 27 -0.13 -6.43 -14.38
N ARG A 28 -1.35 -6.73 -14.76
CA ARG A 28 -2.33 -7.86 -14.30
C ARG A 28 -2.31 -8.00 -12.78
N GLY A 29 -1.95 -6.99 -11.99
CA GLY A 29 -1.91 -7.12 -10.53
C GLY A 29 -0.57 -7.71 -10.01
N GLN A 30 0.50 -7.74 -10.76
CA GLN A 30 1.81 -8.18 -10.26
C GLN A 30 2.57 -6.98 -9.66
N GLY A 31 2.77 -6.95 -8.37
CA GLY A 31 3.48 -5.91 -7.67
C GLY A 31 3.19 -5.72 -6.19
N VAL A 32 3.00 -6.86 -5.48
CA VAL A 32 3.17 -6.92 -4.03
C VAL A 32 4.62 -6.71 -3.67
N PRO A 33 4.90 -5.75 -2.78
CA PRO A 33 6.30 -5.31 -2.38
C PRO A 33 7.04 -6.37 -1.47
N ILE A 34 8.32 -6.19 -1.23
CA ILE A 34 9.15 -7.13 -0.44
C ILE A 34 8.91 -6.94 1.05
N ASN A 35 8.56 -7.95 1.83
CA ASN A 35 8.63 -7.97 3.32
C ASN A 35 9.15 -9.35 3.71
N THR A 36 10.33 -9.28 4.31
CA THR A 36 11.12 -10.49 4.54
C THR A 36 10.43 -11.24 5.68
N ASN A 37 9.63 -10.48 6.48
CA ASN A 37 8.80 -10.94 7.65
C ASN A 37 7.31 -11.07 7.33
N SER A 38 6.98 -11.57 6.13
CA SER A 38 5.73 -12.31 5.88
C SER A 38 5.93 -13.48 4.94
N SER A 39 5.14 -14.52 5.10
CA SER A 39 5.28 -15.81 4.44
C SER A 39 4.83 -15.80 2.93
N PRO A 40 5.14 -16.73 2.05
CA PRO A 40 4.65 -16.65 0.64
C PRO A 40 3.08 -16.56 0.55
N ASP A 41 2.37 -17.13 1.53
CA ASP A 41 0.98 -17.08 1.49
C ASP A 41 0.33 -15.69 1.70
N ASP A 42 1.03 -14.67 2.18
CA ASP A 42 0.52 -13.39 2.77
C ASP A 42 0.43 -12.28 1.67
N GLN A 43 1.02 -12.62 0.53
CA GLN A 43 1.47 -11.72 -0.53
C GLN A 43 0.39 -11.38 -1.54
N ILE A 44 -0.58 -10.71 -1.02
CA ILE A 44 -1.82 -10.27 -1.73
C ILE A 44 -2.41 -9.05 -0.90
N GLY A 45 -2.90 -8.02 -1.60
CA GLY A 45 -3.19 -6.72 -1.04
C GLY A 45 -3.48 -5.67 -2.18
N TYR A 46 -3.45 -4.39 -1.73
CA TYR A 46 -3.68 -3.24 -2.53
C TYR A 46 -2.84 -1.96 -2.15
N TYR A 47 -2.68 -1.08 -3.13
CA TYR A 47 -2.34 0.35 -2.92
C TYR A 47 -3.68 1.19 -2.89
N ARG A 48 -3.73 2.27 -2.12
CA ARG A 48 -4.85 3.31 -2.09
C ARG A 48 -4.34 4.75 -2.38
N ARG A 49 -4.99 5.58 -3.13
CA ARG A 49 -4.72 7.01 -3.15
C ARG A 49 -5.13 7.81 -1.92
N ALA A 50 -4.36 8.81 -1.53
CA ALA A 50 -4.60 9.71 -0.36
C ALA A 50 -4.60 11.20 -0.79
N THR A 51 -5.72 11.77 -1.30
CA THR A 51 -5.75 13.13 -2.05
C THR A 51 -5.76 14.36 -1.08
N ARG A 52 -6.05 14.17 0.22
CA ARG A 52 -6.08 15.23 1.26
C ARG A 52 -6.85 16.54 0.89
N ARG A 53 -7.97 16.35 0.13
CA ARG A 53 -8.88 17.38 -0.31
C ARG A 53 -10.05 17.70 0.61
N ILE A 54 -10.33 16.88 1.69
CA ILE A 54 -11.35 17.05 2.84
C ILE A 54 -12.83 17.00 2.44
N ARG A 55 -13.71 16.44 3.25
CA ARG A 55 -15.19 16.43 3.11
C ARG A 55 -15.90 17.02 4.39
N GLY A 56 -15.16 17.27 5.50
CA GLY A 56 -15.72 17.71 6.77
C GLY A 56 -14.67 18.24 7.74
N GLY A 57 -14.72 17.92 9.04
CA GLY A 57 -13.55 18.05 9.85
C GLY A 57 -12.45 16.99 9.64
N ASP A 58 -11.85 16.59 10.75
CA ASP A 58 -10.62 15.73 10.89
C ASP A 58 -9.35 16.12 10.09
N GLY A 59 -9.27 17.33 9.52
CA GLY A 59 -8.04 17.99 9.07
C GLY A 59 -8.32 19.18 8.13
N LYS A 60 -7.28 19.78 7.49
CA LYS A 60 -7.44 20.88 6.56
C LYS A 60 -6.64 20.63 5.25
N MET A 61 -7.05 21.19 4.12
CA MET A 61 -6.19 21.17 2.88
C MET A 61 -4.74 21.75 3.18
N LYS A 62 -3.71 21.36 2.40
CA LYS A 62 -2.25 21.74 2.53
C LYS A 62 -1.66 22.01 1.07
N ASP A 63 -2.51 21.99 0.05
CA ASP A 63 -2.15 22.29 -1.38
C ASP A 63 -0.94 21.54 -1.96
N LEU A 64 -0.68 20.29 -1.51
CA LEU A 64 0.38 19.39 -1.97
C LEU A 64 -0.25 18.30 -2.88
N SER A 65 0.53 17.70 -3.77
CA SER A 65 0.20 16.57 -4.74
C SER A 65 -0.31 15.34 -3.93
N PRO A 66 -1.29 14.53 -4.39
CA PRO A 66 -1.70 13.29 -3.77
C PRO A 66 -0.53 12.34 -3.35
N ARG A 67 -0.75 11.77 -2.14
CA ARG A 67 0.17 10.83 -1.54
C ARG A 67 -0.44 9.40 -1.76
N TRP A 68 0.22 8.31 -1.50
CA TRP A 68 -0.26 6.96 -1.79
C TRP A 68 0.42 5.98 -0.87
N TYR A 69 -0.32 4.96 -0.45
CA TYR A 69 0.00 3.92 0.57
C TYR A 69 -0.38 2.47 0.24
N PHE A 70 0.38 1.49 0.70
CA PHE A 70 0.11 0.07 0.49
C PHE A 70 -0.70 -0.44 1.70
N TYR A 71 -1.47 -1.51 1.54
CA TYR A 71 -2.22 -2.41 2.53
C TYR A 71 -2.32 -3.86 2.08
N TYR A 72 -2.15 -4.78 3.08
CA TYR A 72 -2.41 -6.24 2.81
C TYR A 72 -3.97 -6.62 2.72
N LEU A 73 -4.42 -7.73 2.11
CA LEU A 73 -5.80 -8.25 2.02
C LEU A 73 -6.53 -8.45 3.40
N GLY A 74 -7.74 -7.88 3.58
CA GLY A 74 -8.52 -7.97 4.82
C GLY A 74 -8.03 -6.93 5.88
N THR A 75 -7.26 -5.93 5.41
CA THR A 75 -6.51 -5.07 6.30
C THR A 75 -6.29 -3.65 5.70
N GLY A 76 -5.91 -2.67 6.55
CA GLY A 76 -5.98 -1.28 6.23
C GLY A 76 -7.47 -0.76 6.19
N PRO A 77 -7.65 0.43 5.54
CA PRO A 77 -8.95 1.17 5.65
C PRO A 77 -10.13 0.42 4.84
N GLU A 78 -9.85 -0.36 3.79
CA GLU A 78 -10.85 -1.03 2.98
C GLU A 78 -10.99 -2.55 3.31
N ALA A 79 -10.87 -2.88 4.64
CA ALA A 79 -10.61 -4.25 5.10
C ALA A 79 -11.73 -5.29 4.83
N GLY A 80 -12.98 -4.89 4.71
CA GLY A 80 -14.14 -5.73 4.32
C GLY A 80 -14.43 -6.01 2.79
N LEU A 81 -13.83 -5.29 1.88
CA LEU A 81 -13.75 -5.74 0.47
C LEU A 81 -13.15 -7.20 0.37
N PRO A 82 -13.64 -8.00 -0.60
CA PRO A 82 -12.80 -9.05 -1.06
C PRO A 82 -11.80 -8.60 -2.15
N TYR A 83 -10.86 -9.52 -2.42
CA TYR A 83 -9.79 -9.20 -3.36
C TYR A 83 -10.26 -8.78 -4.78
N GLY A 84 -9.67 -7.73 -5.36
CA GLY A 84 -10.07 -7.30 -6.74
C GLY A 84 -11.43 -6.48 -6.79
N ALA A 85 -12.14 -6.31 -5.65
CA ALA A 85 -13.39 -5.59 -5.68
C ALA A 85 -13.36 -4.14 -6.18
N ASN A 86 -14.56 -3.76 -6.68
CA ASN A 86 -14.78 -2.59 -7.48
C ASN A 86 -14.93 -1.30 -6.66
N LYS A 87 -13.85 -0.57 -6.61
CA LYS A 87 -13.84 0.79 -6.13
C LYS A 87 -12.58 1.50 -6.64
N ASP A 88 -12.80 2.68 -7.25
CA ASP A 88 -11.77 3.55 -7.88
C ASP A 88 -10.99 4.23 -6.84
N GLY A 89 -9.74 4.63 -7.20
CA GLY A 89 -8.69 5.07 -6.26
C GLY A 89 -7.99 3.93 -5.55
N ILE A 90 -8.24 2.66 -5.91
CA ILE A 90 -7.66 1.47 -5.34
C ILE A 90 -7.18 0.56 -6.45
N ILE A 91 -5.92 0.09 -6.26
CA ILE A 91 -5.14 -0.73 -7.19
C ILE A 91 -4.80 -2.00 -6.48
N TRP A 92 -5.22 -3.10 -7.04
CA TRP A 92 -5.15 -4.44 -6.40
C TRP A 92 -3.93 -5.22 -6.95
N VAL A 93 -3.25 -5.94 -6.07
CA VAL A 93 -2.11 -6.86 -6.47
C VAL A 93 -2.14 -8.26 -5.72
N ALA A 94 -1.46 -9.23 -6.36
CA ALA A 94 -1.27 -10.55 -5.80
C ALA A 94 0.03 -11.19 -6.28
N THR A 95 0.30 -12.38 -5.77
CA THR A 95 1.13 -13.42 -6.31
C THR A 95 0.28 -14.74 -6.42
N GLU A 96 0.71 -15.70 -7.30
CA GLU A 96 0.25 -17.14 -7.43
C GLU A 96 0.25 -17.90 -6.11
N GLY A 97 1.39 -17.67 -5.39
CA GLY A 97 1.77 -18.30 -4.10
C GLY A 97 0.89 -17.84 -2.85
N ALA A 98 0.15 -16.69 -2.98
CA ALA A 98 -0.79 -16.18 -1.99
C ALA A 98 -2.16 -16.92 -1.95
N LEU A 99 -2.58 -17.19 -0.66
CA LEU A 99 -3.90 -17.66 -0.39
C LEU A 99 -4.79 -16.42 -0.29
N ASN A 100 -6.04 -16.64 -0.61
CA ASN A 100 -7.09 -15.60 -0.59
C ASN A 100 -7.51 -15.20 0.85
N THR A 101 -6.84 -15.68 1.92
CA THR A 101 -7.08 -15.40 3.34
C THR A 101 -6.73 -13.98 3.88
N PRO A 102 -7.58 -13.42 4.77
CA PRO A 102 -7.31 -12.08 5.34
C PRO A 102 -6.10 -12.17 6.30
N LYS A 103 -5.19 -11.22 6.17
CA LYS A 103 -3.91 -11.15 6.93
C LYS A 103 -4.18 -10.63 8.36
N ASP A 104 -5.24 -11.05 9.07
CA ASP A 104 -5.60 -10.57 10.40
C ASP A 104 -4.41 -10.49 11.40
N HIS A 105 -3.34 -11.29 11.35
CA HIS A 105 -2.21 -10.99 12.24
C HIS A 105 -1.59 -9.57 11.98
N ILE A 106 -1.35 -9.27 10.74
CA ILE A 106 -0.67 -8.11 10.27
C ILE A 106 -1.65 -6.95 10.24
N GLY A 107 -2.97 -7.26 10.28
CA GLY A 107 -4.17 -6.36 10.26
C GLY A 107 -4.53 -5.80 11.67
N THR A 108 -4.11 -6.50 12.76
CA THR A 108 -4.52 -6.16 14.14
C THR A 108 -3.37 -5.98 15.17
N ARG A 109 -2.18 -6.41 14.68
CA ARG A 109 -0.89 -6.07 15.32
C ARG A 109 -0.52 -4.61 14.84
N ASN A 110 0.29 -3.83 15.60
CA ASN A 110 0.53 -2.42 15.39
C ASN A 110 1.78 -2.04 14.48
N PRO A 111 1.68 -1.25 13.36
CA PRO A 111 2.83 -0.70 12.63
C PRO A 111 3.79 0.07 13.46
N ALA A 112 3.33 0.71 14.55
CA ALA A 112 4.26 1.52 15.31
C ALA A 112 5.40 0.77 15.97
N ASN A 113 5.42 -0.55 16.16
CA ASN A 113 6.47 -1.15 17.01
C ASN A 113 7.92 -1.07 16.41
N ASN A 114 7.97 -0.82 15.08
CA ASN A 114 9.22 -0.45 14.40
C ASN A 114 8.99 0.75 13.42
N ALA A 115 10.10 1.19 12.76
CA ALA A 115 9.95 2.11 11.72
C ALA A 115 9.46 1.36 10.43
N ALA A 116 8.71 2.07 9.54
CA ALA A 116 8.28 1.52 8.28
C ALA A 116 9.32 0.77 7.41
N ILE A 117 8.88 -0.23 6.71
CA ILE A 117 9.62 -0.95 5.69
C ILE A 117 9.63 0.02 4.48
N VAL A 118 10.89 0.36 4.13
CA VAL A 118 11.17 1.24 2.96
C VAL A 118 10.76 0.42 1.70
N LEU A 119 9.71 0.78 0.93
CA LEU A 119 8.92 -0.10 0.05
C LEU A 119 9.77 -0.24 -1.23
N GLN A 120 9.83 -1.47 -1.74
CA GLN A 120 10.67 -2.01 -2.89
C GLN A 120 9.94 -3.33 -3.46
N LEU A 121 10.06 -3.52 -4.78
CA LEU A 121 9.41 -4.66 -5.50
C LEU A 121 10.34 -5.85 -5.60
N PRO A 122 9.84 -7.14 -5.71
CA PRO A 122 10.68 -8.34 -5.90
C PRO A 122 11.31 -8.29 -7.32
N GLN A 123 12.22 -9.21 -7.61
CA GLN A 123 12.93 -9.38 -8.90
C GLN A 123 13.86 -8.15 -9.26
N GLY A 124 14.11 -7.24 -8.29
CA GLY A 124 14.64 -5.85 -8.33
C GLY A 124 13.91 -4.73 -9.12
N THR A 125 12.67 -4.94 -9.42
CA THR A 125 11.91 -4.11 -10.36
C THR A 125 11.81 -2.65 -9.95
N THR A 126 11.98 -1.75 -10.93
CA THR A 126 11.81 -0.32 -10.74
C THR A 126 10.30 0.17 -10.70
N LEU A 127 10.04 1.16 -9.79
CA LEU A 127 8.83 1.91 -9.66
C LEU A 127 8.63 2.98 -10.80
N PRO A 128 7.41 3.44 -11.04
CA PRO A 128 7.21 4.33 -12.23
C PRO A 128 7.78 5.68 -12.02
N LYS A 129 8.42 6.08 -13.14
CA LYS A 129 8.88 7.44 -13.46
C LYS A 129 7.74 8.47 -13.30
N GLY A 130 6.44 8.17 -13.31
CA GLY A 130 5.39 9.12 -12.97
C GLY A 130 5.06 9.20 -11.48
N PHE A 131 5.97 8.69 -10.59
CA PHE A 131 5.91 8.79 -9.14
C PHE A 131 7.27 9.21 -8.58
N TYR A 132 7.15 9.80 -7.41
CA TYR A 132 8.21 9.95 -6.44
C TYR A 132 8.02 8.87 -5.38
N ALA A 133 9.13 8.33 -4.89
CA ALA A 133 9.24 7.24 -3.92
C ALA A 133 10.56 7.26 -3.15
N GLU A 134 10.80 6.28 -2.30
CA GLU A 134 12.11 6.21 -1.51
C GLU A 134 13.28 5.46 -2.22
N GLY A 135 13.05 4.80 -3.38
CA GLY A 135 13.94 4.26 -4.34
C GLY A 135 14.26 5.15 -5.58
N SER A 136 14.97 4.65 -6.63
CA SER A 136 15.47 5.29 -7.83
C SER A 136 16.41 6.57 -7.57
N ARG A 137 16.89 6.76 -6.37
CA ARG A 137 17.78 7.83 -5.86
C ARG A 137 19.27 7.81 -6.32
N GLY A 138 19.81 6.61 -6.48
CA GLY A 138 21.16 6.43 -6.86
C GLY A 138 22.09 6.89 -5.72
N GLY A 139 23.25 7.49 -5.93
CA GLY A 139 24.10 7.89 -4.82
C GLY A 139 24.64 6.76 -3.91
N SER A 140 24.75 7.05 -2.59
CA SER A 140 24.69 8.33 -1.87
C SER A 140 25.77 9.27 -2.40
N GLY A 4 -8.40 -12.00 17.78
CA GLY A 4 -7.20 -11.19 18.05
C GLY A 4 -7.60 -9.88 18.64
N LEU A 5 -6.71 -8.91 18.58
CA LEU A 5 -7.05 -7.50 18.85
C LEU A 5 -7.95 -6.90 17.71
N PRO A 6 -8.48 -5.71 17.90
CA PRO A 6 -9.08 -4.96 16.80
C PRO A 6 -8.09 -4.40 15.72
N ASN A 7 -8.62 -4.07 14.54
CA ASN A 7 -7.88 -3.69 13.33
C ASN A 7 -7.03 -2.40 13.52
N ASN A 8 -5.77 -2.45 13.23
CA ASN A 8 -4.81 -1.39 13.46
C ASN A 8 -4.81 -0.23 12.41
N THR A 9 -5.56 -0.39 11.30
CA THR A 9 -5.73 0.50 10.10
C THR A 9 -4.47 0.93 9.27
N ALA A 10 -3.37 1.21 9.96
CA ALA A 10 -2.23 1.98 9.50
C ALA A 10 -1.38 1.17 8.54
N SER A 11 -0.49 1.91 7.83
CA SER A 11 0.54 1.24 6.93
C SER A 11 1.85 0.90 7.60
N TRP A 12 2.40 -0.25 7.28
CA TRP A 12 3.71 -0.78 7.72
C TRP A 12 4.88 -0.15 6.90
N PHE A 13 4.58 0.66 5.87
CA PHE A 13 5.56 1.09 4.82
C PHE A 13 5.51 2.59 4.51
N THR A 14 6.64 3.10 3.98
CA THR A 14 6.65 4.43 3.33
C THR A 14 5.57 4.40 2.17
N ALA A 15 5.26 5.67 1.79
CA ALA A 15 4.36 6.00 0.69
C ALA A 15 5.00 6.06 -0.81
N LEU A 16 4.23 6.08 -1.85
CA LEU A 16 4.59 6.87 -3.06
C LEU A 16 3.84 8.26 -2.92
N THR A 17 4.17 9.26 -3.77
CA THR A 17 3.35 10.42 -4.11
C THR A 17 3.19 10.57 -5.67
N GLN A 18 1.95 10.78 -6.18
CA GLN A 18 1.69 11.09 -7.59
C GLN A 18 2.57 12.24 -8.01
N HIS A 19 3.27 12.02 -9.13
CA HIS A 19 4.08 13.01 -9.85
C HIS A 19 3.76 13.20 -11.32
N GLY A 20 3.17 12.19 -11.97
CA GLY A 20 2.32 12.34 -13.17
C GLY A 20 0.78 12.56 -13.00
N LYS A 21 -0.07 11.86 -13.73
CA LYS A 21 -1.54 11.93 -13.53
C LYS A 21 -2.27 10.54 -13.47
N GLU A 22 -1.72 9.57 -14.15
CA GLU A 22 -2.29 8.21 -14.22
C GLU A 22 -2.15 7.47 -12.89
N ASP A 23 -3.16 6.71 -12.41
CA ASP A 23 -3.17 5.99 -11.17
C ASP A 23 -2.18 4.90 -11.14
N LEU A 24 -2.03 4.33 -9.96
CA LEU A 24 -0.92 3.47 -9.66
C LEU A 24 -1.05 2.06 -10.28
N LYS A 25 -1.58 1.99 -11.48
CA LYS A 25 -1.93 0.78 -12.24
C LYS A 25 -0.65 -0.09 -12.56
N PHE A 26 -0.45 -1.25 -11.95
CA PHE A 26 0.74 -2.13 -12.17
C PHE A 26 0.53 -3.15 -13.31
N PRO A 27 1.60 -3.72 -13.92
CA PRO A 27 1.42 -4.74 -14.95
C PRO A 27 0.96 -6.03 -14.23
N ARG A 28 -0.07 -6.71 -14.73
CA ARG A 28 -0.68 -8.01 -14.30
C ARG A 28 -1.26 -8.00 -12.85
N GLY A 29 -1.33 -6.89 -12.18
CA GLY A 29 -1.47 -6.80 -10.70
C GLY A 29 -0.29 -7.41 -9.95
N GLN A 30 0.87 -7.28 -10.58
CA GLN A 30 2.16 -7.67 -10.01
C GLN A 30 2.85 -6.41 -9.33
N GLY A 31 3.12 -6.40 -8.06
CA GLY A 31 3.61 -5.26 -7.40
C GLY A 31 3.39 -5.27 -5.84
N VAL A 32 3.33 -6.39 -5.18
CA VAL A 32 3.40 -6.54 -3.72
C VAL A 32 4.79 -6.29 -3.10
N PRO A 33 5.09 -5.48 -2.09
CA PRO A 33 6.41 -5.22 -1.56
C PRO A 33 6.99 -6.37 -0.72
N ILE A 34 8.27 -6.21 -0.38
CA ILE A 34 9.07 -7.04 0.49
C ILE A 34 8.76 -6.85 1.98
N ASN A 35 8.65 -7.89 2.74
CA ASN A 35 8.52 -7.75 4.21
C ASN A 35 8.69 -9.14 4.90
N THR A 36 9.64 -9.29 5.80
CA THR A 36 10.03 -10.60 6.35
C THR A 36 9.02 -11.12 7.38
N ASN A 37 8.22 -10.23 8.04
CA ASN A 37 7.04 -10.57 8.84
C ASN A 37 5.83 -10.93 7.96
N SER A 38 5.95 -11.02 6.63
CA SER A 38 4.95 -11.81 5.85
C SER A 38 5.56 -13.05 5.22
N SER A 39 4.76 -13.99 4.75
CA SER A 39 5.10 -15.30 4.10
C SER A 39 4.56 -15.45 2.67
N PRO A 40 4.88 -16.55 1.93
CA PRO A 40 4.36 -16.75 0.54
C PRO A 40 2.78 -16.83 0.46
N ASP A 41 2.02 -17.50 1.36
CA ASP A 41 0.53 -17.45 1.48
C ASP A 41 -0.01 -16.00 1.57
N ASP A 42 0.78 -14.97 1.99
CA ASP A 42 0.27 -13.67 2.45
C ASP A 42 0.43 -12.62 1.30
N GLN A 43 1.32 -12.86 0.31
CA GLN A 43 1.60 -11.90 -0.76
C GLN A 43 0.41 -11.55 -1.79
N ILE A 44 -0.54 -10.79 -1.31
CA ILE A 44 -1.79 -10.30 -1.94
C ILE A 44 -2.18 -9.03 -1.12
N GLY A 45 -2.61 -7.97 -1.81
CA GLY A 45 -2.91 -6.67 -1.19
C GLY A 45 -3.44 -5.63 -2.27
N TYR A 46 -3.43 -4.37 -1.84
CA TYR A 46 -3.73 -3.14 -2.63
C TYR A 46 -3.02 -1.83 -2.17
N TYR A 47 -2.86 -0.99 -3.17
CA TYR A 47 -2.54 0.40 -2.92
C TYR A 47 -3.89 1.27 -2.85
N ARG A 48 -3.91 2.35 -2.02
CA ARG A 48 -5.05 3.31 -1.95
C ARG A 48 -4.37 4.68 -2.19
N ARG A 49 -4.97 5.56 -3.02
CA ARG A 49 -4.65 6.99 -3.00
C ARG A 49 -4.88 7.66 -1.61
N ALA A 50 -4.30 8.84 -1.40
CA ALA A 50 -4.52 9.73 -0.25
C ALA A 50 -4.36 11.20 -0.64
N THR A 51 -5.42 11.71 -1.29
CA THR A 51 -5.50 12.92 -2.13
C THR A 51 -5.43 14.19 -1.30
N ARG A 52 -6.07 14.22 -0.10
CA ARG A 52 -5.97 15.29 0.91
C ARG A 52 -6.55 16.61 0.30
N ARG A 53 -7.84 16.46 -0.14
CA ARG A 53 -8.69 17.55 -0.71
C ARG A 53 -9.95 17.74 0.25
N ILE A 54 -10.15 17.05 1.41
CA ILE A 54 -11.09 17.24 2.56
C ILE A 54 -12.57 17.27 2.15
N ARG A 55 -13.44 16.74 3.01
CA ARG A 55 -14.94 16.91 2.91
C ARG A 55 -15.51 18.11 3.71
N GLY A 56 -14.78 18.55 4.72
CA GLY A 56 -15.12 19.78 5.47
C GLY A 56 -14.72 19.61 6.94
N GLY A 57 -13.92 20.49 7.50
CA GLY A 57 -13.35 20.29 8.80
C GLY A 57 -12.27 19.18 8.76
N ASP A 58 -11.94 18.63 9.94
CA ASP A 58 -11.05 17.46 10.06
C ASP A 58 -9.66 17.44 9.32
N GLY A 59 -9.10 18.59 8.83
CA GLY A 59 -7.80 18.68 8.10
C GLY A 59 -7.48 20.04 7.53
N LYS A 60 -6.23 20.10 7.00
CA LYS A 60 -5.54 21.29 6.38
C LYS A 60 -4.97 20.85 5.03
N MET A 61 -4.97 21.75 4.04
CA MET A 61 -4.66 21.60 2.58
C MET A 61 -3.32 22.33 2.20
N LYS A 62 -2.73 21.89 1.09
CA LYS A 62 -1.37 22.20 0.74
C LYS A 62 -1.25 22.66 -0.76
N ASP A 63 -2.24 22.49 -1.65
CA ASP A 63 -2.13 22.58 -3.16
C ASP A 63 -1.24 21.50 -3.85
N LEU A 64 -0.74 20.45 -3.10
CA LEU A 64 0.27 19.46 -3.60
C LEU A 64 -0.50 18.18 -3.98
N SER A 65 0.20 17.25 -4.71
CA SER A 65 -0.40 16.06 -5.31
C SER A 65 -0.78 14.97 -4.31
N PRO A 66 -1.69 14.00 -4.60
CA PRO A 66 -2.09 12.83 -3.86
C PRO A 66 -0.80 12.07 -3.42
N ARG A 67 -0.83 11.65 -2.11
CA ARG A 67 0.02 10.48 -1.59
C ARG A 67 -0.59 9.09 -1.94
N TRP A 68 0.13 7.93 -1.96
CA TRP A 68 -0.41 6.51 -2.18
C TRP A 68 0.19 5.50 -1.22
N TYR A 69 -0.70 4.75 -0.53
CA TYR A 69 -0.35 3.80 0.55
C TYR A 69 -0.69 2.31 0.21
N PHE A 70 0.23 1.40 0.60
CA PHE A 70 0.01 -0.02 0.57
C PHE A 70 -0.54 -0.75 1.81
N TYR A 71 -1.25 -1.87 1.56
CA TYR A 71 -1.88 -2.75 2.60
C TYR A 71 -2.05 -4.12 2.02
N TYR A 72 -2.00 -5.09 2.96
CA TYR A 72 -2.32 -6.56 2.74
C TYR A 72 -3.81 -6.82 2.52
N LEU A 73 -4.27 -7.85 1.76
CA LEU A 73 -5.65 -8.27 1.73
C LEU A 73 -6.39 -8.37 3.08
N GLY A 74 -7.57 -7.75 3.23
CA GLY A 74 -8.36 -7.75 4.47
C GLY A 74 -7.80 -6.96 5.60
N THR A 75 -6.90 -6.03 5.37
CA THR A 75 -6.39 -5.04 6.36
C THR A 75 -6.56 -3.56 5.86
N GLY A 76 -5.90 -2.61 6.46
CA GLY A 76 -5.86 -1.21 6.09
C GLY A 76 -7.18 -0.43 6.36
N PRO A 77 -7.38 0.68 5.65
CA PRO A 77 -8.71 1.36 5.65
C PRO A 77 -9.91 0.60 5.02
N GLU A 78 -9.62 -0.36 4.13
CA GLU A 78 -10.64 -1.04 3.25
C GLU A 78 -10.76 -2.51 3.59
N ALA A 79 -10.56 -2.81 4.92
CA ALA A 79 -10.35 -4.16 5.37
C ALA A 79 -11.65 -5.05 5.18
N GLY A 80 -12.79 -4.42 4.87
CA GLY A 80 -14.05 -5.13 4.63
C GLY A 80 -13.96 -5.73 3.24
N LEU A 81 -13.37 -5.14 2.22
CA LEU A 81 -13.40 -5.67 0.86
C LEU A 81 -12.73 -7.07 0.69
N PRO A 82 -13.36 -8.01 -0.06
CA PRO A 82 -12.58 -9.05 -0.74
C PRO A 82 -11.69 -8.69 -1.96
N TYR A 83 -10.70 -9.55 -2.37
CA TYR A 83 -9.79 -9.19 -3.42
C TYR A 83 -10.46 -8.93 -4.81
N GLY A 84 -10.04 -7.85 -5.46
CA GLY A 84 -10.36 -7.47 -6.88
C GLY A 84 -11.60 -6.53 -6.93
N ALA A 85 -12.25 -6.30 -5.72
CA ALA A 85 -13.49 -5.52 -5.69
C ALA A 85 -13.35 -4.14 -6.28
N ASN A 86 -14.31 -3.56 -7.05
CA ASN A 86 -13.91 -2.63 -8.15
C ASN A 86 -14.18 -1.13 -7.76
N LYS A 87 -13.84 -0.84 -6.51
CA LYS A 87 -13.95 0.52 -5.86
C LYS A 87 -12.85 1.50 -6.34
N ASP A 88 -13.25 2.60 -7.01
CA ASP A 88 -12.27 3.60 -7.41
C ASP A 88 -11.38 4.12 -6.24
N GLY A 89 -10.16 4.55 -6.67
CA GLY A 89 -9.13 4.95 -5.79
C GLY A 89 -8.23 3.80 -5.18
N ILE A 90 -8.62 2.54 -5.34
CA ILE A 90 -7.85 1.32 -5.03
C ILE A 90 -7.25 0.72 -6.32
N ILE A 91 -6.05 0.16 -6.24
CA ILE A 91 -5.42 -0.78 -7.22
C ILE A 91 -4.94 -2.07 -6.50
N TRP A 92 -5.56 -3.17 -6.75
CA TRP A 92 -5.20 -4.49 -6.31
C TRP A 92 -3.89 -5.09 -6.85
N VAL A 93 -3.25 -5.99 -6.11
CA VAL A 93 -1.98 -6.63 -6.38
C VAL A 93 -1.87 -8.10 -5.78
N ALA A 94 -1.32 -9.08 -6.47
CA ALA A 94 -1.41 -10.50 -6.11
C ALA A 94 -0.20 -11.31 -6.58
N THR A 95 -0.19 -12.63 -6.29
CA THR A 95 0.89 -13.60 -6.72
C THR A 95 0.26 -15.00 -6.82
N GLU A 96 0.81 -15.87 -7.70
CA GLU A 96 0.27 -17.21 -8.14
C GLU A 96 0.10 -18.22 -6.93
N GLY A 97 0.91 -18.01 -5.89
CA GLY A 97 0.93 -18.76 -4.63
C GLY A 97 0.08 -18.23 -3.50
N ALA A 98 -0.41 -16.91 -3.50
CA ALA A 98 -1.08 -16.32 -2.33
C ALA A 98 -2.52 -16.78 -2.31
N LEU A 99 -3.00 -16.86 -1.11
CA LEU A 99 -4.32 -17.28 -0.81
C LEU A 99 -5.27 -16.03 -0.71
N ASN A 100 -6.57 -16.11 -1.10
CA ASN A 100 -7.48 -15.01 -1.02
C ASN A 100 -8.03 -14.71 0.51
N THR A 101 -7.47 -15.38 1.51
CA THR A 101 -7.83 -15.27 2.95
C THR A 101 -7.38 -13.91 3.52
N PRO A 102 -8.09 -13.28 4.46
CA PRO A 102 -7.57 -12.24 5.34
C PRO A 102 -6.23 -12.63 6.03
N LYS A 103 -5.29 -11.67 6.07
CA LYS A 103 -3.97 -11.70 6.72
C LYS A 103 -4.05 -10.95 8.02
N ASP A 104 -4.82 -11.54 8.92
CA ASP A 104 -5.40 -10.91 10.11
C ASP A 104 -4.36 -10.61 11.24
N HIS A 105 -3.15 -11.14 11.19
CA HIS A 105 -2.09 -10.88 12.17
C HIS A 105 -1.31 -9.57 11.93
N ILE A 106 -0.85 -9.31 10.70
CA ILE A 106 -0.54 -7.95 10.17
C ILE A 106 -1.71 -6.90 10.39
N GLY A 107 -2.91 -7.43 10.34
CA GLY A 107 -4.17 -6.75 10.56
C GLY A 107 -4.40 -6.22 12.00
N THR A 108 -3.63 -6.68 13.01
CA THR A 108 -3.86 -6.65 14.49
C THR A 108 -2.57 -6.44 15.47
N ARG A 109 -1.37 -6.89 15.04
CA ARG A 109 -0.07 -6.57 15.60
C ARG A 109 0.22 -5.09 15.47
N ASN A 110 0.99 -4.57 16.44
CA ASN A 110 1.19 -3.09 16.56
C ASN A 110 2.14 -2.59 15.48
N PRO A 111 1.61 -1.81 14.51
CA PRO A 111 2.54 -1.22 13.47
C PRO A 111 3.50 -0.23 14.15
N ALA A 112 3.06 0.53 15.15
CA ALA A 112 3.84 1.64 15.76
C ALA A 112 5.02 1.18 16.63
N ASN A 113 5.30 -0.10 16.77
CA ASN A 113 6.31 -0.63 17.64
C ASN A 113 7.79 -0.29 17.17
N ASN A 114 7.98 0.00 15.88
CA ASN A 114 9.27 0.26 15.17
C ASN A 114 9.08 1.46 14.18
N ALA A 115 10.19 1.79 13.54
CA ALA A 115 10.08 2.61 12.32
C ALA A 115 9.42 1.90 11.12
N ALA A 116 8.83 2.58 10.15
CA ALA A 116 8.28 1.99 8.95
C ALA A 116 9.33 1.22 8.12
N ILE A 117 8.96 0.14 7.45
CA ILE A 117 9.73 -0.41 6.33
C ILE A 117 9.85 0.61 5.18
N VAL A 118 11.04 0.60 4.51
CA VAL A 118 11.11 1.20 3.24
C VAL A 118 10.41 0.26 2.23
N LEU A 119 9.45 0.82 1.50
CA LEU A 119 8.80 0.19 0.34
C LEU A 119 9.88 -0.15 -0.68
N GLN A 120 9.99 -1.46 -0.95
CA GLN A 120 10.73 -1.97 -2.10
C GLN A 120 10.07 -3.11 -2.86
N LEU A 121 10.11 -3.23 -4.19
CA LEU A 121 9.60 -4.35 -4.96
C LEU A 121 10.60 -5.42 -5.17
N PRO A 122 10.21 -6.67 -5.38
CA PRO A 122 10.96 -7.83 -5.88
C PRO A 122 11.68 -7.70 -7.25
N GLN A 123 12.41 -8.70 -7.71
CA GLN A 123 13.07 -8.93 -9.00
C GLN A 123 13.92 -7.72 -9.53
N GLY A 124 14.53 -6.91 -8.67
CA GLY A 124 15.12 -5.59 -8.93
C GLY A 124 14.17 -4.43 -9.33
N THR A 125 12.87 -4.64 -9.18
CA THR A 125 11.95 -3.81 -9.88
C THR A 125 11.91 -2.31 -9.54
N THR A 126 12.20 -1.44 -10.59
CA THR A 126 12.04 0.01 -10.47
C THR A 126 10.56 0.32 -10.24
N LEU A 127 10.19 1.16 -9.25
CA LEU A 127 8.80 1.61 -8.92
C LEU A 127 8.36 2.49 -10.10
N PRO A 128 7.02 2.64 -10.32
CA PRO A 128 6.47 3.31 -11.51
C PRO A 128 6.97 4.78 -11.70
N LYS A 129 7.41 5.14 -12.89
CA LYS A 129 8.27 6.32 -13.20
C LYS A 129 7.54 7.62 -12.80
N GLY A 130 6.18 7.75 -13.02
CA GLY A 130 5.45 9.02 -12.81
C GLY A 130 4.93 9.15 -11.37
N PHE A 131 5.79 8.74 -10.41
CA PHE A 131 5.63 8.88 -8.97
C PHE A 131 6.93 9.27 -8.23
N TYR A 132 6.82 10.09 -7.18
CA TYR A 132 7.84 10.14 -6.17
C TYR A 132 7.82 8.85 -5.29
N ALA A 133 8.99 8.32 -4.79
CA ALA A 133 9.13 7.19 -3.86
C ALA A 133 10.53 7.20 -3.18
N GLU A 134 10.74 6.34 -2.17
CA GLU A 134 12.03 6.12 -1.56
C GLU A 134 12.95 5.15 -2.39
N GLY A 135 13.27 5.49 -3.65
CA GLY A 135 13.89 4.67 -4.66
C GLY A 135 14.53 5.59 -5.78
N SER A 136 15.23 5.01 -6.77
CA SER A 136 15.87 5.69 -7.96
C SER A 136 16.60 7.02 -7.60
N ARG A 137 17.24 7.14 -6.43
CA ARG A 137 17.87 8.31 -5.89
C ARG A 137 19.41 8.37 -6.31
N GLY A 138 19.90 7.32 -7.02
CA GLY A 138 21.26 7.29 -7.57
C GLY A 138 22.42 7.14 -6.57
N GLY A 139 23.66 7.58 -6.99
CA GLY A 139 24.89 7.54 -6.16
C GLY A 139 26.24 7.66 -6.87
N SER A 140 27.41 7.38 -6.22
CA SER A 140 27.63 6.99 -4.82
C SER A 140 27.79 8.18 -3.81
#